data_4E1L
#
_entry.id   4E1L
#
_cell.length_a   103.32
_cell.length_b   78.92
_cell.length_c   127.03
_cell.angle_alpha   90.0
_cell.angle_beta   112.73
_cell.angle_gamma   90.0
#
_symmetry.space_group_name_H-M   'P 1 21 1'
#
loop_
_entity.id
_entity.type
_entity.pdbx_description
1 polymer 'Acetoacetyl-CoA thiolase 2'
2 non-polymer 'IODIDE ION'
3 water water
#
_entity_poly.entity_id   1
_entity_poly.type   'polypeptide(L)'
_entity_poly.pdbx_seq_one_letter_code
;SNAMKDVVIVSAVRTPIGSFGGVFKNTSAVQLGTIAVKEAISRVGLNLSEIDEVIIGNVLQTGLGQNVARQIAINAGIPN
SVPSYTVNKLCGSGLKSVQLAAQSITSGENDVVIAGGTENMSQAPYIVPTARFGSKMGNITMVDSMLTDGLIDAFNQYHM
GITAENIATKFEFTREMQDKLALESQNKAENAIKNNRFKEEIVPVDVLIRRGKIETIDKDEYPKLGMTFEGLSKLKPAFK
KDGTVTAGNASGINDGAAMLILMSQQKADELGIRPLAKIKSYASAGVEPEVMGTGPIPATRKALKKAGLSINDIDLIEAN
EAFAAQALAVKNELQIDSSKLNVNGGAIALGHPIGASGARILVTLIYEMQKRKVETGLATLCIGGGQGISMVVSR
;
_entity_poly.pdbx_strand_id   A,B,C,D
#
loop_
_chem_comp.id
_chem_comp.type
_chem_comp.name
_chem_comp.formula
IOD non-polymer 'IODIDE ION' 'I -1'
#
# COMPACT_ATOMS: atom_id res chain seq x y z
N ASN A 2 34.83 -12.58 -32.13
CA ASN A 2 33.62 -11.76 -32.14
C ASN A 2 33.89 -10.37 -31.59
N ALA A 3 33.48 -9.35 -32.34
CA ALA A 3 33.80 -7.96 -32.00
C ALA A 3 32.83 -7.33 -31.01
N MET A 4 33.33 -6.40 -30.20
CA MET A 4 32.48 -5.62 -29.29
C MET A 4 31.87 -4.43 -30.01
N LYS A 5 30.57 -4.25 -29.80
CA LYS A 5 29.83 -3.21 -30.50
C LYS A 5 29.91 -1.84 -29.81
N ASP A 6 29.78 -0.79 -30.60
CA ASP A 6 29.68 0.56 -30.08
C ASP A 6 28.21 0.86 -29.82
N VAL A 7 27.90 1.47 -28.68
CA VAL A 7 26.52 1.78 -28.36
C VAL A 7 26.28 3.28 -28.55
N VAL A 8 25.23 3.60 -29.28
CA VAL A 8 24.88 4.99 -29.49
C VAL A 8 23.49 5.29 -28.95
N ILE A 9 23.28 6.57 -28.61
CA ILE A 9 21.98 7.07 -28.20
C ILE A 9 21.40 7.83 -29.38
N VAL A 10 20.23 7.39 -29.84
CA VAL A 10 19.61 7.95 -31.03
C VAL A 10 18.37 8.78 -30.73
N SER A 11 17.88 8.74 -29.50
CA SER A 11 16.71 9.52 -29.13
C SER A 11 16.75 9.74 -27.62
N ALA A 12 16.24 10.89 -27.17
CA ALA A 12 16.34 11.26 -25.75
C ALA A 12 15.34 12.38 -25.44
N VAL A 13 14.52 12.19 -24.42
CA VAL A 13 13.47 13.16 -24.09
C VAL A 13 13.18 13.12 -22.60
N ARG A 14 12.69 14.21 -22.04
CA ARG A 14 12.20 14.17 -20.66
C ARG A 14 10.90 14.94 -20.56
N THR A 15 10.08 14.60 -19.57
CA THR A 15 8.91 15.41 -19.27
C THR A 15 9.44 16.63 -18.55
N PRO A 16 8.61 17.68 -18.41
CA PRO A 16 8.98 18.68 -17.40
C PRO A 16 9.08 18.02 -16.03
N ILE A 17 9.75 18.66 -15.08
CA ILE A 17 9.77 18.14 -13.72
C ILE A 17 8.74 18.88 -12.84
N GLY A 18 7.84 18.12 -12.23
CA GLY A 18 6.78 18.67 -11.40
C GLY A 18 7.15 18.78 -9.93
N SER A 19 6.56 19.76 -9.24
CA SER A 19 6.78 19.92 -7.80
C SER A 19 5.92 18.95 -7.01
N PHE A 20 6.25 18.75 -5.74
CA PHE A 20 5.53 17.81 -4.88
C PHE A 20 4.10 18.30 -4.69
N GLY A 21 3.13 17.44 -5.00
CA GLY A 21 1.73 17.83 -4.99
C GLY A 21 1.43 18.93 -5.99
N GLY A 22 2.24 19.02 -7.05
CA GLY A 22 2.06 20.05 -8.05
C GLY A 22 1.37 19.57 -9.33
N VAL A 23 1.88 20.01 -10.46
CA VAL A 23 1.20 19.82 -11.75
C VAL A 23 0.93 18.35 -12.10
N PHE A 24 1.79 17.44 -11.65
CA PHE A 24 1.65 16.03 -12.00
C PHE A 24 1.09 15.19 -10.84
N LYS A 25 0.40 15.83 -9.89
CA LYS A 25 -0.18 15.08 -8.77
C LYS A 25 -1.14 14.00 -9.27
N ASN A 26 -1.74 14.22 -10.43
CA ASN A 26 -2.70 13.25 -10.99
C ASN A 26 -2.18 12.52 -12.22
N THR A 27 -0.88 12.59 -12.48
CA THR A 27 -0.30 11.96 -13.64
C THR A 27 0.73 10.94 -13.16
N SER A 28 0.34 9.67 -13.16
CA SER A 28 1.12 8.62 -12.52
C SER A 28 2.52 8.45 -13.12
N ALA A 29 3.37 7.72 -12.42
CA ALA A 29 4.71 7.39 -12.89
C ALA A 29 4.62 6.58 -14.17
N VAL A 30 3.63 5.70 -14.27
CA VAL A 30 3.39 4.98 -15.52
C VAL A 30 2.98 5.89 -16.67
N GLN A 31 2.10 6.85 -16.41
CA GLN A 31 1.68 7.77 -17.46
C GLN A 31 2.84 8.64 -17.95
N LEU A 32 3.60 9.17 -17.01
CA LEU A 32 4.75 10.03 -17.33
C LEU A 32 5.77 9.26 -18.17
N GLY A 33 6.02 8.02 -17.77
CA GLY A 33 6.94 7.16 -18.48
C GLY A 33 6.43 6.80 -19.87
N THR A 34 5.15 6.50 -19.97
CA THR A 34 4.53 6.17 -21.26
C THR A 34 4.64 7.36 -22.23
N ILE A 35 4.34 8.56 -21.76
CA ILE A 35 4.47 9.75 -22.60
C ILE A 35 5.91 9.92 -23.11
N ALA A 36 6.88 9.78 -22.23
CA ALA A 36 8.27 9.94 -22.65
C ALA A 36 8.72 8.81 -23.60
N VAL A 37 8.29 7.58 -23.33
CA VAL A 37 8.65 6.46 -24.21
C VAL A 37 8.07 6.63 -25.62
N LYS A 38 6.76 6.90 -25.71
CA LYS A 38 6.13 7.11 -27.03
C LYS A 38 6.78 8.26 -27.82
N GLU A 39 7.13 9.35 -27.13
CA GLU A 39 7.78 10.48 -27.81
C GLU A 39 9.20 10.15 -28.31
N ALA A 40 9.95 9.42 -27.50
CA ALA A 40 11.29 8.98 -27.87
C ALA A 40 11.23 8.17 -29.16
N ILE A 41 10.29 7.23 -29.18
CA ILE A 41 10.08 6.39 -30.35
C ILE A 41 9.63 7.20 -31.56
N SER A 42 8.60 8.02 -31.36
CA SER A 42 8.04 8.83 -32.45
C SER A 42 9.03 9.78 -33.13
N ARG A 43 9.89 10.40 -32.33
CA ARG A 43 10.82 11.39 -32.88
C ARG A 43 11.78 10.81 -33.91
N VAL A 44 12.05 9.52 -33.82
CA VAL A 44 12.98 8.91 -34.76
C VAL A 44 12.25 7.93 -35.65
N GLY A 45 10.92 7.98 -35.63
CA GLY A 45 10.08 7.13 -36.46
C GLY A 45 10.39 5.64 -36.35
N LEU A 46 10.65 5.18 -35.13
CA LEU A 46 11.10 3.81 -34.92
C LEU A 46 9.92 2.83 -34.98
N ASN A 47 10.07 1.79 -35.77
CA ASN A 47 9.09 0.71 -35.79
C ASN A 47 9.13 -0.07 -34.46
N LEU A 48 7.96 -0.26 -33.86
CA LEU A 48 7.85 -0.98 -32.58
C LEU A 48 8.44 -2.39 -32.63
N SER A 49 8.50 -2.98 -33.83
CA SER A 49 8.97 -4.34 -34.00
C SER A 49 10.49 -4.46 -33.86
N GLU A 50 11.17 -3.31 -33.87
CA GLU A 50 12.63 -3.27 -33.72
C GLU A 50 13.13 -3.25 -32.28
N ILE A 51 12.24 -2.97 -31.33
CA ILE A 51 12.64 -2.85 -29.92
C ILE A 51 12.88 -4.22 -29.30
N ASP A 52 14.06 -4.42 -28.73
CA ASP A 52 14.45 -5.71 -28.15
C ASP A 52 14.22 -5.80 -26.65
N GLU A 53 14.36 -4.67 -25.95
CA GLU A 53 14.22 -4.69 -24.50
C GLU A 53 13.90 -3.30 -23.96
N VAL A 54 13.31 -3.26 -22.78
CA VAL A 54 12.95 -2.03 -22.11
C VAL A 54 13.46 -2.11 -20.67
N ILE A 55 14.22 -1.13 -20.23
CA ILE A 55 14.79 -1.12 -18.89
C ILE A 55 14.57 0.25 -18.26
N ILE A 56 13.73 0.31 -17.24
CA ILE A 56 13.31 1.61 -16.73
C ILE A 56 13.49 1.72 -15.22
N GLY A 57 14.13 2.80 -14.79
CA GLY A 57 14.30 3.10 -13.38
C GLY A 57 13.00 3.54 -12.70
N ASN A 58 12.79 3.06 -11.49
CA ASN A 58 11.66 3.49 -10.67
C ASN A 58 11.90 3.00 -9.24
N VAL A 59 11.71 3.86 -8.25
CA VAL A 59 12.04 3.46 -6.89
C VAL A 59 10.81 3.03 -6.07
N LEU A 60 9.77 3.85 -6.11
CA LEU A 60 8.65 3.70 -5.18
C LEU A 60 7.49 2.89 -5.79
N GLN A 61 7.46 1.59 -5.52
CA GLN A 61 6.42 0.73 -6.09
C GLN A 61 5.42 0.28 -5.02
N THR A 62 4.19 0.01 -5.44
CA THR A 62 3.09 -0.32 -4.52
C THR A 62 3.26 -1.68 -3.85
N GLY A 63 4.28 -2.44 -4.25
CA GLY A 63 4.57 -3.72 -3.63
C GLY A 63 5.47 -4.59 -4.47
N LEU A 64 5.81 -5.77 -3.96
CA LEU A 64 6.59 -6.74 -4.72
C LEU A 64 5.73 -7.29 -5.85
N GLY A 65 6.37 -7.63 -6.96
CA GLY A 65 5.65 -8.20 -8.08
C GLY A 65 5.23 -7.17 -9.12
N GLN A 66 5.46 -5.90 -8.83
CA GLN A 66 5.11 -4.85 -9.77
C GLN A 66 6.24 -4.58 -10.77
N ASN A 67 5.89 -4.54 -12.05
CA ASN A 67 6.87 -4.28 -13.10
C ASN A 67 6.43 -3.03 -13.87
N VAL A 68 6.77 -1.88 -13.33
CA VAL A 68 6.38 -0.60 -13.92
C VAL A 68 6.90 -0.51 -15.35
N ALA A 69 8.13 -0.97 -15.60
CA ALA A 69 8.69 -0.93 -16.95
C ALA A 69 7.82 -1.71 -17.94
N ARG A 70 7.32 -2.87 -17.52
CA ARG A 70 6.49 -3.68 -18.41
C ARG A 70 5.13 -3.01 -18.69
N GLN A 71 4.56 -2.38 -17.67
CA GLN A 71 3.31 -1.63 -17.82
C GLN A 71 3.49 -0.53 -18.83
N ILE A 72 4.61 0.19 -18.72
CA ILE A 72 4.91 1.26 -19.65
C ILE A 72 5.06 0.71 -21.07
N ALA A 73 5.79 -0.39 -21.22
CA ALA A 73 6.07 -0.93 -22.56
C ALA A 73 4.77 -1.35 -23.25
N ILE A 74 3.87 -1.92 -22.46
CA ILE A 74 2.55 -2.35 -22.94
C ILE A 74 1.73 -1.13 -23.36
N ASN A 75 1.62 -0.15 -22.47
CA ASN A 75 0.96 1.11 -22.79
C ASN A 75 1.52 1.79 -24.03
N ALA A 76 2.81 1.59 -24.28
CA ALA A 76 3.44 2.21 -25.45
C ALA A 76 3.24 1.38 -26.71
N GLY A 77 2.60 0.22 -26.57
CA GLY A 77 2.33 -0.63 -27.72
C GLY A 77 3.50 -1.51 -28.13
N ILE A 78 4.46 -1.71 -27.24
CA ILE A 78 5.57 -2.62 -27.52
C ILE A 78 5.08 -4.06 -27.33
N PRO A 79 5.46 -4.96 -28.27
CA PRO A 79 4.96 -6.34 -28.23
C PRO A 79 5.20 -7.05 -26.91
N ASN A 80 4.24 -7.85 -26.47
CA ASN A 80 4.33 -8.51 -25.17
C ASN A 80 5.50 -9.47 -25.05
N SER A 81 6.02 -9.91 -26.19
CA SER A 81 7.15 -10.82 -26.22
C SER A 81 8.44 -10.13 -25.75
N VAL A 82 8.49 -8.80 -25.85
CA VAL A 82 9.65 -8.04 -25.43
C VAL A 82 9.76 -8.03 -23.90
N PRO A 83 10.93 -8.40 -23.36
CA PRO A 83 11.11 -8.34 -21.91
C PRO A 83 11.40 -6.92 -21.43
N SER A 84 10.80 -6.57 -20.29
CA SER A 84 11.00 -5.27 -19.69
C SER A 84 11.41 -5.47 -18.26
N TYR A 85 12.29 -4.60 -17.77
CA TYR A 85 12.80 -4.71 -16.41
C TYR A 85 12.74 -3.38 -15.69
N THR A 86 12.31 -3.42 -14.43
CA THR A 86 12.28 -2.22 -13.63
C THR A 86 13.52 -2.20 -12.75
N VAL A 87 14.24 -1.09 -12.79
CA VAL A 87 15.45 -0.96 -12.00
C VAL A 87 15.18 -0.11 -10.78
N ASN A 88 15.34 -0.71 -9.61
CA ASN A 88 15.34 0.07 -8.40
C ASN A 88 16.77 0.06 -7.86
N LYS A 89 17.47 1.16 -8.08
CA LYS A 89 18.80 1.35 -7.55
C LYS A 89 18.82 2.73 -6.93
N LEU A 90 17.71 3.06 -6.27
CA LEU A 90 17.56 4.35 -5.61
C LEU A 90 17.89 5.54 -6.53
N CYS A 91 18.79 6.40 -6.03
CA CYS A 91 19.08 7.65 -6.74
CA CYS A 91 19.17 7.65 -6.71
C CYS A 91 19.63 7.44 -8.15
N GLY A 92 20.35 6.36 -8.38
CA GLY A 92 20.97 6.18 -9.68
C GLY A 92 20.21 5.31 -10.66
N SER A 93 18.97 4.93 -10.33
CA SER A 93 18.21 3.99 -11.17
C SER A 93 18.15 4.37 -12.64
N GLY A 94 17.90 5.65 -12.91
CA GLY A 94 17.75 6.10 -14.27
C GLY A 94 19.03 6.02 -15.12
N LEU A 95 20.18 6.18 -14.49
CA LEU A 95 21.44 6.08 -15.24
C LEU A 95 21.91 4.61 -15.29
N LYS A 96 21.66 3.88 -14.20
CA LYS A 96 21.94 2.43 -14.17
C LYS A 96 21.17 1.70 -15.29
N SER A 97 19.93 2.10 -15.52
CA SER A 97 19.15 1.53 -16.62
C SER A 97 19.84 1.70 -17.97
N VAL A 98 20.41 2.88 -18.19
CA VAL A 98 21.13 3.16 -19.43
C VAL A 98 22.36 2.27 -19.55
N GLN A 99 23.11 2.16 -18.45
CA GLN A 99 24.27 1.27 -18.39
C GLN A 99 23.92 -0.19 -18.68
N LEU A 100 22.86 -0.69 -18.05
CA LEU A 100 22.40 -2.06 -18.29
C LEU A 100 21.98 -2.27 -19.74
N ALA A 101 21.36 -1.25 -20.32
CA ALA A 101 20.93 -1.32 -21.70
C ALA A 101 22.15 -1.42 -22.62
N ALA A 102 23.17 -0.62 -22.34
CA ALA A 102 24.40 -0.61 -23.18
C ALA A 102 25.15 -1.94 -23.09
N GLN A 103 25.28 -2.48 -21.88
CA GLN A 103 25.89 -3.79 -21.67
C GLN A 103 25.21 -4.86 -22.49
N SER A 104 23.88 -4.81 -22.53
CA SER A 104 23.10 -5.84 -23.22
C SER A 104 23.25 -5.72 -24.73
N ILE A 105 23.68 -4.56 -25.21
CA ILE A 105 23.92 -4.39 -26.64
C ILE A 105 25.31 -4.89 -26.98
N THR A 106 26.28 -4.50 -26.17
CA THR A 106 27.66 -4.90 -26.37
C THR A 106 27.84 -6.42 -26.26
N SER A 107 27.00 -7.06 -25.44
CA SER A 107 27.07 -8.51 -25.26
C SER A 107 26.47 -9.25 -26.45
N GLY A 108 25.79 -8.52 -27.33
CA GLY A 108 25.15 -9.13 -28.48
C GLY A 108 23.73 -9.60 -28.23
N GLU A 109 23.28 -9.51 -26.98
CA GLU A 109 21.92 -9.93 -26.66
C GLU A 109 20.85 -9.12 -27.40
N ASN A 110 21.01 -7.80 -27.44
CA ASN A 110 20.03 -6.89 -28.04
C ASN A 110 20.66 -5.92 -29.02
N ASP A 111 19.86 -5.38 -29.93
CA ASP A 111 20.32 -4.37 -30.87
C ASP A 111 19.71 -3.01 -30.57
N VAL A 112 18.52 -3.02 -29.97
CA VAL A 112 17.75 -1.80 -29.69
C VAL A 112 17.10 -1.87 -28.32
N VAL A 113 17.46 -0.94 -27.43
CA VAL A 113 16.92 -0.95 -26.07
C VAL A 113 16.41 0.42 -25.66
N ILE A 114 15.22 0.44 -25.07
CA ILE A 114 14.69 1.67 -24.49
C ILE A 114 15.06 1.71 -23.02
N ALA A 115 15.63 2.81 -22.58
CA ALA A 115 16.07 2.92 -21.21
C ALA A 115 15.81 4.29 -20.63
N GLY A 116 15.55 4.34 -19.32
CA GLY A 116 15.33 5.60 -18.66
C GLY A 116 14.85 5.40 -17.24
N GLY A 117 14.00 6.31 -16.80
CA GLY A 117 13.49 6.29 -15.45
C GLY A 117 12.25 7.14 -15.35
N THR A 118 11.44 6.84 -14.35
CA THR A 118 10.24 7.60 -14.09
C THR A 118 9.98 7.55 -12.59
N GLU A 119 9.38 8.60 -12.05
CA GLU A 119 8.98 8.60 -10.65
C GLU A 119 7.86 9.58 -10.43
N ASN A 120 6.87 9.16 -9.65
CA ASN A 120 5.92 10.13 -9.14
C ASN A 120 5.95 10.07 -7.63
N MET A 121 6.62 11.04 -7.05
CA MET A 121 6.75 11.03 -5.60
C MET A 121 5.52 11.64 -4.92
N SER A 122 4.80 12.52 -5.62
CA SER A 122 3.55 13.11 -5.12
C SER A 122 2.51 12.05 -4.74
N GLN A 123 2.44 10.98 -5.52
CA GLN A 123 1.42 9.94 -5.30
C GLN A 123 1.86 8.89 -4.27
N ALA A 124 3.16 8.79 -4.05
CA ALA A 124 3.70 7.71 -3.21
C ALA A 124 3.13 7.61 -1.77
N PRO A 125 2.87 8.76 -1.10
CA PRO A 125 2.37 8.58 0.28
C PRO A 125 0.98 7.91 0.34
N TYR A 126 0.30 7.82 -0.79
CA TYR A 126 -1.08 7.36 -0.81
C TYR A 126 -1.23 5.95 -1.36
N ILE A 127 -0.21 5.47 -2.06
CA ILE A 127 -0.32 4.18 -2.73
C ILE A 127 0.86 3.26 -2.47
N VAL A 128 1.89 3.76 -1.80
CA VAL A 128 3.04 2.93 -1.51
C VAL A 128 3.02 2.54 -0.05
N PRO A 129 3.17 1.24 0.24
CA PRO A 129 3.25 0.75 1.61
C PRO A 129 4.44 1.37 2.31
N THR A 130 4.28 1.63 3.60
CA THR A 130 5.28 2.28 4.41
C THR A 130 6.66 1.62 4.35
N ALA A 131 6.71 0.29 4.30
CA ALA A 131 7.99 -0.42 4.27
C ALA A 131 8.80 -0.14 2.99
N ARG A 132 8.15 0.35 1.94
CA ARG A 132 8.86 0.71 0.72
C ARG A 132 8.97 2.23 0.52
N PHE A 133 8.32 2.99 1.39
CA PHE A 133 8.19 4.43 1.22
C PHE A 133 9.21 5.19 2.07
N GLY A 134 9.64 4.57 3.16
CA GLY A 134 10.53 5.25 4.09
C GLY A 134 11.35 4.25 4.83
N SER A 135 12.31 4.74 5.62
CA SER A 135 13.13 3.88 6.44
C SER A 135 12.95 4.28 7.91
N LYS A 136 13.31 3.38 8.83
CA LYS A 136 13.17 3.68 10.25
C LYS A 136 14.29 4.59 10.75
N MET A 137 13.92 5.52 11.62
CA MET A 137 14.89 6.33 12.36
C MET A 137 15.36 5.51 13.55
N GLY A 138 16.36 6.00 14.26
CA GLY A 138 16.96 5.19 15.32
C GLY A 138 18.02 4.32 14.67
N ASN A 139 18.23 4.61 13.39
CA ASN A 139 19.26 4.00 12.59
C ASN A 139 20.59 4.70 12.91
N ILE A 140 20.48 5.81 13.64
CA ILE A 140 21.59 6.69 14.01
C ILE A 140 22.93 6.00 14.28
N LEU A 147 13.24 9.93 22.00
CA LEU A 147 14.14 9.76 20.87
C LEU A 147 13.42 9.47 19.56
N THR A 148 14.20 9.53 18.49
CA THR A 148 13.77 9.35 17.10
C THR A 148 13.21 8.01 16.68
N ASP A 149 13.72 6.92 17.23
CA ASP A 149 13.34 5.58 16.78
C ASP A 149 11.85 5.28 16.88
N GLY A 150 11.35 4.55 15.88
CA GLY A 150 9.93 4.23 15.71
C GLY A 150 9.22 5.23 14.80
N LEU A 151 9.99 6.17 14.28
CA LEU A 151 9.48 7.16 13.36
C LEU A 151 9.94 6.79 11.95
N ILE A 152 9.11 7.07 10.96
CA ILE A 152 9.43 6.73 9.59
C ILE A 152 9.98 7.93 8.83
N ASP A 153 11.10 7.72 8.16
CA ASP A 153 11.75 8.79 7.43
C ASP A 153 11.30 8.73 5.97
N ALA A 154 10.37 9.61 5.61
CA ALA A 154 9.77 9.60 4.28
C ALA A 154 10.85 9.77 3.21
N PHE A 155 10.87 8.86 2.25
CA PHE A 155 11.79 8.91 1.12
C PHE A 155 13.25 8.82 1.55
N ASN A 156 13.52 8.48 2.78
CA ASN A 156 14.87 8.38 3.33
C ASN A 156 15.57 9.74 3.31
N GLN A 157 14.80 10.79 3.30
CA GLN A 157 15.34 12.12 3.12
C GLN A 157 16.17 12.57 4.32
N TYR A 158 15.75 12.17 5.51
CA TYR A 158 16.45 12.61 6.71
C TYR A 158 17.79 11.87 6.82
N HIS A 159 17.82 10.59 6.49
CA HIS A 159 19.08 9.83 6.50
C HIS A 159 20.07 10.44 5.52
N MET A 160 19.57 10.81 4.35
CA MET A 160 20.45 11.42 3.34
C MET A 160 20.95 12.81 3.74
N GLY A 161 20.10 13.58 4.40
CA GLY A 161 20.49 14.92 4.86
C GLY A 161 21.57 14.87 5.95
N ILE A 162 21.50 13.85 6.79
CA ILE A 162 22.50 13.64 7.84
C ILE A 162 23.82 13.24 7.20
N THR A 163 23.74 12.39 6.18
CA THR A 163 24.91 12.03 5.39
C THR A 163 25.54 13.29 4.79
N ALA A 164 24.70 14.18 4.26
CA ALA A 164 25.18 15.47 3.71
C ALA A 164 25.80 16.36 4.79
N GLU A 165 25.20 16.40 5.96
CA GLU A 165 25.76 17.18 7.07
C GLU A 165 27.15 16.68 7.43
N ASN A 166 27.30 15.36 7.40
CA ASN A 166 28.58 14.73 7.72
C ASN A 166 29.65 15.04 6.67
N ILE A 167 29.24 15.13 5.42
CA ILE A 167 30.12 15.58 4.35
C ILE A 167 30.55 17.03 4.57
N ALA A 168 29.60 17.87 4.95
CA ALA A 168 29.89 19.28 5.19
C ALA A 168 30.92 19.44 6.33
N THR A 169 30.76 18.64 7.37
CA THR A 169 31.66 18.67 8.52
C THR A 169 33.06 18.21 8.12
N LYS A 170 33.15 17.04 7.51
CA LYS A 170 34.45 16.48 7.16
C LYS A 170 35.19 17.31 6.13
N PHE A 171 34.47 17.84 5.14
CA PHE A 171 35.10 18.61 4.09
C PHE A 171 35.16 20.11 4.41
N GLU A 172 34.58 20.51 5.54
CA GLU A 172 34.53 21.91 5.98
C GLU A 172 33.82 22.85 5.00
N PHE A 173 32.63 22.46 4.56
CA PHE A 173 31.81 23.34 3.75
C PHE A 173 30.85 24.08 4.67
N THR A 174 30.93 25.40 4.69
CA THR A 174 30.06 26.19 5.54
C THR A 174 28.65 26.35 4.95
N ARG A 175 27.74 26.86 5.77
CA ARG A 175 26.39 27.19 5.34
C ARG A 175 26.44 28.17 4.16
N GLU A 176 27.32 29.15 4.28
CA GLU A 176 27.48 30.15 3.24
C GLU A 176 27.92 29.52 1.91
N MET A 177 28.86 28.58 1.97
CA MET A 177 29.38 27.94 0.75
C MET A 177 28.29 27.09 0.10
N GLN A 178 27.52 26.40 0.93
CA GLN A 178 26.45 25.55 0.41
C GLN A 178 25.37 26.42 -0.22
N ASP A 179 25.03 27.53 0.44
CA ASP A 179 24.00 28.42 -0.05
C ASP A 179 24.41 29.11 -1.35
N LYS A 180 25.69 29.40 -1.45
CA LYS A 180 26.21 30.01 -2.67
C LYS A 180 26.04 29.08 -3.89
N LEU A 181 26.38 27.81 -3.71
CA LEU A 181 26.18 26.83 -4.77
C LEU A 181 24.69 26.70 -5.12
N ALA A 182 23.84 26.67 -4.10
CA ALA A 182 22.41 26.57 -4.32
C ALA A 182 21.90 27.77 -5.09
N LEU A 183 22.30 28.97 -4.66
CA LEU A 183 21.93 30.20 -5.35
C LEU A 183 22.33 30.12 -6.84
N GLU A 184 23.56 29.67 -7.10
CA GLU A 184 24.02 29.61 -8.48
C GLU A 184 23.27 28.57 -9.32
N SER A 185 22.84 27.48 -8.69
CA SER A 185 22.04 26.48 -9.38
C SER A 185 20.76 27.15 -9.84
N GLN A 186 20.14 27.92 -8.94
CA GLN A 186 18.90 28.63 -9.27
C GLN A 186 19.14 29.71 -10.33
N ASN A 187 20.25 30.45 -10.20
CA ASN A 187 20.64 31.44 -11.21
C ASN A 187 20.75 30.82 -12.59
N LYS A 188 21.45 29.68 -12.65
CA LYS A 188 21.67 29.00 -13.93
C LYS A 188 20.37 28.45 -14.54
N ALA A 189 19.51 27.86 -13.72
CA ALA A 189 18.22 27.39 -14.23
C ALA A 189 17.37 28.56 -14.75
N GLU A 190 17.33 29.65 -14.01
CA GLU A 190 16.51 30.80 -14.38
C GLU A 190 16.95 31.39 -15.72
N ASN A 191 18.26 31.48 -15.93
CA ASN A 191 18.75 32.00 -17.19
C ASN A 191 18.49 31.03 -18.35
N ALA A 192 18.63 29.73 -18.09
CA ALA A 192 18.37 28.72 -19.12
C ALA A 192 16.89 28.75 -19.53
N ILE A 193 16.00 28.81 -18.55
CA ILE A 193 14.58 28.85 -18.80
C ILE A 193 14.17 30.17 -19.51
N LYS A 194 14.81 31.27 -19.14
CA LYS A 194 14.59 32.55 -19.81
C LYS A 194 14.96 32.41 -21.29
N ASN A 195 16.01 31.66 -21.57
CA ASN A 195 16.44 31.42 -22.94
C ASN A 195 15.83 30.19 -23.60
N ASN A 196 14.78 29.65 -22.98
CA ASN A 196 14.10 28.45 -23.47
C ASN A 196 15.03 27.27 -23.76
N ARG A 197 16.08 27.12 -22.93
CA ARG A 197 17.14 26.17 -23.21
C ARG A 197 16.64 24.72 -23.27
N PHE A 198 15.56 24.44 -22.54
CA PHE A 198 15.08 23.06 -22.40
C PHE A 198 14.03 22.66 -23.45
N LYS A 199 13.69 23.58 -24.35
CA LYS A 199 12.63 23.37 -25.33
C LYS A 199 12.78 22.09 -26.14
N GLU A 200 13.98 21.83 -26.65
CA GLU A 200 14.25 20.66 -27.46
C GLU A 200 14.09 19.32 -26.72
N GLU A 201 14.50 19.27 -25.44
CA GLU A 201 14.53 18.00 -24.72
C GLU A 201 13.20 17.67 -24.06
N ILE A 202 12.39 18.69 -23.83
CA ILE A 202 11.11 18.46 -23.13
C ILE A 202 9.96 17.95 -24.01
N VAL A 203 9.32 16.87 -23.59
CA VAL A 203 8.02 16.50 -24.13
C VAL A 203 6.90 17.08 -23.24
N PRO A 204 6.04 17.92 -23.82
CA PRO A 204 4.93 18.49 -23.03
C PRO A 204 3.98 17.41 -22.52
N VAL A 205 3.34 17.68 -21.38
CA VAL A 205 2.41 16.74 -20.76
C VAL A 205 1.07 17.43 -20.51
N ASP A 206 -0.01 16.86 -21.05
CA ASP A 206 -1.34 17.41 -20.85
C ASP A 206 -1.92 17.00 -19.50
N VAL A 207 -2.47 17.96 -18.77
CA VAL A 207 -3.14 17.69 -17.50
C VAL A 207 -4.53 18.34 -17.48
N LEU A 208 -5.40 17.84 -16.60
CA LEU A 208 -6.72 18.44 -16.40
C LEU A 208 -6.65 19.39 -15.21
N ILE A 209 -6.84 20.68 -15.44
CA ILE A 209 -6.75 21.63 -14.34
C ILE A 209 -8.11 21.91 -13.73
N ARG A 210 -9.14 21.73 -14.55
CA ARG A 210 -10.52 21.86 -14.11
C ARG A 210 -11.38 21.15 -15.15
N ARG A 211 -12.60 20.78 -14.78
CA ARG A 211 -13.50 20.09 -15.71
C ARG A 211 -13.65 20.84 -17.03
N GLY A 212 -13.45 20.13 -18.14
CA GLY A 212 -13.60 20.72 -19.46
C GLY A 212 -12.45 21.62 -19.87
N LYS A 213 -11.32 21.47 -19.19
CA LYS A 213 -10.15 22.30 -19.48
C LYS A 213 -8.84 21.54 -19.32
N ILE A 214 -8.15 21.32 -20.43
CA ILE A 214 -6.86 20.66 -20.44
C ILE A 214 -5.78 21.72 -20.54
N GLU A 215 -4.73 21.59 -19.74
CA GLU A 215 -3.57 22.46 -19.89
C GLU A 215 -2.34 21.64 -20.30
N THR A 216 -1.58 22.20 -21.23
CA THR A 216 -0.34 21.57 -21.67
C THR A 216 0.80 22.08 -20.79
N ILE A 217 1.45 21.18 -20.07
CA ILE A 217 2.58 21.57 -19.24
C ILE A 217 3.87 21.38 -20.03
N ASP A 218 4.55 22.48 -20.33
CA ASP A 218 5.81 22.37 -21.05
C ASP A 218 6.99 23.03 -20.34
N LYS A 219 6.77 23.47 -19.11
CA LYS A 219 7.81 24.14 -18.34
C LYS A 219 8.04 23.46 -16.98
N ASP A 220 9.30 23.37 -16.56
CA ASP A 220 9.64 22.85 -15.25
C ASP A 220 9.01 23.70 -14.14
N GLU A 221 8.45 23.05 -13.12
CA GLU A 221 7.69 23.74 -12.08
C GLU A 221 8.54 24.21 -10.89
N TYR A 222 9.59 23.46 -10.59
CA TYR A 222 10.28 23.61 -9.31
C TYR A 222 11.24 24.84 -9.15
N PRO A 223 11.84 25.37 -10.25
CA PRO A 223 12.72 26.53 -10.05
C PRO A 223 12.08 27.72 -9.35
N LYS A 224 12.84 28.32 -8.44
CA LYS A 224 12.33 29.43 -7.63
C LYS A 224 12.87 30.74 -8.17
N LEU A 225 11.98 31.54 -8.75
CA LEU A 225 12.35 32.79 -9.40
C LEU A 225 12.83 33.82 -8.40
N GLY A 226 13.81 34.63 -8.82
CA GLY A 226 14.29 35.76 -8.04
C GLY A 226 14.76 35.42 -6.63
N MET A 227 15.48 34.33 -6.48
CA MET A 227 16.02 33.97 -5.18
C MET A 227 17.27 34.78 -4.87
N THR A 228 17.49 35.08 -3.60
CA THR A 228 18.67 35.84 -3.20
C THR A 228 19.46 35.12 -2.12
N PHE A 229 20.70 35.55 -1.94
CA PHE A 229 21.56 34.99 -0.92
C PHE A 229 21.00 35.28 0.47
N GLU A 230 20.45 36.47 0.64
CA GLU A 230 19.86 36.85 1.94
C GLU A 230 18.72 35.90 2.30
N GLY A 231 17.87 35.58 1.33
CA GLY A 231 16.74 34.71 1.56
C GLY A 231 17.15 33.32 2.02
N LEU A 232 18.12 32.73 1.32
CA LEU A 232 18.66 31.41 1.69
C LEU A 232 19.27 31.40 3.09
N SER A 233 19.90 32.52 3.45
CA SER A 233 20.55 32.69 4.74
C SER A 233 19.56 32.68 5.89
N LYS A 234 18.30 32.98 5.58
CA LYS A 234 17.28 33.03 6.62
C LYS A 234 16.70 31.65 6.95
N LEU A 235 16.82 30.70 6.03
CA LEU A 235 16.22 29.38 6.23
C LEU A 235 16.78 28.64 7.45
N LYS A 236 15.93 27.81 8.05
CA LYS A 236 16.26 27.02 9.23
C LYS A 236 16.90 25.70 8.79
N PRO A 237 17.84 25.17 9.58
CA PRO A 237 18.40 23.84 9.30
C PRO A 237 17.29 22.80 9.19
N ALA A 238 17.41 21.85 8.28
CA ALA A 238 16.33 20.89 8.02
C ALA A 238 16.47 19.59 8.77
N PHE A 239 17.69 19.18 9.09
CA PHE A 239 17.89 17.83 9.63
C PHE A 239 18.67 17.76 10.93
N LYS A 240 19.37 18.84 11.27
CA LYS A 240 20.23 18.82 12.43
C LYS A 240 20.25 20.21 13.07
N LYS A 241 20.01 20.27 14.37
CA LYS A 241 20.04 21.54 15.08
C LYS A 241 21.43 22.13 14.94
N ASP A 242 21.50 23.44 14.66
CA ASP A 242 22.76 24.08 14.34
C ASP A 242 23.45 23.38 13.17
N GLY A 243 22.65 22.91 12.22
CA GLY A 243 23.17 22.27 11.02
C GLY A 243 23.41 23.30 9.93
N THR A 244 23.75 22.82 8.74
CA THR A 244 24.04 23.70 7.63
C THR A 244 23.16 23.37 6.43
N VAL A 245 22.60 22.16 6.43
CA VAL A 245 21.75 21.71 5.34
C VAL A 245 20.32 22.20 5.53
N THR A 246 19.80 22.91 4.54
CA THR A 246 18.43 23.43 4.61
C THR A 246 17.62 22.97 3.40
N ALA A 247 16.32 23.27 3.42
CA ALA A 247 15.48 22.99 2.25
C ALA A 247 15.87 23.85 1.05
N GLY A 248 16.66 24.90 1.30
CA GLY A 248 17.12 25.78 0.25
C GLY A 248 18.39 25.34 -0.45
N ASN A 249 19.22 24.57 0.24
CA ASN A 249 20.45 24.06 -0.37
C ASN A 249 20.43 22.55 -0.57
N ALA A 250 19.22 22.00 -0.64
CA ALA A 250 18.99 20.62 -1.01
C ALA A 250 17.94 20.59 -2.11
N SER A 251 17.89 19.51 -2.88
CA SER A 251 16.84 19.37 -3.89
C SER A 251 15.48 19.11 -3.23
N GLY A 252 14.44 18.97 -4.05
CA GLY A 252 13.10 18.72 -3.56
C GLY A 252 12.63 17.30 -3.74
N ILE A 253 11.33 17.09 -3.57
CA ILE A 253 10.63 15.83 -3.82
C ILE A 253 9.82 16.13 -5.09
N ASN A 254 9.97 15.29 -6.12
CA ASN A 254 9.56 15.72 -7.45
C ASN A 254 9.04 14.59 -8.33
N ASP A 255 8.32 14.97 -9.40
CA ASP A 255 7.72 14.03 -10.33
C ASP A 255 8.25 14.26 -11.75
N GLY A 256 8.53 13.20 -12.48
CA GLY A 256 8.97 13.35 -13.86
C GLY A 256 9.55 12.08 -14.44
N ALA A 257 9.78 12.06 -15.75
CA ALA A 257 10.33 10.90 -16.40
C ALA A 257 11.32 11.32 -17.49
N ALA A 258 12.22 10.41 -17.85
CA ALA A 258 13.17 10.69 -18.93
C ALA A 258 13.53 9.37 -19.59
N MET A 259 13.57 9.35 -20.92
CA MET A 259 13.76 8.11 -21.67
C MET A 259 14.74 8.30 -22.81
N LEU A 260 15.57 7.29 -23.03
CA LEU A 260 16.52 7.32 -24.13
C LEU A 260 16.41 6.02 -24.93
N ILE A 261 16.75 6.06 -26.20
CA ILE A 261 16.80 4.85 -27.01
C ILE A 261 18.24 4.56 -27.41
N LEU A 262 18.70 3.36 -27.08
CA LEU A 262 20.06 2.95 -27.38
C LEU A 262 20.08 1.91 -28.50
N MET A 263 21.14 1.96 -29.30
CA MET A 263 21.32 1.01 -30.39
C MET A 263 22.80 0.73 -30.58
N SER A 264 23.14 -0.36 -31.26
CA SER A 264 24.52 -0.54 -31.71
C SER A 264 24.69 0.42 -32.87
N GLN A 265 25.90 0.91 -33.07
CA GLN A 265 26.19 1.78 -34.21
C GLN A 265 25.72 1.12 -35.50
N GLN A 266 25.97 -0.18 -35.61
CA GLN A 266 25.58 -0.94 -36.80
C GLN A 266 24.06 -0.94 -37.00
N LYS A 267 23.30 -1.07 -35.91
CA LYS A 267 21.85 -1.10 -36.03
C LYS A 267 21.29 0.26 -36.46
N ALA A 268 21.78 1.32 -35.81
CA ALA A 268 21.41 2.68 -36.19
C ALA A 268 21.66 2.92 -37.69
N ASP A 269 22.84 2.52 -38.17
CA ASP A 269 23.20 2.66 -39.58
C ASP A 269 22.22 1.92 -40.48
N GLU A 270 21.94 0.67 -40.11
CA GLU A 270 20.97 -0.16 -40.82
CA GLU A 270 20.99 -0.14 -40.87
C GLU A 270 19.61 0.54 -40.94
N LEU A 271 19.19 1.14 -39.84
CA LEU A 271 17.87 1.78 -39.78
C LEU A 271 17.83 3.18 -40.39
N GLY A 272 19.00 3.76 -40.60
CA GLY A 272 19.10 5.11 -41.16
C GLY A 272 18.94 6.22 -40.13
N ILE A 273 19.13 5.87 -38.86
CA ILE A 273 18.92 6.81 -37.76
C ILE A 273 20.25 7.36 -37.27
N ARG A 274 20.35 8.67 -37.18
CA ARG A 274 21.61 9.29 -36.78
C ARG A 274 21.72 9.45 -35.26
N PRO A 275 22.86 9.04 -34.70
CA PRO A 275 23.10 9.09 -33.25
C PRO A 275 23.17 10.51 -32.73
N LEU A 276 22.63 10.73 -31.54
CA LEU A 276 22.73 11.98 -30.81
C LEU A 276 24.03 12.00 -30.02
N ALA A 277 24.44 10.82 -29.57
CA ALA A 277 25.69 10.68 -28.84
C ALA A 277 26.14 9.23 -28.85
N LYS A 278 27.37 9.01 -28.42
CA LYS A 278 27.95 7.68 -28.34
C LYS A 278 28.37 7.45 -26.90
N ILE A 279 28.22 6.22 -26.42
CA ILE A 279 28.69 5.92 -25.08
C ILE A 279 30.15 5.49 -25.14
N LYS A 280 30.99 6.26 -24.47
CA LYS A 280 32.43 6.07 -24.51
C LYS A 280 32.91 5.16 -23.39
N SER A 281 32.43 5.39 -22.18
CA SER A 281 32.74 4.51 -21.05
C SER A 281 31.74 4.71 -19.92
N TYR A 282 31.76 3.80 -18.96
CA TYR A 282 30.99 3.98 -17.75
C TYR A 282 31.65 3.16 -16.68
N ALA A 283 31.33 3.47 -15.42
CA ALA A 283 31.86 2.70 -14.30
C ALA A 283 31.03 2.98 -13.06
N SER A 284 31.12 2.08 -12.09
CA SER A 284 30.58 2.37 -10.79
C SER A 284 31.57 2.00 -9.71
N ALA A 285 31.43 2.59 -8.54
CA ALA A 285 32.40 2.34 -7.47
C ALA A 285 31.76 2.55 -6.10
N GLY A 286 32.31 1.89 -5.09
CA GLY A 286 31.88 2.08 -3.70
C GLY A 286 32.83 3.02 -2.97
N VAL A 287 32.39 3.56 -1.83
CA VAL A 287 33.24 4.44 -1.05
C VAL A 287 33.42 3.89 0.36
N GLU A 288 34.42 4.41 1.07
CA GLU A 288 34.60 4.09 2.49
C GLU A 288 33.46 4.68 3.29
N PRO A 289 33.08 4.02 4.40
CA PRO A 289 31.96 4.50 5.20
C PRO A 289 32.19 5.89 5.84
N GLU A 290 33.44 6.35 5.90
CA GLU A 290 33.75 7.69 6.40
C GLU A 290 33.24 8.82 5.49
N VAL A 291 33.13 8.53 4.19
CA VAL A 291 32.69 9.52 3.22
C VAL A 291 31.47 9.03 2.43
N MET A 292 30.45 8.56 3.14
CA MET A 292 29.22 8.13 2.50
C MET A 292 28.62 9.26 1.70
N GLY A 293 28.10 8.95 0.52
CA GLY A 293 27.46 9.93 -0.32
C GLY A 293 28.37 10.55 -1.37
N THR A 294 29.66 10.20 -1.32
CA THR A 294 30.63 10.75 -2.26
C THR A 294 30.92 9.83 -3.44
N GLY A 295 30.08 8.82 -3.62
CA GLY A 295 30.20 7.85 -4.72
C GLY A 295 30.58 8.31 -6.11
N PRO A 296 29.98 9.41 -6.60
CA PRO A 296 30.33 9.94 -7.93
C PRO A 296 31.82 10.25 -8.13
N ILE A 297 32.56 10.50 -7.06
CA ILE A 297 33.99 10.81 -7.18
C ILE A 297 34.79 9.59 -7.67
N PRO A 298 34.83 8.48 -6.89
CA PRO A 298 35.59 7.34 -7.44
C PRO A 298 34.99 6.74 -8.72
N ALA A 299 33.67 6.75 -8.85
CA ALA A 299 33.05 6.28 -10.09
C ALA A 299 33.55 7.07 -11.32
N THR A 300 33.59 8.39 -11.19
CA THR A 300 34.00 9.24 -12.29
C THR A 300 35.49 9.05 -12.61
N ARG A 301 36.33 8.99 -11.58
CA ARG A 301 37.75 8.75 -11.81
C ARG A 301 37.93 7.44 -12.57
N LYS A 302 37.12 6.45 -12.21
CA LYS A 302 37.22 5.12 -12.80
C LYS A 302 36.72 5.12 -14.24
N ALA A 303 35.62 5.81 -14.48
CA ALA A 303 35.09 5.94 -15.84
C ALA A 303 36.04 6.74 -16.74
N LEU A 304 36.63 7.80 -16.19
CA LEU A 304 37.57 8.63 -16.94
C LEU A 304 38.81 7.84 -17.34
N LYS A 305 39.34 7.09 -16.37
CA LYS A 305 40.50 6.24 -16.59
C LYS A 305 40.24 5.16 -17.64
N LYS A 306 39.05 4.57 -17.61
CA LYS A 306 38.63 3.61 -18.63
C LYS A 306 38.66 4.24 -20.02
N ALA A 307 38.27 5.51 -20.09
CA ALA A 307 38.19 6.20 -21.38
C ALA A 307 39.53 6.81 -21.80
N GLY A 308 40.52 6.73 -20.92
CA GLY A 308 41.80 7.35 -21.17
C GLY A 308 41.70 8.86 -21.21
N LEU A 309 40.85 9.42 -20.34
CA LEU A 309 40.64 10.86 -20.29
C LEU A 309 40.87 11.38 -18.88
N SER A 310 41.09 12.68 -18.78
CA SER A 310 41.11 13.35 -17.49
C SER A 310 39.94 14.33 -17.51
N ILE A 311 39.67 14.97 -16.38
CA ILE A 311 38.54 15.91 -16.28
C ILE A 311 38.67 17.11 -17.22
N ASN A 312 39.89 17.48 -17.58
CA ASN A 312 40.10 18.60 -18.47
C ASN A 312 39.66 18.30 -19.89
N ASP A 313 39.58 17.01 -20.20
CA ASP A 313 39.11 16.58 -21.51
C ASP A 313 37.59 16.62 -21.64
N ILE A 314 36.91 16.88 -20.52
CA ILE A 314 35.46 16.84 -20.50
C ILE A 314 34.90 18.24 -20.67
N ASP A 315 34.09 18.43 -21.70
CA ASP A 315 33.52 19.74 -22.00
C ASP A 315 32.36 20.14 -21.08
N LEU A 316 31.50 19.20 -20.73
CA LEU A 316 30.35 19.51 -19.89
C LEU A 316 30.10 18.38 -18.90
N ILE A 317 29.80 18.73 -17.65
CA ILE A 317 29.54 17.74 -16.61
C ILE A 317 28.14 17.96 -16.02
N GLU A 318 27.38 16.87 -15.91
CA GLU A 318 26.16 16.83 -15.10
C GLU A 318 26.36 15.91 -13.91
N ALA A 319 26.42 16.51 -12.72
CA ALA A 319 26.53 15.78 -11.47
C ALA A 319 25.28 16.11 -10.68
N ASN A 320 24.44 15.11 -10.41
CA ASN A 320 23.17 15.40 -9.77
C ASN A 320 23.35 16.09 -8.42
N GLU A 321 22.54 17.11 -8.16
CA GLU A 321 22.69 17.93 -6.96
C GLU A 321 21.61 17.63 -5.94
N ALA A 322 21.71 16.50 -5.26
CA ALA A 322 20.79 16.20 -4.19
C ALA A 322 21.00 17.19 -3.05
N PHE A 323 22.27 17.47 -2.74
CA PHE A 323 22.61 18.37 -1.65
C PHE A 323 23.80 19.21 -2.06
N ALA A 324 23.78 20.51 -1.73
CA ALA A 324 24.92 21.37 -2.06
C ALA A 324 26.21 20.87 -1.41
N ALA A 325 26.10 20.38 -0.18
CA ALA A 325 27.27 19.83 0.53
C ALA A 325 27.94 18.73 -0.29
N GLN A 326 27.15 17.80 -0.80
CA GLN A 326 27.69 16.72 -1.62
C GLN A 326 28.16 17.23 -2.98
N ALA A 327 27.45 18.22 -3.53
CA ALA A 327 27.83 18.78 -4.82
C ALA A 327 29.20 19.45 -4.73
N LEU A 328 29.44 20.14 -3.61
CA LEU A 328 30.71 20.80 -3.40
C LEU A 328 31.86 19.79 -3.33
N ALA A 329 31.63 18.68 -2.65
CA ALA A 329 32.66 17.64 -2.52
C ALA A 329 33.04 17.06 -3.87
N VAL A 330 32.03 16.74 -4.67
CA VAL A 330 32.23 16.21 -6.01
C VAL A 330 32.97 17.20 -6.89
N LYS A 331 32.54 18.46 -6.83
CA LYS A 331 33.16 19.49 -7.67
C LYS A 331 34.62 19.73 -7.30
N ASN A 332 34.90 19.79 -6.00
CA ASN A 332 36.24 20.07 -5.50
C ASN A 332 37.19 18.88 -5.70
N GLU A 333 36.72 17.67 -5.41
CA GLU A 333 37.60 16.50 -5.51
C GLU A 333 37.88 16.09 -6.95
N LEU A 334 36.95 16.39 -7.85
CA LEU A 334 37.17 16.09 -9.27
C LEU A 334 37.79 17.27 -10.02
N GLN A 335 37.88 18.41 -9.35
CA GLN A 335 38.47 19.62 -9.95
C GLN A 335 37.70 20.08 -11.19
N ILE A 336 36.39 20.11 -11.05
CA ILE A 336 35.52 20.54 -12.13
C ILE A 336 35.35 22.04 -12.08
N ASP A 337 35.66 22.68 -13.19
CA ASP A 337 35.50 24.14 -13.33
C ASP A 337 34.02 24.52 -13.30
N SER A 338 33.69 25.53 -12.51
CA SER A 338 32.32 26.03 -12.35
C SER A 338 31.59 26.21 -13.67
N SER A 339 32.34 26.61 -14.69
CA SER A 339 31.80 26.95 -16.00
C SER A 339 31.33 25.74 -16.79
N LYS A 340 31.71 24.54 -16.34
CA LYS A 340 31.38 23.32 -17.08
C LYS A 340 30.34 22.46 -16.34
N LEU A 341 29.97 22.88 -15.15
CA LEU A 341 29.19 22.02 -14.25
C LEU A 341 27.73 22.44 -14.15
N ASN A 342 26.81 21.52 -14.49
CA ASN A 342 25.38 21.75 -14.44
C ASN A 342 24.98 23.11 -15.02
N VAL A 343 25.40 23.36 -16.25
CA VAL A 343 25.38 24.71 -16.80
C VAL A 343 23.99 25.32 -16.96
N ASN A 344 22.98 24.47 -17.04
CA ASN A 344 21.60 24.92 -17.14
C ASN A 344 20.85 24.81 -15.81
N GLY A 345 21.61 24.66 -14.73
CA GLY A 345 21.04 24.45 -13.40
C GLY A 345 21.09 22.99 -13.00
N GLY A 346 21.05 22.73 -11.69
CA GLY A 346 21.08 21.37 -11.16
C GLY A 346 19.78 21.09 -10.41
N ALA A 347 19.69 19.90 -9.81
CA ALA A 347 18.46 19.46 -9.18
C ALA A 347 17.99 20.36 -8.04
N ILE A 348 18.88 21.18 -7.49
CA ILE A 348 18.45 22.07 -6.40
C ILE A 348 17.40 23.03 -6.94
N ALA A 349 17.61 23.46 -8.17
CA ALA A 349 16.63 24.28 -8.88
C ALA A 349 15.57 23.43 -9.61
N LEU A 350 16.03 22.40 -10.32
CA LEU A 350 15.17 21.68 -11.28
C LEU A 350 14.29 20.60 -10.67
N GLY A 351 14.73 20.00 -9.56
CA GLY A 351 13.97 18.92 -8.96
C GLY A 351 14.65 17.56 -9.12
N HIS A 352 14.25 16.64 -8.26
CA HIS A 352 14.90 15.35 -8.16
C HIS A 352 13.89 14.20 -8.09
N PRO A 353 13.23 13.87 -9.23
CA PRO A 353 12.35 12.68 -9.22
C PRO A 353 13.21 11.42 -9.21
N ILE A 354 13.27 10.74 -8.06
CA ILE A 354 14.41 9.86 -7.78
C ILE A 354 14.73 8.77 -8.82
N GLY A 355 13.73 7.99 -9.22
CA GLY A 355 13.97 6.95 -10.22
C GLY A 355 14.36 7.50 -11.59
N ALA A 356 14.05 8.78 -11.85
CA ALA A 356 14.29 9.36 -13.17
C ALA A 356 15.57 10.20 -13.31
N SER A 357 16.08 10.72 -12.20
CA SER A 357 17.11 11.78 -12.31
C SER A 357 18.36 11.39 -13.07
N GLY A 358 18.78 10.14 -12.91
CA GLY A 358 19.97 9.63 -13.61
C GLY A 358 19.82 9.69 -15.11
N ALA A 359 18.61 9.41 -15.59
CA ALA A 359 18.32 9.53 -17.02
C ALA A 359 18.09 10.98 -17.39
N ARG A 360 17.43 11.72 -16.51
CA ARG A 360 17.14 13.13 -16.75
C ARG A 360 18.44 13.95 -17.00
N ILE A 361 19.45 13.74 -16.17
CA ILE A 361 20.67 14.53 -16.33
C ILE A 361 21.45 14.17 -17.59
N LEU A 362 21.34 12.91 -18.02
CA LEU A 362 21.93 12.46 -19.28
C LEU A 362 21.24 13.12 -20.47
N VAL A 363 19.92 13.24 -20.41
CA VAL A 363 19.17 13.95 -21.45
C VAL A 363 19.61 15.42 -21.54
N THR A 364 19.59 16.09 -20.40
CA THR A 364 20.01 17.49 -20.32
C THR A 364 21.43 17.66 -20.83
N LEU A 365 22.32 16.74 -20.45
CA LEU A 365 23.72 16.77 -20.91
C LEU A 365 23.84 16.72 -22.43
N ILE A 366 23.17 15.75 -23.04
CA ILE A 366 23.27 15.55 -24.48
C ILE A 366 22.78 16.75 -25.29
N TYR A 367 21.66 17.33 -24.88
CA TYR A 367 21.12 18.47 -25.62
C TYR A 367 21.99 19.69 -25.49
N GLU A 368 22.62 19.88 -24.33
CA GLU A 368 23.49 21.03 -24.18
C GLU A 368 24.82 20.84 -24.92
N MET A 369 25.34 19.62 -24.93
CA MET A 369 26.52 19.33 -25.75
C MET A 369 26.26 19.67 -27.22
N GLN A 370 25.05 19.33 -27.66
CA GLN A 370 24.64 19.57 -29.03
C GLN A 370 24.53 21.07 -29.32
N LYS A 371 23.89 21.80 -28.40
CA LYS A 371 23.78 23.25 -28.59
C LYS A 371 25.14 23.93 -28.62
N ARG A 372 26.06 23.47 -27.79
CA ARG A 372 27.37 24.11 -27.71
C ARG A 372 28.34 23.56 -28.75
N LYS A 373 27.91 22.50 -29.45
CA LYS A 373 28.76 21.80 -30.40
C LYS A 373 30.08 21.34 -29.75
N VAL A 374 30.00 20.82 -28.53
CA VAL A 374 31.20 20.30 -27.87
C VAL A 374 31.27 18.77 -28.01
N GLU A 375 32.44 18.20 -27.74
CA GLU A 375 32.68 16.82 -28.11
CA GLU A 375 32.75 16.82 -28.10
C GLU A 375 32.46 15.78 -27.01
N THR A 376 32.70 16.16 -25.75
CA THR A 376 32.67 15.16 -24.68
C THR A 376 31.94 15.62 -23.42
N GLY A 377 31.15 14.73 -22.83
CA GLY A 377 30.41 15.04 -21.63
C GLY A 377 30.38 13.89 -20.63
N LEU A 378 29.94 14.21 -19.42
CA LEU A 378 29.94 13.23 -18.33
C LEU A 378 28.70 13.40 -17.46
N ALA A 379 28.06 12.28 -17.12
CA ALA A 379 26.92 12.29 -16.21
C ALA A 379 27.27 11.38 -15.04
N THR A 380 27.03 11.86 -13.82
CA THR A 380 27.36 11.05 -12.66
C THR A 380 26.42 11.36 -11.49
N LEU A 381 26.10 10.33 -10.70
CA LEU A 381 25.32 10.51 -9.48
C LEU A 381 25.43 9.29 -8.57
N CYS A 382 24.82 9.35 -7.40
CA CYS A 382 24.87 8.24 -6.45
C CYS A 382 24.03 7.06 -6.90
N ILE A 383 24.38 5.88 -6.41
CA ILE A 383 23.56 4.72 -6.66
C ILE A 383 23.47 3.93 -5.34
N GLY A 384 22.90 4.59 -4.34
CA GLY A 384 22.98 4.12 -2.96
C GLY A 384 23.93 5.05 -2.23
N GLY A 385 23.78 5.15 -0.91
CA GLY A 385 24.62 6.02 -0.14
C GLY A 385 26.09 5.63 -0.22
N GLY A 386 26.37 4.35 -0.46
CA GLY A 386 27.76 3.90 -0.46
C GLY A 386 28.44 3.78 -1.82
N GLN A 387 27.77 4.23 -2.88
CA GLN A 387 28.22 3.92 -4.24
C GLN A 387 27.87 5.01 -5.23
N GLY A 388 28.58 5.02 -6.36
CA GLY A 388 28.28 5.99 -7.40
C GLY A 388 28.37 5.36 -8.78
N ILE A 389 27.79 6.01 -9.77
CA ILE A 389 27.87 5.55 -11.14
C ILE A 389 28.18 6.76 -12.02
N SER A 390 28.94 6.53 -13.09
CA SER A 390 29.37 7.62 -13.94
C SER A 390 29.44 7.13 -15.39
N MET A 391 29.10 8.01 -16.33
CA MET A 391 29.08 7.62 -17.73
C MET A 391 29.62 8.76 -18.60
N VAL A 392 30.58 8.45 -19.45
CA VAL A 392 31.15 9.43 -20.40
C VAL A 392 30.55 9.23 -21.78
N VAL A 393 30.07 10.32 -22.39
CA VAL A 393 29.50 10.24 -23.72
C VAL A 393 30.20 11.23 -24.65
N SER A 394 30.13 10.96 -25.95
CA SER A 394 30.78 11.82 -26.92
C SER A 394 29.83 12.12 -28.07
N ARG A 395 30.04 13.26 -28.73
CA ARG A 395 29.27 13.58 -29.93
C ARG A 395 30.19 13.52 -31.15
N ALA B 3 -37.69 2.66 22.46
CA ALA B 3 -36.48 1.87 22.60
C ALA B 3 -36.82 0.60 23.33
N MET B 4 -37.93 0.00 22.94
CA MET B 4 -38.46 -1.17 23.62
C MET B 4 -37.62 -2.45 23.68
N LYS B 5 -36.96 -2.81 22.59
CA LYS B 5 -36.18 -4.05 22.61
C LYS B 5 -35.03 -4.06 23.61
N ASP B 6 -34.88 -5.16 24.33
CA ASP B 6 -33.78 -5.32 25.26
C ASP B 6 -32.72 -6.09 24.51
N VAL B 7 -31.48 -5.67 24.61
CA VAL B 7 -30.41 -6.30 23.86
C VAL B 7 -29.51 -7.14 24.74
N VAL B 8 -29.28 -8.37 24.31
CA VAL B 8 -28.44 -9.27 25.05
C VAL B 8 -27.29 -9.76 24.22
N ILE B 9 -26.21 -10.14 24.90
CA ILE B 9 -25.04 -10.70 24.25
C ILE B 9 -25.07 -12.20 24.52
N VAL B 10 -25.15 -13.00 23.45
CA VAL B 10 -25.32 -14.44 23.62
C VAL B 10 -24.05 -15.26 23.35
N SER B 11 -23.05 -14.64 22.73
CA SER B 11 -21.85 -15.36 22.40
C SER B 11 -20.70 -14.34 22.37
N ALA B 12 -19.52 -14.75 22.81
CA ALA B 12 -18.37 -13.83 22.92
C ALA B 12 -17.07 -14.61 22.88
N VAL B 13 -16.17 -14.24 21.99
CA VAL B 13 -14.96 -15.01 21.80
C VAL B 13 -13.83 -14.07 21.36
N ARG B 14 -12.59 -14.44 21.64
CA ARG B 14 -11.45 -13.68 21.12
C ARG B 14 -10.32 -14.64 20.79
N THR B 15 -9.48 -14.25 19.85
CA THR B 15 -8.27 -15.00 19.59
C THR B 15 -7.28 -14.65 20.69
N PRO B 16 -6.21 -15.43 20.84
CA PRO B 16 -5.10 -14.91 21.64
C PRO B 16 -4.61 -13.59 21.03
N ILE B 17 -3.93 -12.77 21.82
CA ILE B 17 -3.36 -11.55 21.27
C ILE B 17 -1.88 -11.76 20.98
N GLY B 18 -1.48 -11.50 19.73
CA GLY B 18 -0.11 -11.73 19.32
C GLY B 18 0.79 -10.49 19.46
N SER B 19 2.08 -10.73 19.63
CA SER B 19 3.07 -9.64 19.68
C SER B 19 3.40 -9.09 18.29
N PHE B 20 3.98 -7.89 18.23
CA PHE B 20 4.33 -7.27 16.93
C PHE B 20 5.37 -8.12 16.22
N GLY B 21 5.07 -8.58 15.00
CA GLY B 21 5.96 -9.50 14.31
C GLY B 21 6.06 -10.88 14.94
N GLY B 22 5.08 -11.22 15.78
CA GLY B 22 5.10 -12.49 16.49
C GLY B 22 4.24 -13.58 15.84
N VAL B 23 3.41 -14.24 16.63
CA VAL B 23 2.77 -15.47 16.17
C VAL B 23 1.78 -15.28 15.03
N PHE B 24 1.20 -14.09 14.93
CA PHE B 24 0.21 -13.87 13.87
C PHE B 24 0.75 -13.03 12.72
N LYS B 25 2.07 -12.97 12.56
CA LYS B 25 2.58 -12.17 11.45
C LYS B 25 2.14 -12.75 10.11
N ASN B 26 1.75 -14.04 10.09
CA ASN B 26 1.30 -14.70 8.86
C ASN B 26 -0.20 -14.95 8.83
N THR B 27 -0.95 -14.34 9.76
CA THR B 27 -2.39 -14.60 9.94
C THR B 27 -3.08 -13.25 9.97
N SER B 28 -3.70 -12.88 8.86
CA SER B 28 -4.17 -11.51 8.61
C SER B 28 -5.37 -11.14 9.46
N ALA B 29 -5.70 -9.84 9.43
CA ALA B 29 -6.87 -9.33 10.13
C ALA B 29 -8.13 -10.05 9.68
N VAL B 30 -8.20 -10.37 8.39
CA VAL B 30 -9.35 -11.10 7.87
C VAL B 30 -9.39 -12.52 8.43
N GLN B 31 -8.25 -13.20 8.43
CA GLN B 31 -8.19 -14.58 8.94
C GLN B 31 -8.56 -14.63 10.42
N LEU B 32 -8.00 -13.71 11.21
CA LEU B 32 -8.23 -13.69 12.66
C LEU B 32 -9.70 -13.43 12.91
N GLY B 33 -10.26 -12.45 12.20
CA GLY B 33 -11.64 -12.07 12.36
C GLY B 33 -12.60 -13.19 11.96
N THR B 34 -12.25 -13.93 10.91
CA THR B 34 -13.07 -15.04 10.40
C THR B 34 -13.10 -16.18 11.41
N ILE B 35 -11.93 -16.51 11.96
CA ILE B 35 -11.83 -17.52 13.00
C ILE B 35 -12.72 -17.19 14.20
N ALA B 36 -12.63 -15.96 14.69
CA ALA B 36 -13.46 -15.52 15.82
C ALA B 36 -14.96 -15.55 15.49
N VAL B 37 -15.33 -15.10 14.30
CA VAL B 37 -16.74 -15.09 13.90
C VAL B 37 -17.34 -16.49 13.82
N LYS B 38 -16.61 -17.41 13.18
CA LYS B 38 -17.06 -18.78 13.01
C LYS B 38 -17.21 -19.48 14.36
N GLU B 39 -16.29 -19.19 15.28
CA GLU B 39 -16.37 -19.82 16.60
C GLU B 39 -17.53 -19.25 17.43
N ALA B 40 -17.76 -17.94 17.33
CA ALA B 40 -18.85 -17.32 18.08
C ALA B 40 -20.21 -17.89 17.65
N ILE B 41 -20.39 -18.07 16.35
CA ILE B 41 -21.58 -18.71 15.79
C ILE B 41 -21.72 -20.16 16.24
N SER B 42 -20.62 -20.90 16.12
CA SER B 42 -20.58 -22.35 16.42
C SER B 42 -20.94 -22.64 17.89
N ARG B 43 -20.43 -21.81 18.80
CA ARG B 43 -20.65 -22.01 20.24
C ARG B 43 -22.10 -21.95 20.69
N VAL B 44 -22.95 -21.22 19.98
CA VAL B 44 -24.36 -21.17 20.37
C VAL B 44 -25.26 -21.87 19.36
N GLY B 45 -24.64 -22.54 18.39
CA GLY B 45 -25.36 -23.25 17.35
C GLY B 45 -26.26 -22.34 16.52
N LEU B 46 -25.77 -21.14 16.20
CA LEU B 46 -26.58 -20.16 15.48
C LEU B 46 -26.69 -20.53 14.00
N ASN B 47 -27.90 -20.49 13.47
CA ASN B 47 -28.13 -20.71 12.05
C ASN B 47 -27.68 -19.47 11.28
N LEU B 48 -26.83 -19.66 10.27
CA LEU B 48 -26.31 -18.55 9.46
C LEU B 48 -27.38 -17.64 8.85
N SER B 49 -28.58 -18.19 8.65
CA SER B 49 -29.70 -17.43 8.08
C SER B 49 -30.35 -16.48 9.08
N GLU B 50 -29.98 -16.61 10.35
CA GLU B 50 -30.55 -15.75 11.38
C GLU B 50 -29.84 -14.40 11.47
N ILE B 51 -28.63 -14.35 10.93
CA ILE B 51 -27.79 -13.15 11.00
C ILE B 51 -28.29 -12.02 10.10
N ASP B 52 -28.55 -10.85 10.69
CA ASP B 52 -29.12 -9.72 9.95
C ASP B 52 -28.08 -8.69 9.52
N GLU B 53 -26.98 -8.60 10.26
CA GLU B 53 -25.94 -7.62 9.95
C GLU B 53 -24.64 -8.01 10.64
N VAL B 54 -23.53 -7.55 10.07
CA VAL B 54 -22.20 -7.76 10.62
C VAL B 54 -21.52 -6.38 10.71
N ILE B 55 -21.05 -6.02 11.90
CA ILE B 55 -20.40 -4.72 12.09
C ILE B 55 -19.08 -4.95 12.81
N ILE B 56 -17.96 -4.71 12.12
CA ILE B 56 -16.65 -5.09 12.66
C ILE B 56 -15.64 -3.94 12.60
N GLY B 57 -14.95 -3.72 13.73
CA GLY B 57 -13.95 -2.68 13.83
C GLY B 57 -12.63 -3.07 13.19
N ASN B 58 -11.98 -2.11 12.53
CA ASN B 58 -10.66 -2.31 11.96
C ASN B 58 -10.13 -0.94 11.58
N VAL B 59 -8.87 -0.67 11.91
CA VAL B 59 -8.33 0.66 11.67
C VAL B 59 -7.46 0.71 10.39
N LEU B 60 -6.52 -0.22 10.28
CA LEU B 60 -5.48 -0.12 9.26
C LEU B 60 -5.87 -0.82 7.96
N GLN B 61 -6.12 -0.04 6.93
CA GLN B 61 -6.66 -0.58 5.69
C GLN B 61 -5.75 -0.27 4.50
N THR B 62 -5.71 -1.19 3.53
CA THR B 62 -4.90 -1.00 2.32
C THR B 62 -5.40 0.18 1.49
N GLY B 63 -6.69 0.48 1.61
CA GLY B 63 -7.25 1.65 0.93
C GLY B 63 -8.72 1.88 1.22
N LEU B 64 -9.28 2.92 0.61
CA LEU B 64 -10.72 3.12 0.66
C LEU B 64 -11.37 2.12 -0.28
N GLY B 65 -12.63 1.77 -0.01
CA GLY B 65 -13.31 0.77 -0.81
C GLY B 65 -13.09 -0.63 -0.26
N GLN B 66 -12.24 -0.72 0.74
CA GLN B 66 -12.03 -1.97 1.44
C GLN B 66 -13.08 -2.16 2.53
N ASN B 67 -13.83 -3.24 2.43
CA ASN B 67 -14.79 -3.58 3.47
C ASN B 67 -14.34 -4.88 4.13
N VAL B 68 -13.45 -4.76 5.11
CA VAL B 68 -12.90 -5.89 5.85
C VAL B 68 -14.02 -6.72 6.48
N ALA B 69 -15.05 -6.02 6.98
CA ALA B 69 -16.17 -6.71 7.63
C ALA B 69 -16.87 -7.65 6.65
N ARG B 70 -17.05 -7.19 5.40
CA ARG B 70 -17.73 -8.01 4.40
C ARG B 70 -16.88 -9.18 3.97
N GLN B 71 -15.57 -8.96 3.84
CA GLN B 71 -14.62 -10.03 3.56
C GLN B 71 -14.73 -11.13 4.61
N ILE B 72 -14.75 -10.74 5.88
CA ILE B 72 -14.94 -11.70 6.98
C ILE B 72 -16.29 -12.41 6.91
N ALA B 73 -17.37 -11.66 6.65
CA ALA B 73 -18.70 -12.24 6.57
C ALA B 73 -18.77 -13.30 5.47
N ILE B 74 -18.18 -12.99 4.31
CA ILE B 74 -18.16 -13.91 3.19
C ILE B 74 -17.33 -15.16 3.53
N ASN B 75 -16.14 -14.94 4.07
CA ASN B 75 -15.29 -16.02 4.52
C ASN B 75 -15.95 -16.92 5.55
N ALA B 76 -16.86 -16.35 6.33
CA ALA B 76 -17.55 -17.09 7.39
C ALA B 76 -18.75 -17.85 6.86
N GLY B 77 -19.07 -17.64 5.58
CA GLY B 77 -20.17 -18.34 4.96
C GLY B 77 -21.51 -17.66 5.19
N ILE B 78 -21.46 -16.44 5.72
CA ILE B 78 -22.68 -15.64 5.89
C ILE B 78 -23.19 -15.17 4.52
N PRO B 79 -24.52 -15.26 4.29
CA PRO B 79 -25.10 -14.96 2.97
C PRO B 79 -24.75 -13.57 2.46
N ASN B 80 -24.52 -13.48 1.14
CA ASN B 80 -24.09 -12.22 0.53
C ASN B 80 -25.11 -11.11 0.68
N SER B 81 -26.36 -11.48 0.93
CA SER B 81 -27.43 -10.50 1.08
C SER B 81 -27.33 -9.73 2.39
N VAL B 82 -26.56 -10.26 3.33
CA VAL B 82 -26.41 -9.61 4.65
C VAL B 82 -25.48 -8.42 4.51
N PRO B 83 -25.91 -7.25 4.99
CA PRO B 83 -25.02 -6.08 4.92
C PRO B 83 -23.92 -6.15 5.99
N SER B 84 -22.71 -5.75 5.64
CA SER B 84 -21.61 -5.72 6.60
C SER B 84 -20.92 -4.35 6.54
N TYR B 85 -20.48 -3.85 7.69
CA TYR B 85 -19.87 -2.54 7.82
C TYR B 85 -18.61 -2.60 8.63
N THR B 86 -17.58 -1.90 8.17
CA THR B 86 -16.32 -1.84 8.88
C THR B 86 -16.25 -0.51 9.62
N VAL B 87 -16.00 -0.58 10.91
CA VAL B 87 -15.95 0.63 11.71
C VAL B 87 -14.51 0.99 11.91
N ASN B 88 -14.13 2.16 11.41
CA ASN B 88 -12.83 2.73 11.73
C ASN B 88 -13.03 3.96 12.59
N LYS B 89 -13.04 3.74 13.90
CA LYS B 89 -13.07 4.81 14.87
C LYS B 89 -11.89 4.61 15.81
N LEU B 90 -10.73 4.31 15.22
CA LEU B 90 -9.49 4.17 15.98
C LEU B 90 -9.56 3.16 17.14
N CYS B 91 -9.07 3.62 18.30
CA CYS B 91 -8.97 2.74 19.47
CA CYS B 91 -8.97 2.80 19.52
C CYS B 91 -10.31 2.21 19.95
N GLY B 92 -11.39 2.91 19.64
CA GLY B 92 -12.70 2.51 20.13
C GLY B 92 -13.55 1.70 19.18
N SER B 93 -13.00 1.38 18.00
CA SER B 93 -13.76 0.73 16.94
C SER B 93 -14.49 -0.55 17.36
N GLY B 94 -13.83 -1.41 18.12
CA GLY B 94 -14.43 -2.68 18.53
C GLY B 94 -15.60 -2.53 19.48
N LEU B 95 -15.59 -1.49 20.31
CA LEU B 95 -16.69 -1.27 21.23
C LEU B 95 -17.80 -0.45 20.57
N LYS B 96 -17.41 0.51 19.74
CA LYS B 96 -18.39 1.25 18.93
C LYS B 96 -19.20 0.32 18.01
N SER B 97 -18.54 -0.70 17.46
CA SER B 97 -19.27 -1.71 16.66
C SER B 97 -20.39 -2.41 17.46
N VAL B 98 -20.11 -2.71 18.72
CA VAL B 98 -21.09 -3.36 19.59
C VAL B 98 -22.26 -2.40 19.84
N GLN B 99 -21.92 -1.14 20.10
CA GLN B 99 -22.91 -0.09 20.30
C GLN B 99 -23.81 0.07 19.08
N LEU B 100 -23.22 0.11 17.89
CA LEU B 100 -24.00 0.25 16.64
C LEU B 100 -24.90 -0.98 16.42
N ALA B 101 -24.36 -2.16 16.71
CA ALA B 101 -25.13 -3.39 16.62
C ALA B 101 -26.33 -3.29 17.56
N ALA B 102 -26.07 -2.87 18.80
CA ALA B 102 -27.14 -2.78 19.80
C ALA B 102 -28.24 -1.80 19.38
N GLN B 103 -27.85 -0.62 18.90
CA GLN B 103 -28.85 0.35 18.50
C GLN B 103 -29.64 -0.11 17.26
N SER B 104 -29.02 -0.91 16.40
CA SER B 104 -29.74 -1.48 15.24
C SER B 104 -30.78 -2.54 15.65
N ILE B 105 -30.62 -3.13 16.83
CA ILE B 105 -31.60 -4.08 17.36
C ILE B 105 -32.73 -3.34 18.08
N THR B 106 -32.35 -2.38 18.93
CA THR B 106 -33.33 -1.53 19.60
C THR B 106 -34.21 -0.74 18.62
N SER B 107 -33.65 -0.39 17.46
CA SER B 107 -34.40 0.33 16.42
C SER B 107 -35.43 -0.56 15.73
N GLY B 108 -35.30 -1.87 15.90
CA GLY B 108 -36.18 -2.81 15.23
C GLY B 108 -35.67 -3.19 13.86
N GLU B 109 -34.56 -2.59 13.45
CA GLU B 109 -34.00 -2.89 12.14
C GLU B 109 -33.52 -4.35 12.06
N ASN B 110 -32.87 -4.81 13.12
CA ASN B 110 -32.27 -6.15 13.15
C ASN B 110 -32.68 -6.95 14.38
N ASP B 111 -32.58 -8.28 14.29
CA ASP B 111 -32.83 -9.13 15.43
C ASP B 111 -31.55 -9.78 15.92
N VAL B 112 -30.63 -10.07 15.00
CA VAL B 112 -29.36 -10.74 15.31
C VAL B 112 -28.21 -10.04 14.59
N VAL B 113 -27.21 -9.58 15.35
CA VAL B 113 -26.07 -8.87 14.75
C VAL B 113 -24.75 -9.40 15.28
N ILE B 114 -23.82 -9.69 14.39
CA ILE B 114 -22.47 -10.04 14.77
C ILE B 114 -21.63 -8.75 14.81
N ALA B 115 -20.94 -8.54 15.93
CA ALA B 115 -20.13 -7.33 16.12
C ALA B 115 -18.79 -7.62 16.80
N GLY B 116 -17.78 -6.81 16.49
CA GLY B 116 -16.50 -6.95 17.13
C GLY B 116 -15.43 -6.10 16.46
N GLY B 117 -14.22 -6.62 16.43
CA GLY B 117 -13.11 -5.93 15.78
C GLY B 117 -11.95 -6.88 15.57
N THR B 118 -11.07 -6.47 14.68
CA THR B 118 -9.94 -7.28 14.34
C THR B 118 -8.83 -6.31 13.90
N GLU B 119 -7.58 -6.67 14.14
CA GLU B 119 -6.47 -5.85 13.67
C GLU B 119 -5.26 -6.73 13.53
N ASN B 120 -4.51 -6.55 12.46
CA ASN B 120 -3.19 -7.12 12.46
C ASN B 120 -2.22 -5.99 12.17
N MET B 121 -1.52 -5.57 13.21
CA MET B 121 -0.65 -4.42 13.07
C MET B 121 0.71 -4.85 12.56
N SER B 122 1.07 -6.12 12.78
CA SER B 122 2.33 -6.68 12.26
C SER B 122 2.43 -6.57 10.74
N GLN B 123 1.31 -6.81 10.07
CA GLN B 123 1.28 -6.83 8.60
C GLN B 123 1.16 -5.43 7.99
N ALA B 124 0.64 -4.49 8.78
CA ALA B 124 0.34 -3.15 8.30
C ALA B 124 1.49 -2.39 7.59
N PRO B 125 2.74 -2.48 8.10
CA PRO B 125 3.77 -1.71 7.40
C PRO B 125 3.96 -2.13 5.94
N TYR B 126 3.54 -3.35 5.61
CA TYR B 126 3.81 -3.97 4.32
C TYR B 126 2.69 -3.80 3.31
N ILE B 127 1.52 -3.39 3.77
CA ILE B 127 0.36 -3.33 2.89
C ILE B 127 -0.47 -2.07 3.06
N VAL B 128 -0.10 -1.21 3.99
CA VAL B 128 -0.89 -0.02 4.22
C VAL B 128 -0.08 1.21 3.82
N PRO B 129 -0.63 2.02 2.89
CA PRO B 129 -0.02 3.29 2.47
C PRO B 129 0.26 4.17 3.68
N THR B 130 1.29 4.97 3.55
CA THR B 130 1.81 5.79 4.61
C THR B 130 0.79 6.82 5.13
N ALA B 131 -0.01 7.40 4.23
CA ALA B 131 -1.07 8.32 4.62
C ALA B 131 -2.13 7.70 5.56
N ARG B 132 -2.26 6.37 5.53
CA ARG B 132 -3.23 5.68 6.39
C ARG B 132 -2.56 4.98 7.58
N PHE B 133 -1.25 4.81 7.49
CA PHE B 133 -0.47 4.06 8.46
C PHE B 133 -0.02 4.91 9.65
N GLY B 134 0.20 6.20 9.40
CA GLY B 134 0.71 7.08 10.43
C GLY B 134 0.35 8.52 10.21
N SER B 135 0.81 9.40 11.09
CA SER B 135 0.56 10.83 10.95
C SER B 135 1.87 11.58 10.94
N LYS B 136 1.86 12.79 10.39
CA LYS B 136 3.06 13.63 10.35
C LYS B 136 3.41 14.28 11.70
N MET B 137 4.69 14.29 12.01
CA MET B 137 5.21 14.96 13.19
C MET B 137 5.26 16.47 12.99
N GLY B 138 5.09 17.22 14.07
CA GLY B 138 5.12 18.67 14.02
C GLY B 138 3.91 19.26 13.30
N THR B 148 12.09 17.52 13.47
CA THR B 148 11.07 16.51 13.63
C THR B 148 9.79 16.86 12.89
N ASP B 149 9.91 17.10 11.60
CA ASP B 149 8.77 17.33 10.72
C ASP B 149 9.14 16.63 9.43
N GLY B 150 8.16 16.04 8.74
CA GLY B 150 8.45 15.24 7.56
C GLY B 150 8.80 13.82 7.99
N LEU B 151 8.62 13.58 9.27
CA LEU B 151 8.83 12.27 9.86
C LEU B 151 7.45 11.75 10.16
N ILE B 152 7.21 10.49 9.85
CA ILE B 152 5.92 9.87 10.02
C ILE B 152 5.83 9.08 11.33
N ASP B 153 4.80 9.35 12.10
CA ASP B 153 4.59 8.70 13.38
C ASP B 153 3.78 7.43 13.15
N ALA B 154 4.43 6.29 13.20
CA ALA B 154 3.76 5.04 12.93
C ALA B 154 2.69 4.75 13.96
N PHE B 155 1.49 4.48 13.48
CA PHE B 155 0.38 4.10 14.31
C PHE B 155 -0.01 5.26 15.23
N ASN B 156 0.55 6.43 14.99
CA ASN B 156 0.27 7.59 15.82
C ASN B 156 0.69 7.39 17.25
N GLN B 157 1.64 6.50 17.48
CA GLN B 157 2.01 6.18 18.84
C GLN B 157 2.77 7.31 19.54
N TYR B 158 3.53 8.09 18.79
CA TYR B 158 4.28 9.17 19.41
C TYR B 158 3.33 10.27 19.85
N HIS B 159 2.34 10.58 19.00
CA HIS B 159 1.34 11.58 19.33
C HIS B 159 0.57 11.19 20.60
N MET B 160 0.16 9.93 20.70
CA MET B 160 -0.58 9.46 21.87
C MET B 160 0.28 9.41 23.12
N GLY B 161 1.56 9.07 22.92
CA GLY B 161 2.53 9.04 24.01
C GLY B 161 2.71 10.42 24.60
N ILE B 162 2.76 11.44 23.75
CA ILE B 162 2.87 12.81 24.23
C ILE B 162 1.61 13.24 24.96
N THR B 163 0.46 12.85 24.43
CA THR B 163 -0.82 13.08 25.11
C THR B 163 -0.80 12.44 26.50
N ALA B 164 -0.27 11.23 26.61
CA ALA B 164 -0.13 10.56 27.90
C ALA B 164 0.81 11.30 28.87
N GLU B 165 1.94 11.80 28.36
CA GLU B 165 2.85 12.59 29.16
C GLU B 165 2.19 13.84 29.71
N ASN B 166 1.35 14.47 28.90
CA ASN B 166 0.65 15.67 29.32
C ASN B 166 -0.37 15.38 30.43
N ILE B 167 -1.02 14.23 30.36
CA ILE B 167 -1.91 13.82 31.45
C ILE B 167 -1.11 13.60 32.71
N ALA B 168 0.02 12.90 32.58
CA ALA B 168 0.91 12.66 33.72
C ALA B 168 1.36 13.97 34.38
N THR B 169 1.69 14.97 33.57
CA THR B 169 2.05 16.29 34.09
C THR B 169 0.86 16.96 34.76
N LYS B 170 -0.26 17.03 34.05
CA LYS B 170 -1.46 17.70 34.57
C LYS B 170 -1.93 17.11 35.91
N PHE B 171 -1.88 15.79 36.03
CA PHE B 171 -2.39 15.10 37.21
C PHE B 171 -1.30 14.74 38.22
N GLU B 172 -0.06 15.06 37.90
CA GLU B 172 1.08 14.73 38.76
C GLU B 172 1.18 13.22 39.03
N PHE B 173 1.12 12.44 37.95
CA PHE B 173 1.39 11.02 38.04
C PHE B 173 2.89 10.79 37.80
N THR B 174 3.57 10.29 38.81
CA THR B 174 5.00 10.09 38.71
C THR B 174 5.34 8.85 37.90
N ARG B 175 6.63 8.74 37.56
CA ARG B 175 7.16 7.55 36.91
C ARG B 175 6.88 6.33 37.77
N GLU B 176 7.07 6.49 39.07
CA GLU B 176 6.90 5.40 40.01
C GLU B 176 5.44 4.90 40.09
N MET B 177 4.48 5.82 40.05
CA MET B 177 3.06 5.49 40.05
C MET B 177 2.65 4.76 38.79
N GLN B 178 3.21 5.19 37.66
CA GLN B 178 2.91 4.56 36.39
C GLN B 178 3.46 3.15 36.31
N ASP B 179 4.71 2.98 36.76
CA ASP B 179 5.32 1.65 36.80
C ASP B 179 4.60 0.70 37.76
N LYS B 180 4.08 1.22 38.87
CA LYS B 180 3.35 0.36 39.80
C LYS B 180 2.08 -0.18 39.15
N LEU B 181 1.35 0.68 38.44
CA LEU B 181 0.17 0.23 37.70
C LEU B 181 0.54 -0.81 36.64
N ALA B 182 1.62 -0.53 35.92
CA ALA B 182 2.09 -1.44 34.88
C ALA B 182 2.50 -2.79 35.45
N LEU B 183 3.19 -2.74 36.59
CA LEU B 183 3.59 -3.96 37.28
C LEU B 183 2.34 -4.77 37.71
N GLU B 184 1.34 -4.11 38.28
CA GLU B 184 0.12 -4.83 38.72
C GLU B 184 -0.56 -5.52 37.55
N SER B 185 -0.63 -4.80 36.43
CA SER B 185 -1.19 -5.34 35.19
C SER B 185 -0.48 -6.60 34.73
N GLN B 186 0.85 -6.54 34.68
CA GLN B 186 1.65 -7.69 34.26
C GLN B 186 1.44 -8.87 35.21
N ASN B 187 1.58 -8.62 36.51
CA ASN B 187 1.42 -9.69 37.50
C ASN B 187 0.00 -10.28 37.53
N LYS B 188 -1.01 -9.45 37.33
CA LYS B 188 -2.39 -9.90 37.20
C LYS B 188 -2.60 -10.81 35.98
N ALA B 189 -2.10 -10.40 34.82
CA ALA B 189 -2.16 -11.22 33.63
C ALA B 189 -1.44 -12.56 33.85
N GLU B 190 -0.25 -12.50 34.46
CA GLU B 190 0.52 -13.72 34.68
C GLU B 190 -0.25 -14.74 35.52
N ASN B 191 -0.83 -14.28 36.63
CA ASN B 191 -1.58 -15.18 37.48
C ASN B 191 -2.85 -15.69 36.83
N ALA B 192 -3.53 -14.82 36.08
CA ALA B 192 -4.70 -15.24 35.31
C ALA B 192 -4.31 -16.37 34.35
N ILE B 193 -3.22 -16.16 33.59
CA ILE B 193 -2.76 -17.17 32.65
C ILE B 193 -2.36 -18.46 33.35
N LYS B 194 -1.66 -18.36 34.48
CA LYS B 194 -1.29 -19.55 35.25
C LYS B 194 -2.53 -20.36 35.67
N ASN B 195 -3.63 -19.66 35.89
CA ASN B 195 -4.88 -20.30 36.28
C ASN B 195 -5.85 -20.56 35.11
N ASN B 196 -5.32 -20.53 33.89
CA ASN B 196 -6.12 -20.72 32.68
C ASN B 196 -7.40 -19.89 32.64
N ARG B 197 -7.33 -18.66 33.18
CA ARG B 197 -8.51 -17.82 33.29
C ARG B 197 -9.12 -17.45 31.94
N PHE B 198 -8.30 -17.33 30.91
CA PHE B 198 -8.79 -16.91 29.60
C PHE B 198 -9.26 -18.07 28.72
N LYS B 199 -9.10 -19.29 29.21
CA LYS B 199 -9.41 -20.47 28.41
C LYS B 199 -10.80 -20.45 27.81
N GLU B 200 -11.79 -20.07 28.63
CA GLU B 200 -13.18 -20.05 28.16
C GLU B 200 -13.39 -19.08 26.98
N GLU B 201 -12.77 -17.91 27.07
CA GLU B 201 -13.02 -16.86 26.07
C GLU B 201 -12.16 -17.00 24.82
N ILE B 202 -11.05 -17.71 24.91
CA ILE B 202 -10.12 -17.79 23.77
C ILE B 202 -10.55 -18.84 22.75
N VAL B 203 -10.51 -18.49 21.46
CA VAL B 203 -10.51 -19.50 20.41
C VAL B 203 -9.08 -19.70 19.89
N PRO B 204 -8.57 -20.93 19.97
CA PRO B 204 -7.19 -21.15 19.50
C PRO B 204 -7.08 -20.94 17.99
N VAL B 205 -5.93 -20.46 17.55
CA VAL B 205 -5.73 -20.11 16.16
C VAL B 205 -4.67 -21.02 15.53
N ASP B 206 -5.05 -21.70 14.46
CA ASP B 206 -4.14 -22.57 13.73
C ASP B 206 -3.44 -21.71 12.69
N VAL B 207 -2.12 -21.66 12.74
CA VAL B 207 -1.42 -20.93 11.70
C VAL B 207 -1.29 -21.77 10.41
N LEU B 208 -1.87 -21.29 9.31
CA LEU B 208 -1.84 -22.00 8.03
C LEU B 208 -1.00 -21.32 6.95
N ILE B 209 -0.29 -22.14 6.16
CA ILE B 209 0.37 -21.68 4.93
C ILE B 209 -0.13 -22.53 3.76
N ARG B 210 -0.87 -21.91 2.85
CA ARG B 210 -1.54 -22.62 1.75
C ARG B 210 -2.36 -23.81 2.29
N ARG B 211 -3.13 -23.53 3.33
CA ARG B 211 -4.03 -24.49 3.99
C ARG B 211 -3.33 -25.70 4.65
N GLY B 212 -2.02 -25.61 4.84
CA GLY B 212 -1.29 -26.58 5.65
C GLY B 212 -0.96 -25.99 7.02
N LYS B 213 -1.34 -26.69 8.07
CA LYS B 213 -1.12 -26.21 9.44
C LYS B 213 0.36 -26.21 9.82
N ILE B 214 0.85 -25.06 10.30
CA ILE B 214 2.21 -25.01 10.83
C ILE B 214 2.25 -25.05 12.37
N GLU B 215 1.25 -24.44 13.04
CA GLU B 215 1.18 -24.40 14.51
C GLU B 215 -0.19 -23.97 15.09
N THR B 216 -0.40 -24.27 16.37
CA THR B 216 -1.65 -23.89 17.06
C THR B 216 -1.40 -22.94 18.24
N ILE B 217 -1.94 -21.73 18.15
CA ILE B 217 -1.75 -20.72 19.18
C ILE B 217 -2.96 -20.62 20.11
N ASP B 218 -2.79 -20.94 21.38
CA ASP B 218 -3.90 -20.81 22.34
C ASP B 218 -3.57 -19.93 23.54
N LYS B 219 -2.39 -19.32 23.54
CA LYS B 219 -1.96 -18.48 24.66
C LYS B 219 -1.57 -17.09 24.17
N ASP B 220 -1.93 -16.07 24.95
CA ASP B 220 -1.52 -14.69 24.66
C ASP B 220 0.01 -14.60 24.70
N GLU B 221 0.58 -13.90 23.71
CA GLU B 221 2.03 -13.87 23.52
C GLU B 221 2.70 -12.71 24.28
N TYR B 222 1.98 -11.61 24.44
CA TYR B 222 2.58 -10.36 24.89
C TYR B 222 2.93 -10.21 26.39
N PRO B 223 2.21 -10.91 27.30
CA PRO B 223 2.61 -10.68 28.70
C PRO B 223 4.08 -11.01 29.02
N LYS B 224 4.68 -10.19 29.87
CA LYS B 224 6.08 -10.37 30.28
C LYS B 224 6.11 -11.03 31.66
N LEU B 225 6.31 -12.34 31.66
CA LEU B 225 6.21 -13.10 32.89
C LEU B 225 7.37 -12.83 33.85
N GLY B 226 7.09 -12.89 35.14
CA GLY B 226 8.11 -12.68 36.16
C GLY B 226 8.55 -11.23 36.31
N MET B 227 7.73 -10.30 35.83
CA MET B 227 8.09 -8.89 35.91
C MET B 227 8.19 -8.42 37.34
N THR B 228 9.22 -7.63 37.63
CA THR B 228 9.42 -7.00 38.93
C THR B 228 9.45 -5.50 38.72
N PHE B 229 9.34 -4.75 39.81
CA PHE B 229 9.31 -3.30 39.73
C PHE B 229 10.61 -2.75 39.14
N GLU B 230 11.74 -3.34 39.54
CA GLU B 230 13.05 -2.97 39.01
C GLU B 230 13.11 -3.20 37.49
N GLY B 231 12.37 -4.18 37.00
CA GLY B 231 12.34 -4.46 35.56
C GLY B 231 11.74 -3.30 34.78
N LEU B 232 10.88 -2.53 35.45
CA LEU B 232 10.25 -1.37 34.83
C LEU B 232 11.01 -0.07 35.10
N SER B 233 11.59 0.03 36.30
CA SER B 233 12.25 1.27 36.68
C SER B 233 13.53 1.51 35.88
N LYS B 234 14.06 0.46 35.28
CA LYS B 234 15.33 0.55 34.57
C LYS B 234 15.17 1.06 33.12
N LEU B 235 13.93 1.11 32.64
CA LEU B 235 13.67 1.54 31.27
C LEU B 235 13.79 3.05 31.11
N LYS B 236 14.03 3.49 29.87
CA LYS B 236 14.17 4.90 29.56
C LYS B 236 12.89 5.43 28.94
N PRO B 237 12.63 6.73 29.09
CA PRO B 237 11.40 7.28 28.50
C PRO B 237 11.37 7.10 27.00
N ALA B 238 10.17 7.00 26.44
CA ALA B 238 10.02 6.64 25.05
C ALA B 238 9.67 7.84 24.16
N PHE B 239 9.16 8.91 24.76
CA PHE B 239 8.59 9.99 23.96
C PHE B 239 9.11 11.38 24.33
N LYS B 240 9.42 11.59 25.60
CA LYS B 240 9.98 12.85 26.05
C LYS B 240 11.27 12.57 26.80
N LYS B 241 12.31 13.34 26.46
CA LYS B 241 13.54 13.28 27.22
C LYS B 241 13.19 13.64 28.65
N ASP B 242 13.72 12.89 29.60
CA ASP B 242 13.31 13.04 31.00
C ASP B 242 11.79 12.94 31.19
N GLY B 243 11.12 12.18 30.32
CA GLY B 243 9.69 11.96 30.45
C GLY B 243 9.41 10.83 31.44
N THR B 244 8.14 10.43 31.55
CA THR B 244 7.76 9.37 32.49
C THR B 244 7.17 8.15 31.78
N VAL B 245 6.73 8.33 30.54
CA VAL B 245 6.14 7.24 29.77
C VAL B 245 7.23 6.40 29.10
N THR B 246 7.20 5.09 29.35
CA THR B 246 8.16 4.17 28.74
C THR B 246 7.44 3.07 27.98
N ALA B 247 8.20 2.20 27.35
CA ALA B 247 7.62 1.03 26.68
C ALA B 247 7.06 0.03 27.71
N GLY B 248 7.48 0.16 28.97
CA GLY B 248 7.05 -0.74 30.02
C GLY B 248 5.74 -0.32 30.65
N ASN B 249 5.42 0.96 30.59
CA ASN B 249 4.20 1.44 31.21
C ASN B 249 3.19 1.95 30.20
N ALA B 250 3.33 1.45 28.97
CA ALA B 250 2.40 1.70 27.90
C ALA B 250 2.15 0.37 27.25
N SER B 251 1.04 0.23 26.53
CA SER B 251 0.78 -1.04 25.88
C SER B 251 1.63 -1.13 24.61
N GLY B 252 1.44 -2.20 23.85
CA GLY B 252 2.24 -2.43 22.66
C GLY B 252 1.52 -2.26 21.34
N ILE B 253 2.10 -2.86 20.30
CA ILE B 253 1.51 -2.90 18.97
C ILE B 253 1.21 -4.37 18.80
N ASN B 254 -0.04 -4.72 18.48
CA ASN B 254 -0.46 -6.10 18.62
C ASN B 254 -1.46 -6.56 17.57
N ASP B 255 -1.64 -7.87 17.50
CA ASP B 255 -2.50 -8.54 16.54
C ASP B 255 -3.57 -9.38 17.26
N GLY B 256 -4.82 -9.27 16.85
CA GLY B 256 -5.88 -10.11 17.44
C GLY B 256 -7.27 -9.72 17.00
N ALA B 257 -8.26 -10.56 17.32
CA ALA B 257 -9.65 -10.26 17.02
C ALA B 257 -10.56 -10.68 18.17
N ALA B 258 -11.75 -10.07 18.23
CA ALA B 258 -12.73 -10.38 19.25
C ALA B 258 -14.11 -10.14 18.66
N MET B 259 -15.02 -11.10 18.86
CA MET B 259 -16.36 -11.03 18.28
C MET B 259 -17.47 -11.37 19.29
N LEU B 260 -18.58 -10.66 19.18
CA LEU B 260 -19.74 -10.91 20.01
C LEU B 260 -20.99 -11.02 19.14
N ILE B 261 -21.95 -11.79 19.63
CA ILE B 261 -23.22 -11.90 18.93
C ILE B 261 -24.29 -11.28 19.80
N LEU B 262 -25.01 -10.34 19.23
CA LEU B 262 -26.07 -9.64 19.95
C LEU B 262 -27.41 -10.04 19.39
N MET B 263 -28.42 -10.12 20.25
CA MET B 263 -29.78 -10.43 19.81
C MET B 263 -30.73 -9.67 20.69
N SER B 264 -31.97 -9.52 20.25
CA SER B 264 -33.02 -9.07 21.13
C SER B 264 -33.27 -10.21 22.13
N GLN B 265 -33.80 -9.87 23.29
CA GLN B 265 -34.11 -10.89 24.30
C GLN B 265 -35.11 -11.91 23.74
N GLN B 266 -36.10 -11.41 23.01
CA GLN B 266 -37.13 -12.27 22.43
C GLN B 266 -36.53 -13.28 21.45
N LYS B 267 -35.63 -12.81 20.60
CA LYS B 267 -34.95 -13.68 19.65
C LYS B 267 -34.14 -14.76 20.35
N ALA B 268 -33.36 -14.38 21.36
CA ALA B 268 -32.58 -15.33 22.15
C ALA B 268 -33.46 -16.41 22.79
N ASP B 269 -34.61 -15.99 23.31
CA ASP B 269 -35.56 -16.90 23.93
C ASP B 269 -36.13 -17.89 22.90
N GLU B 270 -36.49 -17.37 21.73
CA GLU B 270 -37.03 -18.21 20.68
C GLU B 270 -36.00 -19.24 20.23
N LEU B 271 -34.73 -18.83 20.19
CA LEU B 271 -33.66 -19.72 19.77
C LEU B 271 -33.15 -20.66 20.88
N GLY B 272 -33.66 -20.49 22.09
CA GLY B 272 -33.20 -21.30 23.21
C GLY B 272 -31.74 -21.04 23.59
N ILE B 273 -31.30 -19.80 23.40
CA ILE B 273 -29.93 -19.42 23.69
C ILE B 273 -29.86 -18.52 24.94
N ARG B 274 -29.16 -18.99 25.97
CA ARG B 274 -29.03 -18.20 27.19
C ARG B 274 -28.07 -17.02 27.02
N PRO B 275 -28.49 -15.82 27.41
CA PRO B 275 -27.60 -14.65 27.32
C PRO B 275 -26.41 -14.78 28.26
N LEU B 276 -25.25 -14.26 27.86
CA LEU B 276 -24.11 -14.10 28.75
C LEU B 276 -24.26 -12.79 29.52
N ALA B 277 -24.87 -11.81 28.88
CA ALA B 277 -25.05 -10.51 29.52
C ALA B 277 -26.12 -9.70 28.80
N LYS B 278 -26.62 -8.67 29.48
CA LYS B 278 -27.55 -7.71 28.91
C LYS B 278 -26.87 -6.35 28.83
N ILE B 279 -27.10 -5.62 27.74
CA ILE B 279 -26.56 -4.28 27.64
C ILE B 279 -27.54 -3.34 28.31
N LYS B 280 -27.08 -2.64 29.34
CA LYS B 280 -27.97 -1.78 30.11
C LYS B 280 -27.92 -0.32 29.65
N SER B 281 -26.77 0.12 29.18
CA SER B 281 -26.62 1.48 28.67
C SER B 281 -25.28 1.64 27.97
N TYR B 282 -25.14 2.71 27.20
CA TYR B 282 -23.85 3.09 26.63
C TYR B 282 -23.89 4.58 26.40
N ALA B 283 -22.72 5.19 26.23
CA ALA B 283 -22.66 6.63 25.94
C ALA B 283 -21.32 6.97 25.34
N SER B 284 -21.26 8.13 24.68
CA SER B 284 -20.03 8.70 24.17
C SER B 284 -19.97 10.15 24.58
N ALA B 285 -18.77 10.69 24.60
CA ALA B 285 -18.58 12.06 25.06
C ALA B 285 -17.25 12.59 24.56
N GLY B 286 -17.19 13.88 24.32
CA GLY B 286 -15.93 14.52 23.98
C GLY B 286 -15.32 15.17 25.20
N VAL B 287 -14.06 15.56 25.11
CA VAL B 287 -13.37 16.20 26.23
C VAL B 287 -12.80 17.53 25.77
N GLU B 288 -12.43 18.37 26.74
CA GLU B 288 -11.75 19.62 26.46
C GLU B 288 -10.33 19.36 25.98
N PRO B 289 -9.80 20.24 25.11
CA PRO B 289 -8.46 20.05 24.57
C PRO B 289 -7.33 20.01 25.63
N GLU B 290 -7.56 20.62 26.78
CA GLU B 290 -6.57 20.59 27.86
C GLU B 290 -6.42 19.20 28.48
N VAL B 291 -7.45 18.36 28.37
CA VAL B 291 -7.39 17.02 28.93
C VAL B 291 -7.62 15.95 27.86
N MET B 292 -6.88 16.07 26.76
CA MET B 292 -6.91 15.10 25.69
C MET B 292 -6.58 13.70 26.21
N GLY B 293 -7.27 12.71 25.67
CA GLY B 293 -7.01 11.33 26.06
C GLY B 293 -7.82 10.85 27.26
N THR B 294 -8.60 11.73 27.86
CA THR B 294 -9.39 11.40 29.06
C THR B 294 -10.86 11.03 28.77
N GLY B 295 -11.18 10.78 27.50
CA GLY B 295 -12.54 10.42 27.09
C GLY B 295 -13.36 9.44 27.94
N PRO B 296 -12.75 8.35 28.41
CA PRO B 296 -13.50 7.37 29.21
C PRO B 296 -14.19 7.95 30.45
N ILE B 297 -13.66 9.03 30.99
CA ILE B 297 -14.22 9.65 32.19
C ILE B 297 -15.61 10.26 31.94
N PRO B 298 -15.73 11.27 31.07
CA PRO B 298 -17.10 11.76 30.90
C PRO B 298 -18.02 10.74 30.22
N ALA B 299 -17.47 9.87 29.38
CA ALA B 299 -18.29 8.84 28.74
C ALA B 299 -18.90 7.92 29.78
N THR B 300 -18.09 7.54 30.77
CA THR B 300 -18.55 6.60 31.79
C THR B 300 -19.59 7.25 32.72
N ARG B 301 -19.35 8.49 33.11
CA ARG B 301 -20.32 9.21 33.91
C ARG B 301 -21.65 9.32 33.18
N LYS B 302 -21.58 9.58 31.87
CA LYS B 302 -22.77 9.71 31.04
C LYS B 302 -23.53 8.38 30.93
N ALA B 303 -22.79 7.30 30.69
CA ALA B 303 -23.39 5.97 30.60
C ALA B 303 -23.99 5.52 31.94
N LEU B 304 -23.30 5.81 33.04
CA LEU B 304 -23.82 5.46 34.36
C LEU B 304 -25.11 6.21 34.68
N LYS B 305 -25.16 7.49 34.33
CA LYS B 305 -26.37 8.26 34.55
C LYS B 305 -27.55 7.70 33.74
N LYS B 306 -27.27 7.25 32.52
CA LYS B 306 -28.31 6.62 31.70
C LYS B 306 -28.77 5.29 32.30
N ALA B 307 -27.86 4.58 32.96
CA ALA B 307 -28.23 3.31 33.58
C ALA B 307 -28.92 3.50 34.95
N GLY B 308 -28.83 4.70 35.50
CA GLY B 308 -29.38 4.95 36.83
C GLY B 308 -28.50 4.31 37.89
N LEU B 309 -27.21 4.26 37.61
CA LEU B 309 -26.25 3.65 38.53
C LEU B 309 -25.13 4.61 38.87
N SER B 310 -24.37 4.26 39.90
CA SER B 310 -23.14 4.97 40.22
C SER B 310 -22.03 3.96 40.17
N ILE B 311 -20.79 4.44 40.22
CA ILE B 311 -19.63 3.57 40.05
C ILE B 311 -19.56 2.48 41.12
N ASN B 312 -20.08 2.77 42.30
CA ASN B 312 -20.13 1.78 43.38
C ASN B 312 -21.09 0.63 43.10
N ASP B 313 -22.02 0.82 42.16
CA ASP B 313 -22.95 -0.24 41.75
C ASP B 313 -22.35 -1.21 40.74
N ILE B 314 -21.17 -0.88 40.23
CA ILE B 314 -20.52 -1.70 39.21
C ILE B 314 -19.59 -2.69 39.90
N ASP B 315 -19.71 -3.97 39.57
CA ASP B 315 -18.86 -4.98 40.21
C ASP B 315 -17.47 -5.11 39.57
N LEU B 316 -17.38 -4.98 38.25
CA LEU B 316 -16.11 -5.09 37.53
C LEU B 316 -16.00 -4.05 36.42
N ILE B 317 -14.80 -3.50 36.25
CA ILE B 317 -14.54 -2.52 35.20
C ILE B 317 -13.36 -2.96 34.35
N GLU B 318 -13.52 -2.86 33.03
CA GLU B 318 -12.41 -3.01 32.10
C GLU B 318 -12.26 -1.66 31.45
N ALA B 319 -11.16 -0.99 31.76
CA ALA B 319 -10.79 0.27 31.13
C ALA B 319 -9.50 0.04 30.38
N ASN B 320 -9.52 0.17 29.06
CA ASN B 320 -8.37 -0.25 28.28
C ASN B 320 -7.10 0.54 28.69
N GLU B 321 -5.99 -0.17 28.78
CA GLU B 321 -4.75 0.39 29.33
C GLU B 321 -3.76 0.69 28.23
N ALA B 322 -4.02 1.72 27.43
CA ALA B 322 -3.05 2.10 26.41
C ALA B 322 -1.80 2.70 27.07
N PHE B 323 -2.04 3.54 28.08
CA PHE B 323 -0.97 4.17 28.89
C PHE B 323 -1.32 4.15 30.38
N ALA B 324 -0.37 3.72 31.21
CA ALA B 324 -0.54 3.76 32.66
C ALA B 324 -0.95 5.16 33.13
N ALA B 325 -0.32 6.18 32.54
CA ALA B 325 -0.67 7.58 32.87
C ALA B 325 -2.17 7.86 32.70
N GLN B 326 -2.72 7.45 31.56
CA GLN B 326 -4.15 7.63 31.30
C GLN B 326 -5.03 6.73 32.18
N ALA B 327 -4.59 5.50 32.42
CA ALA B 327 -5.36 4.58 33.27
C ALA B 327 -5.48 5.12 34.70
N LEU B 328 -4.40 5.72 35.20
CA LEU B 328 -4.41 6.32 36.52
C LEU B 328 -5.45 7.43 36.60
N ALA B 329 -5.57 8.22 35.54
CA ALA B 329 -6.54 9.31 35.50
C ALA B 329 -7.97 8.77 35.54
N VAL B 330 -8.22 7.74 34.74
CA VAL B 330 -9.54 7.14 34.68
C VAL B 330 -9.92 6.58 36.05
N LYS B 331 -9.02 5.76 36.62
CA LYS B 331 -9.24 5.16 37.93
C LYS B 331 -9.52 6.20 39.00
N ASN B 332 -8.67 7.22 39.07
CA ASN B 332 -8.81 8.24 40.09
C ASN B 332 -10.00 9.19 39.91
N GLU B 333 -10.25 9.64 38.69
CA GLU B 333 -11.35 10.57 38.46
C GLU B 333 -12.73 9.93 38.62
N LEU B 334 -12.84 8.66 38.24
CA LEU B 334 -14.10 7.91 38.45
C LEU B 334 -14.19 7.28 39.85
N GLN B 335 -13.12 7.39 40.63
CA GLN B 335 -13.05 6.81 41.97
C GLN B 335 -13.35 5.30 41.96
N ILE B 336 -12.63 4.59 41.10
CA ILE B 336 -12.77 3.15 40.95
C ILE B 336 -11.87 2.39 41.93
N ASP B 337 -12.44 1.43 42.65
CA ASP B 337 -11.68 0.55 43.53
C ASP B 337 -10.73 -0.28 42.69
N SER B 338 -9.44 -0.23 43.01
CA SER B 338 -8.42 -0.92 42.20
C SER B 338 -8.68 -2.41 42.06
N SER B 339 -9.38 -2.98 43.04
CA SER B 339 -9.65 -4.41 43.04
C SER B 339 -10.77 -4.81 42.07
N LYS B 340 -11.46 -3.82 41.51
CA LYS B 340 -12.55 -4.08 40.57
C LYS B 340 -12.10 -3.83 39.13
N LEU B 341 -10.89 -3.29 38.99
CA LEU B 341 -10.41 -2.76 37.70
C LEU B 341 -9.37 -3.65 37.00
N ASN B 342 -9.69 -4.04 35.76
CA ASN B 342 -8.80 -4.86 34.92
C ASN B 342 -8.24 -6.05 35.68
N VAL B 343 -9.11 -6.86 36.30
CA VAL B 343 -8.68 -7.83 37.30
C VAL B 343 -7.86 -8.99 36.75
N ASN B 344 -7.97 -9.26 35.45
CA ASN B 344 -7.14 -10.30 34.84
C ASN B 344 -5.93 -9.72 34.08
N GLY B 345 -5.65 -8.45 34.33
CA GLY B 345 -4.61 -7.77 33.58
C GLY B 345 -5.22 -6.85 32.54
N GLY B 346 -4.49 -5.80 32.17
CA GLY B 346 -4.94 -4.87 31.15
C GLY B 346 -4.00 -4.88 29.95
N ALA B 347 -4.28 -4.02 28.99
CA ALA B 347 -3.55 -3.99 27.73
C ALA B 347 -2.01 -3.80 27.85
N ILE B 348 -1.53 -3.25 28.96
CA ILE B 348 -0.09 -3.09 29.15
C ILE B 348 0.57 -4.47 29.09
N ALA B 349 -0.10 -5.45 29.69
CA ALA B 349 0.36 -6.85 29.69
C ALA B 349 -0.15 -7.63 28.49
N LEU B 350 -1.43 -7.45 28.15
CA LEU B 350 -2.10 -8.33 27.20
C LEU B 350 -1.96 -7.89 25.74
N GLY B 351 -1.68 -6.61 25.52
CA GLY B 351 -1.56 -6.10 24.17
C GLY B 351 -2.75 -5.28 23.70
N HIS B 352 -2.54 -4.52 22.62
CA HIS B 352 -3.54 -3.56 22.19
C HIS B 352 -3.72 -3.61 20.66
N PRO B 353 -4.43 -4.62 20.13
CA PRO B 353 -4.71 -4.63 18.68
C PRO B 353 -5.80 -3.60 18.39
N ILE B 354 -5.44 -2.45 17.80
CA ILE B 354 -6.26 -1.25 17.97
C ILE B 354 -7.74 -1.41 17.56
N GLY B 355 -7.98 -2.02 16.41
CA GLY B 355 -9.36 -2.22 15.96
C GLY B 355 -10.16 -3.21 16.81
N ALA B 356 -9.47 -4.08 17.53
CA ALA B 356 -10.09 -5.17 18.29
C ALA B 356 -10.29 -4.88 19.78
N SER B 357 -9.49 -3.99 20.34
CA SER B 357 -9.43 -3.83 21.79
C SER B 357 -10.75 -3.50 22.50
N GLY B 358 -11.57 -2.63 21.92
CA GLY B 358 -12.85 -2.31 22.54
C GLY B 358 -13.75 -3.52 22.71
N ALA B 359 -13.72 -4.40 21.72
CA ALA B 359 -14.50 -5.64 21.77
C ALA B 359 -13.82 -6.66 22.67
N ARG B 360 -12.48 -6.69 22.61
CA ARG B 360 -11.69 -7.61 23.44
C ARG B 360 -11.94 -7.39 24.95
N ILE B 361 -11.90 -6.14 25.39
CA ILE B 361 -12.09 -5.90 26.82
C ILE B 361 -13.50 -6.27 27.27
N LEU B 362 -14.47 -6.11 26.37
CA LEU B 362 -15.85 -6.48 26.68
C LEU B 362 -16.01 -7.99 26.85
N VAL B 363 -15.32 -8.74 25.97
CA VAL B 363 -15.27 -10.19 26.05
C VAL B 363 -14.66 -10.63 27.41
N THR B 364 -13.51 -10.06 27.74
CA THR B 364 -12.83 -10.38 28.98
C THR B 364 -13.71 -10.04 30.20
N LEU B 365 -14.39 -8.91 30.15
CA LEU B 365 -15.28 -8.48 31.23
C LEU B 365 -16.40 -9.50 31.47
N ILE B 366 -17.09 -9.87 30.40
CA ILE B 366 -18.24 -10.75 30.47
C ILE B 366 -17.87 -12.12 31.05
N TYR B 367 -16.76 -12.70 30.63
CA TYR B 367 -16.40 -14.01 31.17
C TYR B 367 -16.02 -13.93 32.64
N GLU B 368 -15.40 -12.83 33.04
CA GLU B 368 -15.01 -12.70 34.45
C GLU B 368 -16.20 -12.43 35.36
N MET B 369 -17.15 -11.62 34.89
CA MET B 369 -18.39 -11.42 35.64
C MET B 369 -19.07 -12.78 35.91
N GLN B 370 -19.04 -13.64 34.89
CA GLN B 370 -19.68 -14.95 34.97
C GLN B 370 -18.95 -15.87 35.95
N LYS B 371 -17.62 -15.91 35.85
CA LYS B 371 -16.82 -16.71 36.78
C LYS B 371 -17.02 -16.26 38.22
N ARG B 372 -17.09 -14.95 38.42
CA ARG B 372 -17.25 -14.43 39.78
C ARG B 372 -18.70 -14.45 40.23
N LYS B 373 -19.60 -14.73 39.29
CA LYS B 373 -21.04 -14.65 39.56
C LYS B 373 -21.42 -13.30 40.18
N VAL B 374 -21.00 -12.20 39.54
CA VAL B 374 -21.43 -10.88 39.99
C VAL B 374 -22.47 -10.32 39.04
N GLU B 375 -23.01 -9.15 39.34
CA GLU B 375 -24.16 -8.66 38.57
C GLU B 375 -23.89 -7.64 37.48
N THR B 376 -22.92 -6.75 37.68
CA THR B 376 -22.81 -5.61 36.78
C THR B 376 -21.37 -5.37 36.34
N GLY B 377 -21.19 -4.85 35.14
CA GLY B 377 -19.84 -4.59 34.65
C GLY B 377 -19.84 -3.39 33.75
N LEU B 378 -18.68 -2.79 33.53
CA LEU B 378 -18.61 -1.79 32.49
C LEU B 378 -17.28 -1.83 31.72
N ALA B 379 -17.37 -1.46 30.45
CA ALA B 379 -16.21 -1.45 29.57
C ALA B 379 -16.10 -0.04 29.01
N THR B 380 -14.89 0.50 28.95
CA THR B 380 -14.72 1.85 28.45
C THR B 380 -13.30 2.08 27.89
N LEU B 381 -13.21 2.94 26.87
CA LEU B 381 -11.91 3.29 26.29
C LEU B 381 -12.06 4.50 25.38
N CYS B 382 -10.96 4.96 24.79
CA CYS B 382 -11.01 6.14 23.95
C CYS B 382 -11.65 5.80 22.62
N ILE B 383 -12.22 6.81 21.96
CA ILE B 383 -12.66 6.63 20.58
C ILE B 383 -12.12 7.83 19.79
N GLY B 384 -10.78 7.91 19.77
CA GLY B 384 -10.07 9.09 19.32
C GLY B 384 -9.49 9.82 20.52
N GLY B 385 -8.52 10.69 20.29
CA GLY B 385 -7.91 11.43 21.37
C GLY B 385 -8.88 12.36 22.06
N GLY B 386 -9.87 12.82 21.32
CA GLY B 386 -10.79 13.81 21.87
C GLY B 386 -12.07 13.23 22.42
N GLN B 387 -12.21 11.91 22.39
CA GLN B 387 -13.50 11.30 22.72
C GLN B 387 -13.41 9.96 23.46
N GLY B 388 -14.48 9.59 24.16
CA GLY B 388 -14.50 8.29 24.79
C GLY B 388 -15.86 7.58 24.62
N ILE B 389 -15.84 6.28 24.86
CA ILE B 389 -17.05 5.48 24.77
C ILE B 389 -17.10 4.50 25.94
N SER B 390 -18.31 4.23 26.42
CA SER B 390 -18.50 3.45 27.64
C SER B 390 -19.77 2.63 27.50
N MET B 391 -19.76 1.41 28.04
CA MET B 391 -20.92 0.52 27.96
C MET B 391 -21.11 -0.21 29.30
N VAL B 392 -22.33 -0.17 29.83
CA VAL B 392 -22.67 -0.91 31.05
C VAL B 392 -23.44 -2.19 30.71
N VAL B 393 -23.02 -3.32 31.28
CA VAL B 393 -23.70 -4.59 31.06
C VAL B 393 -24.09 -5.23 32.38
N SER B 394 -25.06 -6.14 32.34
CA SER B 394 -25.46 -6.87 33.55
C SER B 394 -25.68 -8.35 33.24
N ARG B 395 -25.64 -9.18 34.30
CA ARG B 395 -25.74 -10.63 34.21
C ARG B 395 -26.99 -11.06 34.98
N ASN C 2 38.62 -4.76 -30.51
CA ASN C 2 37.61 -4.86 -29.47
C ASN C 2 37.54 -6.26 -28.89
N ALA C 3 36.75 -7.15 -29.47
CA ALA C 3 36.88 -8.58 -29.22
C ALA C 3 36.04 -9.03 -28.03
N MET C 4 35.25 -10.06 -28.18
CA MET C 4 34.34 -10.42 -27.11
C MET C 4 34.78 -11.55 -26.23
N LYS C 5 34.83 -11.26 -24.94
CA LYS C 5 35.36 -12.20 -23.99
C LYS C 5 34.41 -13.34 -23.65
N ASP C 6 34.94 -14.55 -23.54
CA ASP C 6 34.14 -15.68 -23.08
C ASP C 6 34.06 -15.65 -21.57
N VAL C 7 32.89 -15.98 -21.04
CA VAL C 7 32.69 -15.96 -19.60
C VAL C 7 32.66 -17.40 -19.08
N VAL C 8 33.49 -17.68 -18.09
CA VAL C 8 33.48 -18.98 -17.46
C VAL C 8 33.08 -18.87 -15.99
N ILE C 9 32.55 -19.96 -15.47
CA ILE C 9 32.20 -20.04 -14.06
C ILE C 9 33.29 -20.86 -13.42
N VAL C 10 33.99 -20.30 -12.44
CA VAL C 10 35.12 -21.02 -11.86
C VAL C 10 34.83 -21.53 -10.44
N SER C 11 33.75 -21.06 -9.84
CA SER C 11 33.42 -21.52 -8.49
C SER C 11 31.92 -21.45 -8.33
N ALA C 12 31.36 -22.39 -7.58
CA ALA C 12 29.91 -22.48 -7.44
C ALA C 12 29.57 -23.25 -6.17
N VAL C 13 28.75 -22.65 -5.32
CA VAL C 13 28.38 -23.27 -4.06
C VAL C 13 26.96 -22.90 -3.67
N ARG C 14 26.35 -23.72 -2.84
CA ARG C 14 25.07 -23.36 -2.26
C ARG C 14 25.02 -23.83 -0.80
N THR C 15 24.21 -23.15 -0.02
CA THR C 15 23.90 -23.63 1.33
C THR C 15 22.87 -24.76 1.18
N PRO C 16 22.66 -25.55 2.25
CA PRO C 16 21.47 -26.39 2.21
C PRO C 16 20.26 -25.47 2.12
N ILE C 17 19.14 -26.02 1.70
CA ILE C 17 17.90 -25.26 1.65
C ILE C 17 17.08 -25.64 2.88
N GLY C 18 16.76 -24.64 3.70
CA GLY C 18 16.02 -24.88 4.93
C GLY C 18 14.53 -24.72 4.78
N SER C 19 13.76 -25.45 5.61
CA SER C 19 12.31 -25.34 5.61
C SER C 19 11.85 -24.08 6.32
N PHE C 20 10.64 -23.64 6.00
CA PHE C 20 10.05 -22.46 6.61
C PHE C 20 9.95 -22.69 8.11
N GLY C 21 10.50 -21.75 8.89
CA GLY C 21 10.56 -21.90 10.32
C GLY C 21 11.55 -22.97 10.77
N GLY C 22 12.35 -23.46 9.82
CA GLY C 22 13.25 -24.57 10.09
C GLY C 22 14.65 -24.19 10.54
N VAL C 23 15.65 -24.94 10.05
CA VAL C 23 17.02 -24.79 10.51
C VAL C 23 17.64 -23.39 10.38
N PHE C 24 17.20 -22.61 9.40
CA PHE C 24 17.77 -21.28 9.16
C PHE C 24 16.84 -20.17 9.63
N LYS C 25 15.93 -20.54 10.52
CA LYS C 25 15.06 -19.59 11.21
C LYS C 25 15.86 -18.42 11.79
N ASN C 26 17.07 -18.69 12.27
CA ASN C 26 17.87 -17.63 12.88
C ASN C 26 19.13 -17.29 12.09
N THR C 27 19.12 -17.61 10.80
CA THR C 27 20.26 -17.34 9.93
C THR C 27 19.76 -16.51 8.76
N SER C 28 20.15 -15.23 8.76
CA SER C 28 19.58 -14.27 7.84
C SER C 28 20.06 -14.48 6.40
N ALA C 29 19.39 -13.82 5.47
CA ALA C 29 19.80 -13.83 4.07
C ALA C 29 21.24 -13.34 3.93
N VAL C 30 21.56 -12.30 4.70
CA VAL C 30 22.92 -11.78 4.75
C VAL C 30 23.90 -12.84 5.26
N GLN C 31 23.55 -13.52 6.35
CA GLN C 31 24.44 -14.54 6.92
C GLN C 31 24.67 -15.74 6.00
N LEU C 32 23.57 -16.29 5.48
CA LEU C 32 23.61 -17.36 4.47
C LEU C 32 24.39 -16.92 3.23
N GLY C 33 24.11 -15.72 2.74
CA GLY C 33 24.82 -15.17 1.61
C GLY C 33 26.31 -14.98 1.87
N THR C 34 26.65 -14.51 3.07
CA THR C 34 28.05 -14.31 3.41
C THR C 34 28.83 -15.62 3.45
N ILE C 35 28.23 -16.63 4.07
CA ILE C 35 28.82 -17.96 4.12
C ILE C 35 29.07 -18.50 2.71
N ALA C 36 28.09 -18.37 1.83
CA ALA C 36 28.25 -18.85 0.45
C ALA C 36 29.34 -18.10 -0.31
N VAL C 37 29.40 -16.78 -0.15
CA VAL C 37 30.45 -16.00 -0.81
C VAL C 37 31.86 -16.37 -0.35
N LYS C 38 32.06 -16.49 0.97
CA LYS C 38 33.40 -16.74 1.51
C LYS C 38 33.90 -18.09 1.02
N GLU C 39 33.00 -19.05 0.98
CA GLU C 39 33.34 -20.41 0.58
C GLU C 39 33.65 -20.50 -0.91
N ALA C 40 32.83 -19.83 -1.73
CA ALA C 40 33.10 -19.78 -3.16
C ALA C 40 34.49 -19.20 -3.41
N ILE C 41 34.83 -18.15 -2.66
CA ILE C 41 36.14 -17.52 -2.81
C ILE C 41 37.23 -18.46 -2.34
N SER C 42 37.04 -19.03 -1.15
CA SER C 42 38.06 -19.87 -0.53
C SER C 42 38.37 -21.12 -1.35
N ARG C 43 37.34 -21.68 -1.98
CA ARG C 43 37.50 -22.93 -2.75
C ARG C 43 38.47 -22.82 -3.91
N VAL C 44 38.60 -21.63 -4.49
CA VAL C 44 39.51 -21.43 -5.60
C VAL C 44 40.72 -20.57 -5.20
N GLY C 45 40.87 -20.34 -3.90
CA GLY C 45 41.98 -19.57 -3.37
C GLY C 45 42.09 -18.18 -3.99
N LEU C 46 40.95 -17.53 -4.20
CA LEU C 46 40.95 -16.25 -4.88
C LEU C 46 41.36 -15.11 -3.94
N ASN C 47 42.33 -14.32 -4.36
CA ASN C 47 42.71 -13.10 -3.63
C ASN C 47 41.57 -12.09 -3.70
N LEU C 48 41.13 -11.61 -2.54
CA LEU C 48 40.01 -10.67 -2.45
C LEU C 48 40.18 -9.43 -3.33
N SER C 49 41.43 -9.03 -3.59
CA SER C 49 41.69 -7.82 -4.38
C SER C 49 41.35 -8.00 -5.86
N GLU C 50 41.06 -9.24 -6.27
CA GLU C 50 40.78 -9.51 -7.67
C GLU C 50 39.30 -9.31 -8.04
N ILE C 51 38.44 -9.20 -7.03
CA ILE C 51 37.00 -9.09 -7.27
C ILE C 51 36.61 -7.69 -7.73
N ASP C 52 35.91 -7.61 -8.85
CA ASP C 52 35.54 -6.33 -9.44
C ASP C 52 34.12 -5.89 -9.12
N GLU C 53 33.23 -6.84 -8.87
CA GLU C 53 31.84 -6.49 -8.66
C GLU C 53 31.08 -7.65 -8.00
N VAL C 54 30.04 -7.31 -7.25
CA VAL C 54 29.22 -8.33 -6.57
C VAL C 54 27.75 -8.06 -6.95
N ILE C 55 27.06 -9.08 -7.46
CA ILE C 55 25.67 -8.94 -7.89
C ILE C 55 24.84 -10.09 -7.31
N ILE C 56 23.93 -9.77 -6.40
CA ILE C 56 23.25 -10.82 -5.63
C ILE C 56 21.72 -10.63 -5.66
N GLY C 57 21.00 -11.67 -6.02
CA GLY C 57 19.55 -11.61 -5.98
C GLY C 57 18.97 -11.67 -4.57
N ASN C 58 17.91 -10.92 -4.35
CA ASN C 58 17.15 -10.97 -3.09
C ASN C 58 15.82 -10.29 -3.31
N VAL C 59 14.77 -10.85 -2.73
CA VAL C 59 13.43 -10.30 -2.95
C VAL C 59 12.88 -9.56 -1.72
N LEU C 60 12.93 -10.21 -0.57
CA LEU C 60 12.28 -9.73 0.65
C LEU C 60 12.97 -8.70 1.52
N GLN C 61 14.21 -8.38 1.24
CA GLN C 61 14.97 -7.42 2.02
C GLN C 61 15.41 -6.23 1.17
N THR C 62 14.52 -5.75 0.31
CA THR C 62 14.85 -4.70 -0.63
C THR C 62 14.26 -3.31 -0.35
N GLY C 63 14.06 -3.01 0.94
CA GLY C 63 13.50 -1.76 1.40
C GLY C 63 14.42 -0.59 1.09
N LEU C 64 13.89 0.62 1.18
CA LEU C 64 14.61 1.80 0.77
C LEU C 64 15.97 1.91 1.44
N GLY C 65 17.01 2.10 0.65
CA GLY C 65 18.37 2.22 1.17
C GLY C 65 18.96 0.95 1.76
N GLN C 66 18.33 -0.18 1.51
CA GLN C 66 18.90 -1.47 1.88
C GLN C 66 19.71 -1.98 0.69
N ASN C 67 20.89 -2.51 0.95
CA ASN C 67 21.68 -3.16 -0.10
C ASN C 67 22.30 -4.42 0.45
N VAL C 68 21.55 -5.52 0.36
CA VAL C 68 21.98 -6.81 0.86
C VAL C 68 23.29 -7.28 0.24
N ALA C 69 23.42 -7.12 -1.08
CA ALA C 69 24.66 -7.52 -1.75
C ALA C 69 25.87 -6.82 -1.14
N ARG C 70 25.73 -5.53 -0.87
CA ARG C 70 26.85 -4.76 -0.34
C ARG C 70 27.23 -5.17 1.07
N GLN C 71 26.24 -5.39 1.93
CA GLN C 71 26.51 -5.89 3.28
C GLN C 71 27.24 -7.23 3.25
N ILE C 72 26.80 -8.09 2.34
CA ILE C 72 27.44 -9.38 2.13
C ILE C 72 28.89 -9.21 1.69
N ALA C 73 29.13 -8.35 0.72
CA ALA C 73 30.47 -8.10 0.25
C ALA C 73 31.37 -7.61 1.39
N ILE C 74 30.86 -6.68 2.18
CA ILE C 74 31.61 -6.15 3.30
C ILE C 74 31.92 -7.25 4.33
N ASN C 75 30.94 -8.07 4.65
CA ASN C 75 31.15 -9.17 5.59
C ASN C 75 32.16 -10.20 5.08
N ALA C 76 32.20 -10.38 3.76
CA ALA C 76 33.12 -11.34 3.15
C ALA C 76 34.52 -10.76 3.03
N GLY C 77 34.68 -9.50 3.47
CA GLY C 77 35.97 -8.86 3.44
C GLY C 77 36.36 -8.22 2.12
N ILE C 78 35.41 -8.12 1.19
CA ILE C 78 35.69 -7.46 -0.10
C ILE C 78 35.90 -5.95 0.08
N PRO C 79 36.95 -5.38 -0.56
CA PRO C 79 37.20 -3.94 -0.39
C PRO C 79 35.97 -3.08 -0.66
N ASN C 80 35.83 -2.00 0.11
CA ASN C 80 34.68 -1.12 0.03
C ASN C 80 34.53 -0.38 -1.30
N SER C 81 35.62 -0.29 -2.06
CA SER C 81 35.62 0.37 -3.36
C SER C 81 34.86 -0.44 -4.40
N VAL C 82 34.68 -1.73 -4.13
CA VAL C 82 34.01 -2.61 -5.07
C VAL C 82 32.50 -2.36 -5.10
N PRO C 83 31.94 -2.14 -6.27
CA PRO C 83 30.49 -1.90 -6.31
C PRO C 83 29.71 -3.21 -6.13
N SER C 84 28.60 -3.14 -5.40
CA SER C 84 27.71 -4.29 -5.20
C SER C 84 26.26 -3.90 -5.46
N TYR C 85 25.50 -4.81 -6.07
CA TYR C 85 24.14 -4.55 -6.49
C TYR C 85 23.23 -5.68 -6.10
N THR C 86 22.10 -5.34 -5.49
CA THR C 86 21.08 -6.33 -5.12
C THR C 86 20.03 -6.35 -6.22
N VAL C 87 19.80 -7.54 -6.78
CA VAL C 87 18.85 -7.70 -7.86
C VAL C 87 17.51 -8.21 -7.33
N ASN C 88 16.46 -7.41 -7.52
CA ASN C 88 15.10 -7.86 -7.19
C ASN C 88 14.28 -8.07 -8.45
N LYS C 89 14.18 -9.33 -8.86
CA LYS C 89 13.43 -9.68 -10.05
C LYS C 89 12.64 -10.92 -9.71
N LEU C 90 12.11 -10.94 -8.49
CA LEU C 90 11.29 -12.05 -8.01
C LEU C 90 11.99 -13.40 -8.16
N CYS C 91 11.33 -14.35 -8.82
CA CYS C 91 11.87 -15.69 -8.94
C CYS C 91 13.18 -15.77 -9.75
N GLY C 92 13.34 -14.86 -10.70
CA GLY C 92 14.48 -14.92 -11.59
C GLY C 92 15.73 -14.23 -11.08
N SER C 93 15.64 -13.65 -9.88
CA SER C 93 16.70 -12.79 -9.34
C SER C 93 18.08 -13.41 -9.37
N GLY C 94 18.15 -14.67 -8.94
CA GLY C 94 19.41 -15.39 -8.85
C GLY C 94 20.04 -15.73 -10.19
N LEU C 95 19.24 -15.96 -11.22
CA LEU C 95 19.80 -16.22 -12.55
C LEU C 95 20.08 -14.91 -13.28
N LYS C 96 19.21 -13.93 -13.07
CA LYS C 96 19.42 -12.60 -13.63
C LYS C 96 20.75 -11.99 -13.13
N SER C 97 21.09 -12.25 -11.88
CA SER C 97 22.36 -11.77 -11.33
C SER C 97 23.56 -12.33 -12.11
N VAL C 98 23.52 -13.63 -12.40
CA VAL C 98 24.59 -14.28 -13.16
C VAL C 98 24.65 -13.71 -14.58
N GLN C 99 23.49 -13.50 -15.17
CA GLN C 99 23.41 -12.88 -16.50
C GLN C 99 24.03 -11.47 -16.51
N LEU C 100 23.68 -10.68 -15.51
CA LEU C 100 24.22 -9.32 -15.41
C LEU C 100 25.74 -9.36 -15.19
N ALA C 101 26.20 -10.30 -14.35
CA ALA C 101 27.62 -10.53 -14.17
C ALA C 101 28.32 -10.85 -15.49
N ALA C 102 27.78 -11.81 -16.24
CA ALA C 102 28.33 -12.19 -17.54
C ALA C 102 28.45 -11.01 -18.52
N GLN C 103 27.40 -10.21 -18.61
CA GLN C 103 27.38 -9.07 -19.53
C GLN C 103 28.43 -8.01 -19.16
N SER C 104 28.67 -7.83 -17.87
CA SER C 104 29.64 -6.84 -17.39
C SER C 104 31.08 -7.29 -17.63
N ILE C 105 31.26 -8.59 -17.86
CA ILE C 105 32.56 -9.13 -18.21
C ILE C 105 32.76 -9.05 -19.73
N THR C 106 31.73 -9.42 -20.48
CA THR C 106 31.75 -9.30 -21.94
C THR C 106 31.92 -7.85 -22.41
N SER C 107 31.38 -6.91 -21.63
CA SER C 107 31.51 -5.49 -21.96
C SER C 107 32.93 -4.98 -21.70
N GLY C 108 33.74 -5.77 -21.02
CA GLY C 108 35.06 -5.35 -20.63
C GLY C 108 35.08 -4.52 -19.36
N GLU C 109 33.91 -4.30 -18.75
CA GLU C 109 33.85 -3.53 -17.53
C GLU C 109 34.56 -4.22 -16.35
N ASN C 110 34.39 -5.53 -16.26
CA ASN C 110 34.90 -6.32 -15.12
C ASN C 110 35.61 -7.57 -15.62
N ASP C 111 36.52 -8.10 -14.81
CA ASP C 111 37.17 -9.37 -15.09
C ASP C 111 36.71 -10.52 -14.17
N VAL C 112 36.35 -10.17 -12.94
CA VAL C 112 35.92 -11.15 -11.94
C VAL C 112 34.69 -10.61 -11.21
N VAL C 113 33.59 -11.36 -11.28
CA VAL C 113 32.34 -10.95 -10.64
C VAL C 113 31.76 -12.08 -9.78
N ILE C 114 31.36 -11.76 -8.56
CA ILE C 114 30.63 -12.72 -7.75
C ILE C 114 29.15 -12.50 -8.00
N ALA C 115 28.44 -13.60 -8.31
CA ALA C 115 27.01 -13.50 -8.58
C ALA C 115 26.24 -14.65 -7.94
N GLY C 116 25.00 -14.37 -7.58
CA GLY C 116 24.13 -15.41 -7.06
C GLY C 116 22.85 -14.86 -6.46
N GLY C 117 22.39 -15.52 -5.41
CA GLY C 117 21.18 -15.09 -4.75
C GLY C 117 21.07 -15.59 -3.33
N THR C 118 20.29 -14.88 -2.53
CA THR C 118 20.04 -15.31 -1.18
C THR C 118 18.62 -14.93 -0.74
N GLU C 119 18.00 -15.78 0.07
CA GLU C 119 16.68 -15.48 0.59
C GLU C 119 16.47 -16.17 1.93
N ASN C 120 15.93 -15.43 2.87
CA ASN C 120 15.38 -16.06 4.07
C ASN C 120 13.89 -15.71 4.15
N MET C 121 13.06 -16.67 3.78
CA MET C 121 11.64 -16.40 3.74
C MET C 121 11.01 -16.60 5.11
N SER C 122 11.68 -17.35 5.99
CA SER C 122 11.21 -17.54 7.36
C SER C 122 11.05 -16.19 8.05
N GLN C 123 12.00 -15.29 7.83
CA GLN C 123 12.03 -13.98 8.49
C GLN C 123 11.14 -12.92 7.84
N ALA C 124 10.35 -13.32 6.83
CA ALA C 124 9.40 -12.42 6.18
C ALA C 124 7.94 -12.82 6.42
N PRO C 125 7.02 -11.84 6.49
CA PRO C 125 5.58 -12.07 6.67
C PRO C 125 4.87 -12.68 5.46
N TYR C 126 4.01 -13.66 5.68
CA TYR C 126 3.21 -14.26 4.64
C TYR C 126 1.77 -13.68 4.70
N ILE C 127 1.47 -12.76 3.81
CA ILE C 127 0.23 -12.04 3.80
C ILE C 127 -0.88 -12.45 2.83
N VAL C 128 -1.97 -12.99 3.38
CA VAL C 128 -3.19 -13.33 2.63
C VAL C 128 -4.42 -12.93 3.45
N PRO C 129 -5.44 -12.42 2.78
CA PRO C 129 -6.64 -11.97 3.50
C PRO C 129 -7.88 -12.41 2.76
N TYR C 158 0.42 -16.02 -3.47
CA TYR C 158 -0.95 -16.40 -3.77
C TYR C 158 -1.34 -16.11 -5.23
N HIS C 159 -0.88 -14.96 -5.74
CA HIS C 159 -1.11 -14.58 -7.13
C HIS C 159 -0.47 -15.60 -8.07
N MET C 160 0.62 -16.21 -7.58
CA MET C 160 1.31 -17.27 -8.30
C MET C 160 0.45 -18.54 -8.37
N GLY C 161 -0.18 -18.87 -7.25
CA GLY C 161 -1.00 -20.07 -7.16
C GLY C 161 -2.14 -20.11 -8.15
N ILE C 162 -2.78 -18.97 -8.35
CA ILE C 162 -3.89 -18.84 -9.30
C ILE C 162 -3.41 -18.93 -10.75
N THR C 163 -2.29 -18.27 -11.04
CA THR C 163 -1.64 -18.38 -12.34
C THR C 163 -1.45 -19.85 -12.64
N ALA C 164 -0.98 -20.57 -11.65
CA ALA C 164 -0.82 -22.02 -11.77
C ALA C 164 -2.15 -22.71 -12.05
N GLU C 165 -3.22 -22.29 -11.37
CA GLU C 165 -4.54 -22.90 -11.62
C GLU C 165 -4.99 -22.62 -13.05
N ASN C 166 -4.71 -21.42 -13.52
CA ASN C 166 -5.09 -21.04 -14.87
C ASN C 166 -4.29 -21.82 -15.91
N ILE C 167 -3.01 -22.05 -15.63
CA ILE C 167 -2.21 -22.94 -16.47
C ILE C 167 -2.82 -24.36 -16.48
N ALA C 168 -3.22 -24.83 -15.30
CA ALA C 168 -3.81 -26.17 -15.19
C ALA C 168 -5.05 -26.28 -16.07
N THR C 169 -5.90 -25.26 -15.99
CA THR C 169 -7.14 -25.21 -16.75
C THR C 169 -6.85 -25.10 -18.24
N LYS C 170 -6.04 -24.12 -18.59
CA LYS C 170 -5.70 -23.84 -19.99
C LYS C 170 -5.08 -25.05 -20.66
N PHE C 171 -4.13 -25.69 -20.00
CA PHE C 171 -3.39 -26.79 -20.63
C PHE C 171 -3.99 -28.14 -20.26
N GLU C 172 -5.10 -28.12 -19.52
CA GLU C 172 -5.80 -29.35 -19.13
C GLU C 172 -4.92 -30.32 -18.33
N PHE C 173 -4.25 -29.82 -17.30
CA PHE C 173 -3.48 -30.67 -16.39
C PHE C 173 -4.36 -31.01 -15.18
N THR C 174 -4.65 -32.29 -15.03
CA THR C 174 -5.49 -32.75 -13.94
C THR C 174 -4.69 -32.74 -12.64
N ARG C 175 -5.42 -32.84 -11.53
CA ARG C 175 -4.82 -33.04 -10.21
C ARG C 175 -3.86 -34.22 -10.19
N GLU C 176 -4.27 -35.31 -10.82
CA GLU C 176 -3.48 -36.52 -10.84
C GLU C 176 -2.14 -36.35 -11.58
N MET C 177 -2.16 -35.62 -12.70
CA MET C 177 -0.94 -35.35 -13.45
C MET C 177 0.04 -34.50 -12.62
N GLN C 178 -0.50 -33.48 -11.95
CA GLN C 178 0.35 -32.63 -11.11
C GLN C 178 0.99 -33.43 -9.97
N ASP C 179 0.19 -34.23 -9.28
CA ASP C 179 0.68 -35.04 -8.16
C ASP C 179 1.72 -36.08 -8.59
N LYS C 180 1.55 -36.62 -9.79
CA LYS C 180 2.52 -37.57 -10.34
C LYS C 180 3.88 -36.90 -10.54
N LEU C 181 3.86 -35.69 -11.05
CA LEU C 181 5.09 -34.93 -11.20
C LEU C 181 5.73 -34.67 -9.83
N ALA C 182 4.93 -34.16 -8.89
CA ALA C 182 5.44 -33.86 -7.55
C ALA C 182 6.10 -35.08 -6.91
N LEU C 183 5.45 -36.23 -7.04
CA LEU C 183 5.95 -37.48 -6.48
C LEU C 183 7.29 -37.88 -7.11
N GLU C 184 7.37 -37.81 -8.43
CA GLU C 184 8.65 -38.07 -9.10
C GLU C 184 9.75 -37.11 -8.64
N SER C 185 9.40 -35.84 -8.43
CA SER C 185 10.39 -34.87 -7.94
C SER C 185 10.93 -35.32 -6.58
N GLN C 186 10.02 -35.72 -5.68
CA GLN C 186 10.42 -36.21 -4.36
C GLN C 186 11.29 -37.44 -4.47
N ASN C 187 10.86 -38.41 -5.28
CA ASN C 187 11.62 -39.64 -5.49
C ASN C 187 13.03 -39.39 -6.02
N LYS C 188 13.15 -38.50 -7.00
CA LYS C 188 14.48 -38.15 -7.53
C LYS C 188 15.36 -37.49 -6.46
N ALA C 189 14.76 -36.61 -5.66
CA ALA C 189 15.52 -35.97 -4.58
C ALA C 189 16.01 -36.99 -3.56
N GLU C 190 15.15 -37.94 -3.21
CA GLU C 190 15.49 -38.96 -2.24
C GLU C 190 16.63 -39.84 -2.75
N ASN C 191 16.54 -40.26 -4.01
CA ASN C 191 17.62 -41.01 -4.64
C ASN C 191 18.97 -40.26 -4.62
N ALA C 192 18.95 -38.98 -4.97
CA ALA C 192 20.17 -38.17 -4.99
C ALA C 192 20.77 -38.02 -3.59
N ILE C 193 19.91 -37.76 -2.61
CA ILE C 193 20.38 -37.56 -1.24
C ILE C 193 20.95 -38.86 -0.66
N LYS C 194 20.29 -39.98 -0.94
CA LYS C 194 20.79 -41.30 -0.54
C LYS C 194 22.18 -41.56 -1.10
N ASN C 195 22.44 -41.03 -2.31
CA ASN C 195 23.76 -41.18 -2.90
C ASN C 195 24.68 -39.99 -2.68
N ASN C 196 24.36 -39.16 -1.69
CA ASN C 196 25.16 -37.98 -1.33
C ASN C 196 25.51 -37.06 -2.51
N ARG C 197 24.55 -36.86 -3.40
CA ARG C 197 24.81 -36.21 -4.69
C ARG C 197 25.15 -34.74 -4.53
N PHE C 198 24.61 -34.11 -3.49
CA PHE C 198 24.77 -32.66 -3.32
C PHE C 198 25.99 -32.33 -2.48
N LYS C 199 26.76 -33.35 -2.11
CA LYS C 199 27.92 -33.19 -1.24
C LYS C 199 28.93 -32.17 -1.77
N GLU C 200 29.24 -32.27 -3.06
CA GLU C 200 30.23 -31.37 -3.66
C GLU C 200 29.81 -29.90 -3.66
N GLU C 201 28.53 -29.66 -3.97
CA GLU C 201 28.02 -28.29 -4.15
C GLU C 201 27.58 -27.55 -2.87
N ILE C 202 27.33 -28.29 -1.79
CA ILE C 202 26.84 -27.69 -0.55
C ILE C 202 27.97 -27.17 0.34
N VAL C 203 27.81 -25.95 0.86
CA VAL C 203 28.67 -25.49 1.96
C VAL C 203 27.89 -25.60 3.26
N PRO C 204 28.45 -26.30 4.26
CA PRO C 204 27.71 -26.48 5.50
C PRO C 204 27.54 -25.14 6.22
N VAL C 205 26.45 -25.01 6.94
CA VAL C 205 26.14 -23.79 7.67
C VAL C 205 26.01 -24.07 9.16
N ASP C 206 26.78 -23.38 9.97
CA ASP C 206 26.69 -23.56 11.41
C ASP C 206 25.57 -22.73 12.00
N VAL C 207 24.72 -23.37 12.78
CA VAL C 207 23.61 -22.69 13.45
C VAL C 207 23.65 -23.00 14.94
N LEU C 208 23.06 -22.12 15.76
CA LEU C 208 23.06 -22.32 17.21
C LEU C 208 21.98 -23.31 17.62
N GLY C 212 24.07 -23.60 24.62
CA GLY C 212 24.78 -22.87 23.59
C GLY C 212 25.47 -23.78 22.59
N LYS C 213 24.75 -24.82 22.16
CA LYS C 213 25.30 -25.80 21.24
C LYS C 213 25.21 -25.34 19.78
N ILE C 214 26.22 -25.71 18.99
CA ILE C 214 26.31 -25.30 17.60
C ILE C 214 26.24 -26.51 16.67
N GLU C 215 25.15 -26.61 15.91
CA GLU C 215 24.98 -27.72 14.98
C GLU C 215 25.29 -27.32 13.54
N THR C 216 26.14 -28.11 12.90
CA THR C 216 26.48 -27.91 11.50
C THR C 216 25.37 -28.50 10.65
N ILE C 217 24.71 -27.65 9.87
CA ILE C 217 23.66 -28.08 8.96
C ILE C 217 24.25 -28.37 7.58
N ASP C 218 24.27 -29.65 7.18
CA ASP C 218 24.91 -30.00 5.91
C ASP C 218 23.99 -30.73 4.93
N LYS C 219 22.71 -30.85 5.28
CA LYS C 219 21.75 -31.54 4.44
C LYS C 219 20.55 -30.65 4.20
N ASP C 220 19.97 -30.72 3.01
CA ASP C 220 18.71 -30.03 2.73
C ASP C 220 17.60 -30.55 3.65
N GLU C 221 16.76 -29.63 4.11
CA GLU C 221 15.74 -29.96 5.11
C GLU C 221 14.39 -30.35 4.50
N TYR C 222 14.03 -29.73 3.38
CA TYR C 222 12.66 -29.79 2.86
C TYR C 222 12.11 -31.09 2.23
N PRO C 223 12.98 -31.95 1.63
CA PRO C 223 12.40 -33.16 1.00
C PRO C 223 11.58 -34.02 1.96
N LYS C 224 10.45 -34.54 1.47
CA LYS C 224 9.55 -35.38 2.26
C LYS C 224 9.75 -36.85 1.92
N LEU C 225 10.42 -37.59 2.80
CA LEU C 225 10.67 -39.01 2.57
C LEU C 225 9.41 -39.85 2.75
N GLY C 226 9.31 -40.95 2.01
CA GLY C 226 8.17 -41.85 2.12
C GLY C 226 6.93 -41.29 1.46
N MET C 227 7.13 -40.28 0.60
CA MET C 227 6.05 -39.63 -0.12
C MET C 227 5.29 -40.63 -1.00
N THR C 228 3.97 -40.70 -0.82
CA THR C 228 3.15 -41.57 -1.66
C THR C 228 2.13 -40.77 -2.46
N PHE C 229 1.69 -41.35 -3.57
CA PHE C 229 0.66 -40.73 -4.40
C PHE C 229 -0.62 -40.52 -3.60
N GLU C 230 -0.88 -41.42 -2.67
CA GLU C 230 -2.12 -41.38 -1.88
C GLU C 230 -2.10 -40.22 -0.89
N GLY C 231 -0.97 -40.05 -0.20
CA GLY C 231 -0.82 -38.95 0.74
C GLY C 231 -0.93 -37.60 0.05
N LEU C 232 -0.45 -37.52 -1.19
CA LEU C 232 -0.59 -36.30 -2.01
C LEU C 232 -2.05 -36.05 -2.39
N SER C 233 -2.75 -37.11 -2.77
CA SER C 233 -4.14 -37.01 -3.19
C SER C 233 -5.10 -36.60 -2.06
N LYS C 234 -4.66 -36.70 -0.82
CA LYS C 234 -5.48 -36.32 0.33
C LYS C 234 -5.48 -34.83 0.66
N LEU C 235 -4.51 -34.10 0.12
CA LEU C 235 -4.37 -32.69 0.44
C LEU C 235 -5.53 -31.89 -0.16
N LYS C 236 -5.84 -30.76 0.47
CA LYS C 236 -6.88 -29.86 0.00
C LYS C 236 -6.31 -28.84 -0.97
N PRO C 237 -7.12 -28.37 -1.94
CA PRO C 237 -6.68 -27.33 -2.86
C PRO C 237 -6.28 -26.08 -2.09
N ALA C 238 -5.19 -25.44 -2.50
CA ALA C 238 -4.64 -24.34 -1.71
C ALA C 238 -5.15 -22.97 -2.11
N PHE C 239 -5.61 -22.81 -3.35
CA PHE C 239 -5.89 -21.49 -3.90
C PHE C 239 -7.30 -21.30 -4.44
N LYS C 240 -7.98 -22.38 -4.81
CA LYS C 240 -9.28 -22.28 -5.45
C LYS C 240 -10.17 -23.42 -4.98
N LYS C 241 -11.45 -23.14 -4.71
CA LYS C 241 -12.40 -24.21 -4.39
C LYS C 241 -12.45 -25.17 -5.56
N ASP C 242 -12.37 -26.47 -5.28
CA ASP C 242 -12.26 -27.49 -6.31
C ASP C 242 -11.06 -27.24 -7.23
N GLY C 243 -10.01 -26.62 -6.68
CA GLY C 243 -8.78 -26.40 -7.43
C GLY C 243 -7.93 -27.66 -7.49
N THR C 244 -6.88 -27.61 -8.30
CA THR C 244 -6.00 -28.75 -8.49
C THR C 244 -4.63 -28.54 -7.83
N VAL C 245 -4.29 -27.28 -7.59
CA VAL C 245 -3.02 -26.91 -6.96
C VAL C 245 -3.08 -27.01 -5.45
N THR C 246 -2.13 -27.75 -4.86
CA THR C 246 -2.07 -27.92 -3.43
C THR C 246 -0.69 -27.55 -2.90
N ALA C 247 -0.53 -27.66 -1.59
CA ALA C 247 0.75 -27.46 -0.95
C ALA C 247 1.71 -28.60 -1.31
N GLY C 248 1.17 -29.70 -1.79
CA GLY C 248 1.98 -30.86 -2.13
C GLY C 248 2.53 -30.87 -3.55
N ASN C 249 1.85 -30.18 -4.46
CA ASN C 249 2.33 -30.12 -5.85
C ASN C 249 2.78 -28.71 -6.22
N ALA C 250 3.06 -27.93 -5.18
CA ALA C 250 3.70 -26.64 -5.34
C ALA C 250 4.94 -26.67 -4.47
N SER C 251 5.90 -25.81 -4.77
CA SER C 251 7.09 -25.77 -3.94
C SER C 251 6.79 -25.05 -2.63
N GLY C 252 7.68 -25.23 -1.66
CA GLY C 252 7.52 -24.56 -0.39
C GLY C 252 8.06 -23.13 -0.34
N ILE C 253 8.04 -22.58 0.87
CA ILE C 253 8.64 -21.30 1.22
C ILE C 253 9.91 -21.68 1.94
N ASN C 254 11.06 -21.16 1.52
CA ASN C 254 12.35 -21.67 1.99
C ASN C 254 13.48 -20.66 2.15
N ASP C 255 14.56 -21.11 2.79
CA ASP C 255 15.72 -20.28 3.09
C ASP C 255 16.94 -20.91 2.46
N GLY C 256 17.75 -20.08 1.80
CA GLY C 256 19.01 -20.56 1.26
C GLY C 256 19.70 -19.52 0.41
N ALA C 257 20.98 -19.78 0.12
CA ALA C 257 21.76 -18.93 -0.75
C ALA C 257 22.60 -19.79 -1.69
N ALA C 258 22.99 -19.20 -2.81
CA ALA C 258 23.83 -19.88 -3.79
C ALA C 258 24.65 -18.81 -4.50
N MET C 259 25.93 -19.06 -4.66
CA MET C 259 26.82 -18.05 -5.23
C MET C 259 27.74 -18.69 -6.23
N LEU C 260 28.11 -17.90 -7.24
CA LEU C 260 29.02 -18.39 -8.25
C LEU C 260 30.07 -17.31 -8.51
N ILE C 261 31.24 -17.70 -8.98
CA ILE C 261 32.26 -16.73 -9.37
C ILE C 261 32.51 -16.83 -10.86
N LEU C 262 32.35 -15.71 -11.56
CA LEU C 262 32.48 -15.65 -13.01
C LEU C 262 33.74 -14.88 -13.36
N MET C 263 34.43 -15.32 -14.42
CA MET C 263 35.61 -14.62 -14.90
C MET C 263 35.63 -14.66 -16.41
N SER C 264 36.42 -13.79 -17.03
CA SER C 264 36.73 -13.98 -18.44
C SER C 264 37.64 -15.19 -18.50
N GLN C 265 37.68 -15.87 -19.63
CA GLN C 265 38.54 -17.03 -19.80
C GLN C 265 39.99 -16.58 -19.62
N GLN C 266 40.29 -15.39 -20.12
CA GLN C 266 41.64 -14.85 -20.06
C GLN C 266 42.07 -14.65 -18.60
N LYS C 267 41.18 -14.04 -17.82
CA LYS C 267 41.46 -13.82 -16.41
C LYS C 267 41.63 -15.13 -15.64
N ALA C 268 40.82 -16.14 -15.99
CA ALA C 268 40.93 -17.44 -15.33
C ALA C 268 42.28 -18.09 -15.65
N ASP C 269 42.71 -17.99 -16.90
CA ASP C 269 44.01 -18.53 -17.30
C ASP C 269 45.13 -17.81 -16.56
N GLU C 270 45.04 -16.48 -16.51
CA GLU C 270 46.05 -15.69 -15.82
CA GLU C 270 46.02 -15.66 -15.80
C GLU C 270 46.15 -16.06 -14.33
N LEU C 271 45.03 -16.33 -13.68
CA LEU C 271 45.05 -16.72 -12.28
C LEU C 271 45.31 -18.22 -12.09
N GLY C 272 45.37 -18.96 -13.19
CA GLY C 272 45.56 -20.41 -13.11
C GLY C 272 44.39 -21.14 -12.46
N ILE C 273 43.18 -20.68 -12.72
CA ILE C 273 41.99 -21.34 -12.18
C ILE C 273 41.21 -22.02 -13.29
N ARG C 274 41.02 -23.32 -13.16
CA ARG C 274 40.27 -24.09 -14.15
C ARG C 274 38.78 -23.87 -14.00
N PRO C 275 38.09 -23.61 -15.12
CA PRO C 275 36.64 -23.39 -15.17
C PRO C 275 35.83 -24.65 -14.85
N LEU C 276 34.68 -24.46 -14.20
CA LEU C 276 33.71 -25.54 -14.05
C LEU C 276 32.83 -25.60 -15.29
N ALA C 277 32.56 -24.44 -15.87
CA ALA C 277 31.67 -24.36 -17.01
C ALA C 277 31.84 -23.05 -17.74
N LYS C 278 31.33 -23.00 -18.95
CA LYS C 278 31.33 -21.79 -19.76
C LYS C 278 29.90 -21.39 -20.09
N ILE C 279 29.61 -20.10 -20.07
CA ILE C 279 28.30 -19.60 -20.45
C ILE C 279 28.22 -19.45 -21.96
N LYS C 280 27.30 -20.20 -22.57
CA LYS C 280 27.19 -20.26 -24.02
C LYS C 280 26.23 -19.19 -24.55
N SER C 281 25.11 -19.03 -23.86
CA SER C 281 24.11 -18.04 -24.27
C SER C 281 23.12 -17.82 -23.14
N TYR C 282 22.36 -16.72 -23.24
CA TYR C 282 21.24 -16.48 -22.34
C TYR C 282 20.24 -15.59 -23.06
N ALA C 283 19.03 -15.53 -22.55
CA ALA C 283 17.97 -14.74 -23.15
C ALA C 283 16.81 -14.61 -22.18
N SER C 284 16.01 -13.57 -22.37
CA SER C 284 14.77 -13.47 -21.63
C SER C 284 13.65 -13.04 -22.59
N ALA C 285 12.40 -13.25 -22.19
CA ALA C 285 11.26 -13.02 -23.08
C ALA C 285 10.00 -12.80 -22.27
N GLY C 286 9.08 -12.01 -22.81
CA GLY C 286 7.77 -11.84 -22.18
C GLY C 286 6.79 -12.84 -22.75
N VAL C 287 5.64 -13.02 -22.10
CA VAL C 287 4.62 -13.89 -22.64
C VAL C 287 3.32 -13.13 -22.90
N GLU C 288 2.42 -13.77 -23.64
CA GLU C 288 1.10 -13.22 -23.88
C GLU C 288 0.27 -13.35 -22.61
N PRO C 289 -0.67 -12.42 -22.40
CA PRO C 289 -1.45 -12.39 -21.17
C PRO C 289 -2.22 -13.68 -20.92
N GLU C 290 -2.62 -14.38 -21.98
CA GLU C 290 -3.39 -15.62 -21.87
C GLU C 290 -2.60 -16.77 -21.24
N VAL C 291 -1.27 -16.67 -21.29
CA VAL C 291 -0.45 -17.78 -20.81
C VAL C 291 0.59 -17.32 -19.79
N MET C 292 0.12 -16.51 -18.84
CA MET C 292 0.94 -16.04 -17.74
C MET C 292 1.62 -17.22 -17.06
N GLY C 293 2.84 -17.01 -16.58
CA GLY C 293 3.57 -18.05 -15.88
C GLY C 293 4.37 -18.99 -16.76
N THR C 294 4.26 -18.84 -18.08
CA THR C 294 4.94 -19.73 -19.03
C THR C 294 6.23 -19.16 -19.62
N GLY C 295 6.74 -18.10 -19.00
CA GLY C 295 7.98 -17.46 -19.42
C GLY C 295 9.15 -18.31 -19.89
N PRO C 296 9.49 -19.38 -19.15
CA PRO C 296 10.62 -20.24 -19.53
C PRO C 296 10.55 -20.82 -20.95
N ILE C 297 9.35 -20.96 -21.49
CA ILE C 297 9.19 -21.51 -22.84
C ILE C 297 9.76 -20.59 -23.95
N PRO C 298 9.23 -19.37 -24.11
CA PRO C 298 9.88 -18.58 -25.15
C PRO C 298 11.31 -18.14 -24.80
N ALA C 299 11.64 -18.00 -23.52
CA ALA C 299 13.01 -17.61 -23.14
C ALA C 299 14.01 -18.69 -23.54
N THR C 300 13.62 -19.95 -23.37
CA THR C 300 14.49 -21.07 -23.68
C THR C 300 14.67 -21.21 -25.19
N ARG C 301 13.59 -21.07 -25.96
CA ARG C 301 13.70 -21.12 -27.42
C ARG C 301 14.64 -20.03 -27.92
N LYS C 302 14.53 -18.85 -27.31
CA LYS C 302 15.36 -17.72 -27.69
C LYS C 302 16.82 -18.02 -27.36
N ALA C 303 17.06 -18.55 -26.16
CA ALA C 303 18.45 -18.84 -25.74
C ALA C 303 19.07 -19.96 -26.57
N LEU C 304 18.28 -20.98 -26.90
CA LEU C 304 18.79 -22.06 -27.73
C LEU C 304 19.14 -21.54 -29.14
N LYS C 305 18.27 -20.69 -29.68
CA LYS C 305 18.53 -20.10 -30.98
C LYS C 305 19.84 -19.33 -30.98
N LYS C 306 20.11 -18.59 -29.91
CA LYS C 306 21.35 -17.82 -29.82
C LYS C 306 22.57 -18.73 -29.68
N ALA C 307 22.37 -19.91 -29.10
CA ALA C 307 23.45 -20.90 -28.92
C ALA C 307 23.74 -21.71 -30.19
N GLY C 308 22.80 -21.70 -31.12
CA GLY C 308 22.90 -22.52 -32.31
C GLY C 308 22.54 -23.96 -32.00
N LEU C 309 21.65 -24.15 -31.03
CA LEU C 309 21.30 -25.47 -30.54
C LEU C 309 19.80 -25.72 -30.58
N SER C 310 19.41 -26.99 -30.56
CA SER C 310 18.03 -27.36 -30.35
C SER C 310 17.92 -28.03 -28.98
N ILE C 311 16.68 -28.22 -28.50
CA ILE C 311 16.48 -28.82 -27.18
C ILE C 311 17.13 -30.21 -27.08
N ASN C 312 17.13 -30.95 -28.20
CA ASN C 312 17.69 -32.29 -28.23
C ASN C 312 19.21 -32.34 -28.07
N ASP C 313 19.87 -31.20 -28.29
CA ASP C 313 21.30 -31.07 -28.06
C ASP C 313 21.66 -30.85 -26.59
N ILE C 314 20.67 -30.63 -25.74
CA ILE C 314 20.95 -30.30 -24.33
C ILE C 314 21.02 -31.59 -23.52
N ASP C 315 22.08 -31.80 -22.75
CA ASP C 315 22.22 -33.06 -22.01
C ASP C 315 21.45 -33.05 -20.68
N LEU C 316 21.40 -31.90 -20.02
CA LEU C 316 20.68 -31.75 -18.75
C LEU C 316 19.95 -30.44 -18.64
N ILE C 317 18.75 -30.48 -18.08
CA ILE C 317 17.96 -29.27 -17.91
C ILE C 317 17.55 -29.09 -16.46
N GLU C 318 17.72 -27.88 -15.95
CA GLU C 318 17.15 -27.49 -14.66
C GLU C 318 16.10 -26.44 -14.95
N ALA C 319 14.83 -26.79 -14.84
CA ALA C 319 13.76 -25.81 -14.98
C ALA C 319 13.07 -25.71 -13.63
N ASN C 320 13.06 -24.53 -13.04
CA ASN C 320 12.57 -24.42 -11.67
C ASN C 320 11.11 -24.79 -11.52
N GLU C 321 10.85 -25.69 -10.57
CA GLU C 321 9.51 -26.20 -10.32
C GLU C 321 8.78 -25.44 -9.23
N ALA C 322 8.25 -24.26 -9.53
CA ALA C 322 7.45 -23.54 -8.54
C ALA C 322 6.10 -24.23 -8.32
N PHE C 323 5.46 -24.63 -9.42
CA PHE C 323 4.20 -25.41 -9.38
C PHE C 323 4.27 -26.55 -10.38
N ALA C 324 3.71 -27.70 -10.01
CA ALA C 324 3.68 -28.84 -10.93
C ALA C 324 2.99 -28.48 -12.23
N ALA C 325 1.90 -27.72 -12.13
CA ALA C 325 1.14 -27.33 -13.32
C ALA C 325 2.01 -26.56 -14.32
N GLN C 326 2.82 -25.65 -13.79
CA GLN C 326 3.69 -24.84 -14.61
C GLN C 326 4.83 -25.67 -15.19
N ALA C 327 5.43 -26.51 -14.36
CA ALA C 327 6.49 -27.41 -14.82
C ALA C 327 6.01 -28.35 -15.93
N LEU C 328 4.76 -28.79 -15.83
CA LEU C 328 4.18 -29.65 -16.85
C LEU C 328 4.09 -28.92 -18.17
N ALA C 329 3.72 -27.65 -18.11
CA ALA C 329 3.58 -26.86 -19.34
C ALA C 329 4.93 -26.62 -20.01
N VAL C 330 5.94 -26.32 -19.20
CA VAL C 330 7.28 -26.05 -19.70
C VAL C 330 7.86 -27.29 -20.34
N LYS C 331 7.74 -28.41 -19.64
CA LYS C 331 8.27 -29.69 -20.09
C LYS C 331 7.62 -30.16 -21.39
N ASN C 332 6.29 -30.06 -21.47
CA ASN C 332 5.55 -30.46 -22.67
C ASN C 332 5.81 -29.54 -23.87
N GLU C 333 5.69 -28.23 -23.68
CA GLU C 333 5.79 -27.29 -24.81
C GLU C 333 7.19 -27.24 -25.41
N LEU C 334 8.20 -27.53 -24.59
CA LEU C 334 9.58 -27.52 -25.08
C LEU C 334 9.99 -28.93 -25.49
N GLN C 335 9.09 -29.89 -25.30
CA GLN C 335 9.33 -31.29 -25.62
C GLN C 335 10.62 -31.81 -25.00
N ILE C 336 10.75 -31.61 -23.70
CA ILE C 336 11.91 -32.06 -22.94
C ILE C 336 11.80 -33.54 -22.53
N ASP C 337 12.88 -34.28 -22.67
CA ASP C 337 12.98 -35.64 -22.18
C ASP C 337 13.00 -35.64 -20.65
N SER C 338 12.01 -36.30 -20.04
CA SER C 338 11.90 -36.37 -18.58
C SER C 338 13.17 -36.89 -17.90
N SER C 339 13.88 -37.78 -18.58
CA SER C 339 15.08 -38.38 -18.03
C SER C 339 16.26 -37.40 -17.97
N LYS C 340 16.07 -36.21 -18.54
CA LYS C 340 17.11 -35.18 -18.53
C LYS C 340 16.74 -33.98 -17.67
N LEU C 341 15.55 -34.03 -17.08
CA LEU C 341 14.98 -32.85 -16.44
C LEU C 341 15.06 -32.93 -14.94
N ASN C 342 15.67 -31.93 -14.31
CA ASN C 342 15.74 -31.86 -12.84
C ASN C 342 16.13 -33.20 -12.21
N VAL C 343 17.23 -33.77 -12.69
CA VAL C 343 17.51 -35.19 -12.46
C VAL C 343 17.76 -35.54 -10.99
N ASN C 344 18.07 -34.54 -10.17
CA ASN C 344 18.31 -34.77 -8.74
C ASN C 344 17.15 -34.27 -7.89
N GLY C 345 16.00 -34.05 -8.54
CA GLY C 345 14.84 -33.49 -7.89
C GLY C 345 14.68 -32.01 -8.20
N GLY C 346 13.46 -31.52 -8.16
CA GLY C 346 13.19 -30.10 -8.38
C GLY C 346 12.75 -29.39 -7.11
N ALA C 347 12.37 -28.12 -7.24
CA ALA C 347 12.01 -27.30 -6.09
C ALA C 347 10.79 -27.81 -5.30
N ILE C 348 9.95 -28.63 -5.91
CA ILE C 348 8.81 -29.19 -5.17
C ILE C 348 9.37 -29.99 -4.01
N ALA C 349 10.48 -30.69 -4.25
CA ALA C 349 11.13 -31.48 -3.21
C ALA C 349 12.20 -30.70 -2.45
N LEU C 350 13.01 -29.92 -3.16
CA LEU C 350 14.17 -29.29 -2.53
C LEU C 350 13.88 -27.96 -1.83
N GLY C 351 12.84 -27.28 -2.27
CA GLY C 351 12.55 -25.97 -1.73
C GLY C 351 12.82 -24.84 -2.71
N HIS C 352 12.21 -23.68 -2.46
CA HIS C 352 12.24 -22.54 -3.37
C HIS C 352 12.50 -21.21 -2.67
N PRO C 353 13.74 -20.98 -2.19
CA PRO C 353 14.02 -19.66 -1.60
C PRO C 353 14.14 -18.63 -2.73
N ILE C 354 13.15 -17.78 -2.88
CA ILE C 354 12.90 -17.15 -4.18
C ILE C 354 14.06 -16.37 -4.82
N GLY C 355 14.75 -15.55 -4.04
CA GLY C 355 15.84 -14.75 -4.59
C GLY C 355 17.07 -15.60 -4.90
N ALA C 356 17.13 -16.80 -4.32
CA ALA C 356 18.27 -17.69 -4.53
C ALA C 356 18.08 -18.75 -5.64
N SER C 357 16.83 -19.17 -5.87
CA SER C 357 16.56 -20.34 -6.71
C SER C 357 17.20 -20.30 -8.12
N GLY C 358 17.19 -19.14 -8.76
CA GLY C 358 17.82 -19.00 -10.08
C GLY C 358 19.29 -19.38 -10.06
N ALA C 359 20.01 -18.94 -9.03
CA ALA C 359 21.40 -19.33 -8.82
C ALA C 359 21.51 -20.79 -8.39
N ARG C 360 20.59 -21.20 -7.51
CA ARG C 360 20.63 -22.55 -6.96
C ARG C 360 20.51 -23.60 -8.08
N ILE C 361 19.56 -23.43 -9.00
CA ILE C 361 19.44 -24.44 -10.05
C ILE C 361 20.67 -24.49 -10.95
N LEU C 362 21.33 -23.35 -11.14
CA LEU C 362 22.53 -23.32 -11.97
C LEU C 362 23.68 -24.09 -11.30
N VAL C 363 23.85 -23.90 -10.00
CA VAL C 363 24.86 -24.65 -9.24
C VAL C 363 24.60 -26.15 -9.34
N THR C 364 23.35 -26.54 -9.11
CA THR C 364 22.99 -27.95 -9.17
C THR C 364 23.23 -28.54 -10.58
N LEU C 365 22.90 -27.77 -11.60
CA LEU C 365 23.12 -28.20 -12.98
C LEU C 365 24.60 -28.48 -13.23
N ILE C 366 25.42 -27.51 -12.84
CA ILE C 366 26.84 -27.55 -13.13
C ILE C 366 27.52 -28.73 -12.47
N TYR C 367 27.19 -29.00 -11.21
CA TYR C 367 27.76 -30.17 -10.54
C TYR C 367 27.30 -31.48 -11.15
N GLU C 368 26.05 -31.54 -11.59
CA GLU C 368 25.57 -32.81 -12.15
C GLU C 368 26.13 -33.05 -13.55
N MET C 369 26.31 -31.99 -14.33
CA MET C 369 26.96 -32.09 -15.64
C MET C 369 28.36 -32.69 -15.50
N GLN C 370 29.06 -32.25 -14.46
CA GLN C 370 30.41 -32.71 -14.20
C GLN C 370 30.41 -34.18 -13.76
N LYS C 371 29.45 -34.60 -12.94
CA LYS C 371 29.37 -36.01 -12.52
C LYS C 371 29.00 -36.94 -13.68
N ARG C 372 28.12 -36.47 -14.56
CA ARG C 372 27.70 -37.30 -15.70
C ARG C 372 28.68 -37.17 -16.86
N LYS C 373 29.60 -36.22 -16.73
CA LYS C 373 30.55 -35.89 -17.79
C LYS C 373 29.82 -35.67 -19.12
N VAL C 374 28.83 -34.78 -19.11
CA VAL C 374 28.13 -34.44 -20.34
C VAL C 374 28.61 -33.06 -20.74
N GLU C 375 28.09 -32.55 -21.85
CA GLU C 375 28.66 -31.34 -22.44
C GLU C 375 27.82 -30.06 -22.25
N THR C 376 26.50 -30.18 -22.36
CA THR C 376 25.66 -28.98 -22.40
C THR C 376 24.52 -29.01 -21.39
N GLY C 377 24.24 -27.89 -20.76
CA GLY C 377 23.17 -27.81 -19.79
C GLY C 377 22.36 -26.55 -20.02
N LEU C 378 21.15 -26.52 -19.49
CA LEU C 378 20.30 -25.36 -19.61
C LEU C 378 19.61 -25.15 -18.26
N ALA C 379 19.56 -23.90 -17.81
CA ALA C 379 18.82 -23.55 -16.60
C ALA C 379 17.82 -22.48 -16.97
N THR C 380 16.59 -22.60 -16.47
CA THR C 380 15.52 -21.67 -16.85
C THR C 380 14.46 -21.54 -15.76
N LEU C 381 13.93 -20.33 -15.59
CA LEU C 381 12.82 -20.10 -14.68
C LEU C 381 12.16 -18.76 -14.99
N CYS C 382 11.06 -18.48 -14.29
CA CYS C 382 10.33 -17.23 -14.44
C CYS C 382 11.07 -16.04 -13.83
N ILE C 383 10.77 -14.86 -14.34
CA ILE C 383 11.35 -13.63 -13.83
C ILE C 383 10.23 -12.59 -13.82
N GLY C 384 9.23 -12.88 -12.98
CA GLY C 384 7.94 -12.20 -13.06
C GLY C 384 6.96 -13.17 -13.69
N GLY C 385 5.67 -12.99 -13.42
CA GLY C 385 4.67 -13.87 -14.00
C GLY C 385 4.58 -13.70 -15.51
N GLY C 386 5.01 -12.53 -15.99
CA GLY C 386 4.90 -12.23 -17.39
C GLY C 386 6.12 -12.59 -18.21
N GLN C 387 7.19 -13.07 -17.55
CA GLN C 387 8.48 -13.23 -18.23
C GLN C 387 9.26 -14.44 -17.78
N GLY C 388 10.22 -14.87 -18.60
CA GLY C 388 11.16 -15.91 -18.24
C GLY C 388 12.60 -15.58 -18.65
N ILE C 389 13.54 -16.35 -18.12
CA ILE C 389 14.96 -16.17 -18.42
C ILE C 389 15.59 -17.57 -18.49
N SER C 390 16.54 -17.74 -19.42
CA SER C 390 17.18 -19.04 -19.65
C SER C 390 18.66 -18.83 -19.93
N MET C 391 19.46 -19.80 -19.55
CA MET C 391 20.89 -19.70 -19.76
C MET C 391 21.42 -21.08 -20.16
N VAL C 392 22.23 -21.11 -21.22
CA VAL C 392 22.86 -22.34 -21.70
C VAL C 392 24.33 -22.29 -21.32
N VAL C 393 24.83 -23.40 -20.77
CA VAL C 393 26.22 -23.48 -20.31
C VAL C 393 26.83 -24.75 -20.88
N SER C 394 28.14 -24.76 -21.06
CA SER C 394 28.80 -25.96 -21.53
C SER C 394 30.03 -26.32 -20.71
N ARG C 395 30.52 -27.52 -20.95
CA ARG C 395 31.53 -28.14 -20.11
C ARG C 395 32.60 -28.73 -21.01
N ALA D 3 -40.64 2.61 24.98
CA ALA D 3 -41.28 2.79 23.69
C ALA D 3 -40.33 3.41 22.67
N MET D 4 -40.58 3.16 21.39
CA MET D 4 -39.69 3.63 20.33
C MET D 4 -40.00 5.05 19.86
N LYS D 5 -38.96 5.88 19.78
CA LYS D 5 -39.10 7.26 19.37
C LYS D 5 -39.27 7.38 17.85
N ASP D 6 -40.22 8.21 17.43
CA ASP D 6 -40.36 8.56 16.02
C ASP D 6 -39.36 9.67 15.69
N VAL D 7 -38.70 9.55 14.53
CA VAL D 7 -37.63 10.48 14.19
C VAL D 7 -38.07 11.43 13.08
N VAL D 8 -37.84 12.72 13.28
CA VAL D 8 -38.16 13.71 12.26
C VAL D 8 -36.94 14.49 11.80
N ILE D 9 -37.02 15.07 10.60
CA ILE D 9 -36.00 15.97 10.09
C ILE D 9 -36.58 17.37 10.16
N VAL D 10 -35.89 18.26 10.88
CA VAL D 10 -36.46 19.58 11.15
C VAL D 10 -35.69 20.69 10.43
N SER D 11 -34.56 20.34 9.83
CA SER D 11 -33.77 21.29 9.07
C SER D 11 -32.93 20.55 8.03
N ALA D 12 -32.77 21.15 6.86
CA ALA D 12 -32.05 20.50 5.77
C ALA D 12 -31.50 21.54 4.80
N VAL D 13 -30.19 21.49 4.55
CA VAL D 13 -29.51 22.45 3.69
C VAL D 13 -28.35 21.80 2.95
N ARG D 14 -28.05 22.31 1.77
CA ARG D 14 -26.88 21.87 1.04
C ARG D 14 -26.19 23.10 0.44
N THR D 15 -24.87 23.03 0.31
CA THR D 15 -24.14 24.06 -0.42
C THR D 15 -24.40 23.82 -1.91
N PRO D 16 -24.02 24.78 -2.76
CA PRO D 16 -24.01 24.43 -4.19
C PRO D 16 -23.02 23.29 -4.43
N ILE D 17 -23.15 22.63 -5.57
CA ILE D 17 -22.18 21.61 -5.95
C ILE D 17 -21.17 22.21 -6.93
N GLY D 18 -19.91 22.26 -6.52
CA GLY D 18 -18.85 22.81 -7.34
C GLY D 18 -18.27 21.75 -8.24
N SER D 19 -17.72 22.16 -9.36
CA SER D 19 -17.10 21.22 -10.28
C SER D 19 -15.63 21.12 -9.92
N PHE D 20 -15.00 20.03 -10.37
CA PHE D 20 -13.58 19.79 -10.09
C PHE D 20 -12.69 20.96 -10.49
N GLY D 21 -11.92 21.47 -9.52
CA GLY D 21 -11.06 22.61 -9.75
C GLY D 21 -11.85 23.87 -10.06
N GLY D 22 -13.11 23.90 -9.61
CA GLY D 22 -14.00 25.01 -9.87
C GLY D 22 -14.14 25.96 -8.71
N VAL D 23 -15.37 26.42 -8.48
CA VAL D 23 -15.63 27.47 -7.50
C VAL D 23 -15.13 27.18 -6.08
N PHE D 24 -15.09 25.91 -5.71
CA PHE D 24 -14.73 25.53 -4.34
C PHE D 24 -13.33 24.92 -4.21
N LYS D 25 -12.44 25.21 -5.16
CA LYS D 25 -11.10 24.65 -5.11
C LYS D 25 -10.31 25.08 -3.87
N ASN D 26 -10.68 26.23 -3.31
CA ASN D 26 -10.03 26.73 -2.11
C ASN D 26 -10.97 26.72 -0.91
N THR D 27 -12.00 25.88 -0.99
CA THR D 27 -12.98 25.80 0.08
C THR D 27 -13.06 24.35 0.53
N SER D 28 -12.44 24.07 1.67
CA SER D 28 -12.23 22.68 2.09
C SER D 28 -13.53 21.99 2.50
N ALA D 29 -13.47 20.66 2.59
CA ALA D 29 -14.59 19.88 3.10
C ALA D 29 -15.04 20.36 4.49
N VAL D 30 -14.08 20.79 5.31
CA VAL D 30 -14.42 21.31 6.64
C VAL D 30 -15.15 22.64 6.54
N GLN D 31 -14.62 23.55 5.72
CA GLN D 31 -15.25 24.87 5.52
C GLN D 31 -16.66 24.74 4.95
N LEU D 32 -16.80 23.96 3.87
CA LEU D 32 -18.10 23.64 3.30
C LEU D 32 -19.03 23.02 4.33
N GLY D 33 -18.51 22.08 5.10
CA GLY D 33 -19.29 21.40 6.12
C GLY D 33 -19.73 22.34 7.22
N THR D 34 -18.82 23.22 7.64
CA THR D 34 -19.09 24.16 8.72
C THR D 34 -20.17 25.17 8.31
N ILE D 35 -20.10 25.63 7.07
CA ILE D 35 -21.08 26.55 6.52
C ILE D 35 -22.47 25.92 6.53
N ALA D 36 -22.54 24.69 6.02
CA ALA D 36 -23.80 23.96 5.96
C ALA D 36 -24.37 23.69 7.36
N VAL D 37 -23.50 23.31 8.29
CA VAL D 37 -23.94 23.05 9.66
C VAL D 37 -24.47 24.31 10.34
N LYS D 38 -23.68 25.39 10.30
CA LYS D 38 -24.07 26.66 10.90
C LYS D 38 -25.41 27.14 10.35
N GLU D 39 -25.61 26.97 9.05
CA GLU D 39 -26.86 27.38 8.42
C GLU D 39 -28.04 26.48 8.80
N ALA D 40 -27.80 25.17 8.90
CA ALA D 40 -28.86 24.25 9.32
C ALA D 40 -29.36 24.60 10.72
N ILE D 41 -28.45 24.99 11.60
CA ILE D 41 -28.80 25.40 12.95
C ILE D 41 -29.58 26.71 12.96
N SER D 42 -29.08 27.72 12.26
CA SER D 42 -29.71 29.04 12.32
C SER D 42 -31.10 29.08 11.67
N ARG D 43 -31.34 28.24 10.67
CA ARG D 43 -32.64 28.20 10.00
C ARG D 43 -33.79 27.91 10.95
N VAL D 44 -33.55 27.06 11.95
CA VAL D 44 -34.58 26.75 12.93
C VAL D 44 -34.32 27.41 14.28
N GLY D 45 -33.29 28.27 14.32
CA GLY D 45 -32.94 29.00 15.52
C GLY D 45 -32.58 28.12 16.71
N LEU D 46 -32.03 26.95 16.41
CA LEU D 46 -31.71 25.97 17.43
C LEU D 46 -30.59 26.43 18.35
N ASN D 47 -30.81 26.34 19.65
CA ASN D 47 -29.78 26.61 20.63
C ASN D 47 -28.67 25.56 20.57
N LEU D 48 -27.41 26.00 20.60
CA LEU D 48 -26.27 25.08 20.48
C LEU D 48 -26.21 24.02 21.59
N SER D 49 -26.78 24.32 22.75
CA SER D 49 -26.71 23.41 23.90
C SER D 49 -27.64 22.20 23.75
N GLU D 50 -28.51 22.21 22.76
CA GLU D 50 -29.45 21.12 22.55
C GLU D 50 -28.89 19.97 21.71
N ILE D 51 -27.75 20.21 21.05
CA ILE D 51 -27.16 19.23 20.14
C ILE D 51 -26.48 18.11 20.91
N ASP D 52 -26.86 16.87 20.62
CA ASP D 52 -26.36 15.71 21.36
C ASP D 52 -25.22 15.00 20.66
N GLU D 53 -25.21 15.04 19.34
CA GLU D 53 -24.21 14.31 18.58
C GLU D 53 -24.12 14.85 17.16
N VAL D 54 -22.95 14.69 16.55
CA VAL D 54 -22.74 15.08 15.16
C VAL D 54 -22.17 13.90 14.37
N ILE D 55 -22.82 13.56 13.25
CA ILE D 55 -22.37 12.44 12.44
C ILE D 55 -22.28 12.85 10.97
N ILE D 56 -21.08 12.89 10.43
CA ILE D 56 -20.88 13.46 9.11
C ILE D 56 -20.05 12.57 8.18
N GLY D 57 -20.61 12.28 7.01
CA GLY D 57 -19.89 11.50 6.01
C GLY D 57 -18.76 12.25 5.33
N ASN D 58 -17.69 11.53 5.03
CA ASN D 58 -16.55 12.09 4.30
C ASN D 58 -15.65 10.93 3.89
N VAL D 59 -15.17 10.95 2.66
CA VAL D 59 -14.40 9.82 2.15
C VAL D 59 -12.90 10.12 2.07
N LEU D 60 -12.53 11.31 1.59
CA LEU D 60 -11.16 11.55 1.17
C LEU D 60 -10.19 12.14 2.20
N GLN D 61 -10.67 12.44 3.40
CA GLN D 61 -9.76 12.83 4.47
C GLN D 61 -9.44 11.61 5.33
N THR D 62 -8.42 10.88 4.88
CA THR D 62 -8.14 9.53 5.38
C THR D 62 -7.07 9.47 6.46
N GLY D 63 -6.81 10.61 7.10
CA GLY D 63 -5.78 10.68 8.12
C GLY D 63 -6.03 9.77 9.31
N LEU D 64 -4.98 9.07 9.74
CA LEU D 64 -5.03 8.34 10.99
C LEU D 64 -5.24 9.35 12.11
N GLY D 65 -6.32 9.19 12.86
CA GLY D 65 -6.60 10.09 13.97
C GLY D 65 -7.24 11.40 13.55
N GLN D 66 -7.56 11.52 12.26
CA GLN D 66 -8.23 12.72 11.75
C GLN D 66 -9.76 12.56 11.87
N ASN D 67 -10.42 13.58 12.42
CA ASN D 67 -11.88 13.53 12.55
C ASN D 67 -12.50 14.81 11.99
N VAL D 68 -12.88 14.78 10.72
CA VAL D 68 -13.43 15.98 10.09
C VAL D 68 -14.74 16.41 10.73
N ALA D 69 -15.55 15.44 11.16
CA ALA D 69 -16.82 15.76 11.78
C ALA D 69 -16.64 16.57 13.05
N ARG D 70 -15.58 16.27 13.81
CA ARG D 70 -15.39 16.98 15.07
C ARG D 70 -14.85 18.38 14.82
N GLN D 71 -13.96 18.52 13.84
CA GLN D 71 -13.43 19.84 13.51
C GLN D 71 -14.56 20.76 13.04
N ILE D 72 -15.48 20.19 12.29
CA ILE D 72 -16.66 20.91 11.81
C ILE D 72 -17.52 21.33 13.00
N ALA D 73 -17.73 20.41 13.94
CA ALA D 73 -18.51 20.69 15.14
C ALA D 73 -17.91 21.83 15.94
N ILE D 74 -16.60 21.77 16.13
CA ILE D 74 -15.88 22.81 16.84
C ILE D 74 -16.04 24.16 16.14
N ASN D 75 -15.75 24.19 14.83
CA ASN D 75 -15.92 25.40 14.03
C ASN D 75 -17.32 26.01 14.07
N ALA D 76 -18.32 25.16 14.20
CA ALA D 76 -19.70 25.60 14.28
C ALA D 76 -20.10 26.04 15.69
N GLY D 77 -19.15 25.97 16.62
CA GLY D 77 -19.42 26.43 17.98
C GLY D 77 -20.17 25.43 18.85
N ILE D 78 -20.17 24.16 18.43
CA ILE D 78 -20.79 23.10 19.24
C ILE D 78 -19.85 22.70 20.37
N PRO D 79 -20.37 22.56 21.60
CA PRO D 79 -19.50 22.28 22.75
C PRO D 79 -18.64 21.03 22.57
N ASN D 80 -17.39 21.11 23.05
CA ASN D 80 -16.43 20.03 22.91
C ASN D 80 -16.86 18.73 23.59
N SER D 81 -17.83 18.82 24.50
CA SER D 81 -18.34 17.64 25.21
C SER D 81 -19.22 16.78 24.32
N VAL D 82 -19.71 17.37 23.23
CA VAL D 82 -20.54 16.65 22.26
C VAL D 82 -19.69 15.70 21.42
N PRO D 83 -20.11 14.42 21.34
CA PRO D 83 -19.34 13.48 20.53
C PRO D 83 -19.63 13.68 19.04
N SER D 84 -18.59 13.58 18.22
CA SER D 84 -18.73 13.69 16.77
C SER D 84 -18.08 12.52 16.06
N TYR D 85 -18.73 12.03 15.01
CA TYR D 85 -18.22 10.89 14.25
C TYR D 85 -18.20 11.13 12.76
N THR D 86 -17.07 10.79 12.15
CA THR D 86 -16.91 10.84 10.70
C THR D 86 -17.21 9.47 10.10
N VAL D 87 -18.18 9.42 9.19
CA VAL D 87 -18.56 8.17 8.54
C VAL D 87 -17.90 8.03 7.17
N ASN D 88 -17.02 7.04 7.02
CA ASN D 88 -16.52 6.67 5.71
C ASN D 88 -17.15 5.38 5.20
N LYS D 89 -18.15 5.54 4.34
CA LYS D 89 -18.85 4.44 3.74
C LYS D 89 -18.98 4.71 2.26
N LEU D 90 -17.92 5.30 1.70
CA LEU D 90 -17.89 5.63 0.28
C LEU D 90 -19.12 6.43 -0.16
N CYS D 91 -19.76 5.96 -1.22
CA CYS D 91 -20.91 6.64 -1.80
C CYS D 91 -22.13 6.75 -0.88
N GLY D 92 -22.18 5.90 0.15
CA GLY D 92 -23.35 5.92 1.02
C GLY D 92 -23.18 6.77 2.27
N SER D 93 -21.99 7.36 2.42
CA SER D 93 -21.58 8.03 3.67
C SER D 93 -22.60 9.01 4.23
N GLY D 94 -23.12 9.87 3.36
CA GLY D 94 -24.01 10.94 3.76
C GLY D 94 -25.40 10.45 4.14
N LEU D 95 -25.83 9.34 3.57
CA LEU D 95 -27.13 8.79 3.93
C LEU D 95 -26.97 7.87 5.17
N LYS D 96 -25.87 7.12 5.21
CA LYS D 96 -25.56 6.29 6.37
C LYS D 96 -25.51 7.13 7.64
N SER D 97 -24.92 8.32 7.56
CA SER D 97 -24.89 9.27 8.67
C SER D 97 -26.27 9.57 9.24
N VAL D 98 -27.23 9.79 8.35
CA VAL D 98 -28.61 10.09 8.75
C VAL D 98 -29.25 8.86 9.40
N GLN D 99 -28.93 7.70 8.87
CA GLN D 99 -29.43 6.45 9.41
C GLN D 99 -28.93 6.21 10.84
N LEU D 100 -27.62 6.42 11.04
CA LEU D 100 -27.00 6.27 12.35
C LEU D 100 -27.55 7.30 13.32
N ALA D 101 -27.81 8.51 12.81
CA ALA D 101 -28.40 9.57 13.63
C ALA D 101 -29.78 9.14 14.11
N ALA D 102 -30.58 8.64 13.18
CA ALA D 102 -31.94 8.18 13.48
C ALA D 102 -31.93 7.05 14.51
N GLN D 103 -31.04 6.08 14.31
CA GLN D 103 -30.86 4.95 15.23
C GLN D 103 -30.57 5.43 16.64
N SER D 104 -29.67 6.39 16.77
CA SER D 104 -29.26 6.86 18.09
C SER D 104 -30.34 7.67 18.79
N ILE D 105 -31.38 8.06 18.05
CA ILE D 105 -32.48 8.81 18.63
C ILE D 105 -33.57 7.84 19.07
N THR D 106 -33.80 6.83 18.23
CA THR D 106 -34.81 5.81 18.51
C THR D 106 -34.37 4.99 19.72
N SER D 107 -33.07 4.79 19.85
CA SER D 107 -32.52 4.02 20.97
C SER D 107 -32.64 4.78 22.28
N GLY D 108 -32.96 6.07 22.20
CA GLY D 108 -33.06 6.90 23.39
C GLY D 108 -31.72 7.55 23.77
N GLU D 109 -30.65 7.21 23.07
CA GLU D 109 -29.34 7.79 23.40
C GLU D 109 -29.32 9.31 23.21
N ASN D 110 -29.92 9.77 22.12
CA ASN D 110 -29.86 11.17 21.72
C ASN D 110 -31.25 11.71 21.43
N ASP D 111 -31.40 13.04 21.55
CA ASP D 111 -32.66 13.72 21.26
C ASP D 111 -32.53 14.55 19.99
N VAL D 112 -31.32 15.05 19.74
CA VAL D 112 -31.05 15.99 18.66
C VAL D 112 -29.71 15.67 18.04
N VAL D 113 -29.70 15.33 16.75
CA VAL D 113 -28.47 14.93 16.08
C VAL D 113 -28.30 15.67 14.76
N ILE D 114 -27.10 16.15 14.51
CA ILE D 114 -26.76 16.73 13.23
C ILE D 114 -26.06 15.70 12.38
N ALA D 115 -26.60 15.47 11.18
CA ALA D 115 -26.07 14.44 10.30
C ALA D 115 -25.96 14.96 8.86
N GLY D 116 -25.01 14.41 8.12
CA GLY D 116 -24.85 14.75 6.73
C GLY D 116 -23.57 14.22 6.16
N GLY D 117 -22.99 14.99 5.25
CA GLY D 117 -21.79 14.59 4.56
C GLY D 117 -21.14 15.78 3.92
N THR D 118 -19.83 15.70 3.72
CA THR D 118 -19.10 16.77 3.09
C THR D 118 -17.92 16.18 2.33
N GLU D 119 -17.60 16.80 1.20
CA GLU D 119 -16.49 16.34 0.40
C GLU D 119 -15.96 17.46 -0.47
N ASN D 120 -14.64 17.54 -0.55
CA ASN D 120 -14.01 18.38 -1.57
C ASN D 120 -13.08 17.47 -2.35
N MET D 121 -13.57 17.01 -3.49
CA MET D 121 -12.77 16.15 -4.33
C MET D 121 -11.68 16.90 -5.12
N SER D 122 -11.85 18.22 -5.28
CA SER D 122 -10.84 19.04 -5.95
C SER D 122 -9.54 19.01 -5.16
N GLN D 123 -9.66 19.05 -3.83
CA GLN D 123 -8.51 19.19 -2.95
C GLN D 123 -7.88 17.85 -2.57
N ALA D 124 -8.48 16.76 -3.05
CA ALA D 124 -7.92 15.44 -2.82
C ALA D 124 -6.52 15.40 -3.42
N PRO D 125 -5.53 14.99 -2.62
CA PRO D 125 -4.13 14.96 -3.07
C PRO D 125 -3.91 13.90 -4.14
N TYR D 126 -4.88 12.98 -4.27
CA TYR D 126 -4.78 11.88 -5.22
C TYR D 126 -6.17 11.34 -5.57
N ILE D 127 -6.67 11.68 -6.76
CA ILE D 127 -7.96 11.18 -7.22
C ILE D 127 -8.01 11.10 -8.75
N GLN D 157 -12.22 6.24 -9.97
CA GLN D 157 -13.52 5.74 -10.40
C GLN D 157 -13.39 4.45 -11.21
N TYR D 158 -12.16 3.94 -11.34
CA TYR D 158 -11.87 2.84 -12.27
C TYR D 158 -12.68 1.56 -12.03
N HIS D 159 -12.58 1.00 -10.83
CA HIS D 159 -13.26 -0.27 -10.54
C HIS D 159 -14.78 -0.13 -10.62
N MET D 160 -15.28 1.00 -10.13
CA MET D 160 -16.69 1.30 -10.17
C MET D 160 -17.15 1.36 -11.62
N GLY D 161 -16.34 1.98 -12.46
CA GLY D 161 -16.60 2.06 -13.88
C GLY D 161 -16.72 0.70 -14.53
N ILE D 162 -15.84 -0.23 -14.14
CA ILE D 162 -15.87 -1.58 -14.70
C ILE D 162 -17.11 -2.29 -14.20
N THR D 163 -17.48 -2.03 -12.96
CA THR D 163 -18.69 -2.60 -12.39
C THR D 163 -19.89 -2.15 -13.21
N ALA D 164 -19.91 -0.85 -13.53
CA ALA D 164 -20.97 -0.30 -14.38
C ALA D 164 -20.97 -0.96 -15.76
N GLU D 165 -19.79 -1.16 -16.31
CA GLU D 165 -19.68 -1.81 -17.61
C GLU D 165 -20.22 -3.24 -17.53
N ASN D 166 -20.00 -3.89 -16.39
CA ASN D 166 -20.51 -5.25 -16.18
C ASN D 166 -22.02 -5.31 -16.04
N ILE D 167 -22.59 -4.33 -15.34
CA ILE D 167 -24.05 -4.23 -15.26
C ILE D 167 -24.63 -4.04 -16.67
N ALA D 168 -23.98 -3.18 -17.45
CA ALA D 168 -24.43 -2.91 -18.82
C ALA D 168 -24.50 -4.21 -19.61
N THR D 169 -23.45 -5.03 -19.51
CA THR D 169 -23.43 -6.32 -20.20
C THR D 169 -24.58 -7.22 -19.73
N LYS D 170 -24.64 -7.49 -18.43
CA LYS D 170 -25.63 -8.41 -17.87
C LYS D 170 -27.08 -8.02 -18.16
N PHE D 171 -27.40 -6.73 -18.01
CA PHE D 171 -28.78 -6.28 -18.22
C PHE D 171 -28.99 -5.81 -19.65
N GLU D 172 -27.95 -5.93 -20.47
CA GLU D 172 -28.00 -5.57 -21.89
C GLU D 172 -28.41 -4.11 -22.13
N PHE D 173 -27.75 -3.19 -21.45
CA PHE D 173 -27.98 -1.76 -21.65
C PHE D 173 -27.00 -1.23 -22.68
N THR D 174 -27.51 -0.66 -23.76
CA THR D 174 -26.65 -0.14 -24.83
C THR D 174 -26.15 1.26 -24.53
N ARG D 175 -25.09 1.64 -25.25
CA ARG D 175 -24.57 2.99 -25.23
C ARG D 175 -25.69 4.02 -25.41
N GLU D 176 -26.59 3.78 -26.36
CA GLU D 176 -27.67 4.71 -26.65
C GLU D 176 -28.62 4.84 -25.45
N MET D 177 -28.91 3.72 -24.81
CA MET D 177 -29.80 3.72 -23.65
C MET D 177 -29.21 4.52 -22.50
N GLN D 178 -27.92 4.36 -22.26
CA GLN D 178 -27.26 5.09 -21.19
C GLN D 178 -27.15 6.59 -21.50
N ASP D 179 -26.83 6.92 -22.74
CA ASP D 179 -26.71 8.31 -23.15
C ASP D 179 -28.03 9.07 -23.03
N LYS D 180 -29.13 8.41 -23.39
CA LYS D 180 -30.43 9.07 -23.28
C LYS D 180 -30.88 9.28 -21.83
N LEU D 181 -30.47 8.39 -20.93
CA LEU D 181 -30.74 8.62 -19.51
C LEU D 181 -29.95 9.84 -19.05
N ALA D 182 -28.67 9.87 -19.42
CA ALA D 182 -27.85 11.05 -19.13
C ALA D 182 -28.48 12.33 -19.68
N LEU D 183 -28.96 12.28 -20.93
CA LEU D 183 -29.60 13.44 -21.55
C LEU D 183 -30.82 13.92 -20.75
N GLU D 184 -31.68 12.97 -20.37
CA GLU D 184 -32.87 13.29 -19.59
C GLU D 184 -32.54 13.88 -18.23
N SER D 185 -31.47 13.40 -17.61
CA SER D 185 -31.01 13.92 -16.32
C SER D 185 -30.58 15.39 -16.47
N GLN D 186 -29.85 15.68 -17.55
CA GLN D 186 -29.45 17.05 -17.85
C GLN D 186 -30.67 17.94 -18.07
N ASN D 187 -31.63 17.46 -18.85
CA ASN D 187 -32.83 18.22 -19.16
C ASN D 187 -33.57 18.63 -17.90
N LYS D 188 -33.77 17.68 -17.00
CA LYS D 188 -34.48 17.95 -15.76
C LYS D 188 -33.74 18.97 -14.91
N ALA D 189 -32.42 18.84 -14.84
CA ALA D 189 -31.60 19.79 -14.09
C ALA D 189 -31.69 21.19 -14.71
N GLU D 190 -31.62 21.24 -16.03
CA GLU D 190 -31.74 22.53 -16.71
C GLU D 190 -33.09 23.18 -16.39
N ASN D 191 -34.17 22.41 -16.50
CA ASN D 191 -35.50 22.89 -16.15
C ASN D 191 -35.60 23.40 -14.72
N ALA D 192 -35.06 22.62 -13.78
CA ALA D 192 -35.12 22.97 -12.37
C ALA D 192 -34.38 24.28 -12.09
N ILE D 193 -33.18 24.40 -12.65
CA ILE D 193 -32.34 25.57 -12.40
C ILE D 193 -32.92 26.81 -13.08
N LYS D 194 -33.50 26.61 -14.26
CA LYS D 194 -34.18 27.68 -14.99
C LYS D 194 -35.28 28.27 -14.12
N ASN D 195 -35.93 27.40 -13.34
CA ASN D 195 -37.00 27.83 -12.45
C ASN D 195 -36.58 28.03 -11.01
N ASN D 196 -35.28 28.22 -10.79
CA ASN D 196 -34.73 28.42 -9.44
C ASN D 196 -35.21 27.39 -8.43
N ARG D 197 -35.29 26.12 -8.85
CA ARG D 197 -35.92 25.10 -8.03
C ARG D 197 -35.16 24.84 -6.73
N PHE D 198 -33.85 25.12 -6.75
CA PHE D 198 -32.97 24.81 -5.62
C PHE D 198 -32.77 25.95 -4.61
N LYS D 199 -33.51 27.04 -4.79
CA LYS D 199 -33.31 28.26 -4.00
C LYS D 199 -33.49 28.06 -2.50
N GLU D 200 -34.52 27.30 -2.15
CA GLU D 200 -34.86 27.07 -0.74
C GLU D 200 -33.82 26.20 -0.03
N GLU D 201 -33.26 25.22 -0.74
CA GLU D 201 -32.41 24.22 -0.11
C GLU D 201 -30.94 24.60 -0.05
N ILE D 202 -30.54 25.58 -0.88
CA ILE D 202 -29.14 25.96 -1.00
C ILE D 202 -28.72 27.04 -0.02
N VAL D 203 -27.62 26.81 0.69
CA VAL D 203 -26.95 27.89 1.42
C VAL D 203 -25.78 28.41 0.60
N PRO D 204 -25.80 29.71 0.27
CA PRO D 204 -24.71 30.33 -0.49
C PRO D 204 -23.36 30.22 0.24
N VAL D 205 -22.28 30.16 -0.52
CA VAL D 205 -20.95 30.04 0.06
C VAL D 205 -20.07 31.19 -0.41
N ASP D 206 -19.53 31.95 0.55
CA ASP D 206 -18.58 33.00 0.22
C ASP D 206 -17.21 32.41 -0.01
N VAL D 207 -16.56 32.83 -1.10
CA VAL D 207 -15.22 32.39 -1.42
C VAL D 207 -14.34 33.62 -1.65
N LEU D 208 -13.05 33.49 -1.36
CA LEU D 208 -12.11 34.59 -1.56
C LEU D 208 -11.46 34.52 -2.93
N ILE D 209 -11.76 35.48 -3.80
CA ILE D 209 -11.15 35.50 -5.11
C ILE D 209 -9.74 36.12 -5.05
N ARG D 210 -9.62 37.24 -4.34
CA ARG D 210 -8.31 37.80 -4.01
C ARG D 210 -8.40 38.51 -2.65
N ARG D 211 -7.25 38.97 -2.15
CA ARG D 211 -7.17 39.66 -0.86
C ARG D 211 -8.23 40.75 -0.72
N GLY D 212 -9.06 40.63 0.31
CA GLY D 212 -10.08 41.62 0.61
C GLY D 212 -11.35 41.55 -0.24
N LYS D 213 -11.40 40.63 -1.20
CA LYS D 213 -12.56 40.52 -2.08
C LYS D 213 -13.16 39.13 -2.07
N ILE D 214 -14.38 39.01 -1.55
CA ILE D 214 -15.09 37.73 -1.57
C ILE D 214 -16.24 37.73 -2.56
N GLU D 215 -16.51 36.56 -3.13
CA GLU D 215 -17.61 36.36 -4.05
C GLU D 215 -18.55 35.29 -3.52
N THR D 216 -19.85 35.53 -3.63
CA THR D 216 -20.85 34.60 -3.13
C THR D 216 -21.32 33.65 -4.21
N ILE D 217 -21.14 32.36 -3.96
CA ILE D 217 -21.62 31.31 -4.86
C ILE D 217 -22.98 30.81 -4.37
N ASP D 218 -24.01 31.00 -5.18
CA ASP D 218 -25.35 30.57 -4.80
C ASP D 218 -25.98 29.63 -5.83
N LYS D 219 -25.18 29.18 -6.77
CA LYS D 219 -25.66 28.31 -7.85
C LYS D 219 -24.71 27.14 -8.07
N ASP D 220 -25.28 26.01 -8.46
CA ASP D 220 -24.50 24.83 -8.81
C ASP D 220 -23.65 25.12 -10.04
N GLU D 221 -22.52 24.42 -10.18
CA GLU D 221 -21.56 24.70 -11.25
C GLU D 221 -21.45 23.57 -12.30
N TYR D 222 -21.75 22.34 -11.89
CA TYR D 222 -21.57 21.17 -12.78
C TYR D 222 -22.58 20.92 -13.94
N PRO D 223 -23.81 21.48 -13.89
CA PRO D 223 -24.67 21.11 -15.01
C PRO D 223 -24.19 21.65 -16.37
N LYS D 224 -24.15 20.76 -17.36
CA LYS D 224 -23.82 21.14 -18.72
C LYS D 224 -25.09 21.56 -19.46
N LEU D 225 -25.16 22.82 -19.85
CA LEU D 225 -26.32 23.34 -20.55
C LEU D 225 -26.28 22.94 -22.02
N GLY D 226 -27.44 22.52 -22.53
CA GLY D 226 -27.59 22.20 -23.94
C GLY D 226 -26.82 21.01 -24.47
N MET D 227 -26.44 20.07 -23.60
CA MET D 227 -25.80 18.83 -24.06
C MET D 227 -26.82 18.09 -24.92
N THR D 228 -26.36 17.45 -25.98
CA THR D 228 -27.29 16.78 -26.90
C THR D 228 -26.95 15.31 -27.07
N PHE D 229 -27.90 14.57 -27.63
CA PHE D 229 -27.67 13.16 -27.96
C PHE D 229 -26.43 12.97 -28.81
N GLU D 230 -26.30 13.76 -29.88
CA GLU D 230 -25.19 13.60 -30.81
C GLU D 230 -23.87 13.95 -30.18
N GLY D 231 -23.91 14.85 -29.21
CA GLY D 231 -22.70 15.18 -28.48
C GLY D 231 -22.28 14.03 -27.58
N LEU D 232 -23.27 13.38 -26.98
CA LEU D 232 -22.97 12.25 -26.09
C LEU D 232 -22.47 11.04 -26.88
N SER D 233 -23.06 10.81 -28.06
CA SER D 233 -22.74 9.67 -28.92
C SER D 233 -21.32 9.65 -29.49
N LYS D 234 -20.61 10.77 -29.41
CA LYS D 234 -19.29 10.85 -30.03
C LYS D 234 -18.18 10.60 -29.02
N LEU D 235 -18.54 10.58 -27.73
CA LEU D 235 -17.55 10.39 -26.67
C LEU D 235 -16.94 8.99 -26.74
N LYS D 236 -15.67 8.89 -26.37
CA LYS D 236 -14.97 7.60 -26.31
C LYS D 236 -15.28 6.85 -25.01
N PRO D 237 -15.30 5.52 -25.05
CA PRO D 237 -15.57 4.77 -23.83
C PRO D 237 -14.50 5.06 -22.80
N ALA D 238 -14.93 5.36 -21.59
CA ALA D 238 -14.06 5.69 -20.46
C ALA D 238 -13.18 4.59 -19.91
N PHE D 239 -13.69 3.37 -19.84
CA PHE D 239 -12.93 2.28 -19.25
C PHE D 239 -12.58 1.11 -20.18
N LYS D 240 -13.58 0.39 -20.66
CA LYS D 240 -13.36 -0.72 -21.58
C LYS D 240 -12.98 -0.23 -22.96
N LYS D 241 -12.23 -1.04 -23.70
CA LYS D 241 -11.83 -0.67 -25.05
C LYS D 241 -13.04 -0.55 -25.97
N ASP D 242 -13.95 -1.51 -25.90
CA ASP D 242 -15.16 -1.43 -26.70
C ASP D 242 -16.37 -1.31 -25.79
N GLY D 243 -16.25 -0.47 -24.76
CA GLY D 243 -17.27 -0.33 -23.74
C GLY D 243 -18.35 0.70 -24.06
N THR D 244 -19.30 0.82 -23.14
CA THR D 244 -20.46 1.69 -23.34
C THR D 244 -20.54 2.84 -22.35
N VAL D 245 -19.73 2.77 -21.28
CA VAL D 245 -19.72 3.79 -20.24
C VAL D 245 -18.73 4.89 -20.60
N THR D 246 -19.17 6.15 -20.53
CA THR D 246 -18.32 7.27 -20.90
C THR D 246 -18.35 8.40 -19.86
N ALA D 247 -17.55 9.43 -20.05
CA ALA D 247 -17.61 10.60 -19.18
C ALA D 247 -18.96 11.33 -19.27
N GLY D 248 -19.68 11.12 -20.38
CA GLY D 248 -20.96 11.75 -20.58
C GLY D 248 -22.14 11.03 -19.93
N ASN D 249 -22.02 9.72 -19.74
CA ASN D 249 -23.11 8.98 -19.11
C ASN D 249 -22.78 8.49 -17.69
N ALA D 250 -21.74 9.09 -17.10
CA ALA D 250 -21.39 8.85 -15.71
C ALA D 250 -21.25 10.19 -15.03
N SER D 251 -21.26 10.21 -13.71
CA SER D 251 -21.11 11.45 -12.97
C SER D 251 -19.66 11.91 -12.97
N GLY D 252 -19.43 13.16 -12.60
CA GLY D 252 -18.07 13.65 -12.47
C GLY D 252 -17.61 13.58 -11.03
N ILE D 253 -16.54 14.29 -10.70
CA ILE D 253 -16.15 14.45 -9.30
C ILE D 253 -16.37 15.90 -8.86
N ASN D 254 -16.80 16.07 -7.61
CA ASN D 254 -17.35 17.36 -7.20
C ASN D 254 -17.06 17.75 -5.76
N ASP D 255 -17.39 19.00 -5.45
CA ASP D 255 -17.16 19.57 -4.13
C ASP D 255 -18.49 20.04 -3.58
N GLY D 256 -18.78 19.74 -2.33
CA GLY D 256 -20.01 20.20 -1.71
C GLY D 256 -20.35 19.48 -0.42
N ALA D 257 -21.31 20.04 0.32
CA ALA D 257 -21.73 19.49 1.60
C ALA D 257 -23.24 19.57 1.70
N ALA D 258 -23.80 18.72 2.55
CA ALA D 258 -25.23 18.76 2.84
C ALA D 258 -25.49 18.31 4.27
N MET D 259 -26.31 19.04 5.01
CA MET D 259 -26.52 18.78 6.43
C MET D 259 -28.00 18.81 6.79
N LEU D 260 -28.39 17.89 7.65
CA LEU D 260 -29.76 17.82 8.15
C LEU D 260 -29.77 17.74 9.68
N ILE D 261 -30.82 18.23 10.30
CA ILE D 261 -30.96 18.11 11.75
C ILE D 261 -32.11 17.18 12.08
N LEU D 262 -31.81 16.10 12.79
CA LEU D 262 -32.83 15.12 13.17
C LEU D 262 -33.19 15.27 14.65
N MET D 263 -34.47 15.08 14.96
CA MET D 263 -34.96 15.07 16.34
C MET D 263 -35.97 13.95 16.56
N SER D 264 -36.21 13.61 17.81
CA SER D 264 -37.39 12.83 18.13
C SER D 264 -38.56 13.80 17.95
N GLN D 265 -39.71 13.29 17.54
CA GLN D 265 -40.91 14.10 17.39
C GLN D 265 -41.21 14.84 18.69
N GLN D 266 -41.02 14.17 19.81
CA GLN D 266 -41.25 14.76 21.13
C GLN D 266 -40.37 15.98 21.34
N LYS D 267 -39.10 15.86 20.95
CA LYS D 267 -38.15 16.96 21.12
C LYS D 267 -38.52 18.15 20.24
N ALA D 268 -38.85 17.86 18.98
CA ALA D 268 -39.28 18.89 18.05
C ALA D 268 -40.49 19.66 18.58
N ASP D 269 -41.36 18.96 19.29
CA ASP D 269 -42.53 19.61 19.89
C ASP D 269 -42.11 20.55 21.02
N GLU D 270 -41.27 20.05 21.91
CA GLU D 270 -40.82 20.82 23.07
C GLU D 270 -40.08 22.09 22.67
N LEU D 271 -39.38 22.03 21.54
CA LEU D 271 -38.66 23.19 21.05
C LEU D 271 -39.57 24.03 20.14
N GLY D 272 -40.71 23.46 19.77
CA GLY D 272 -41.66 24.13 18.91
C GLY D 272 -41.20 24.25 17.47
N ILE D 273 -40.55 23.20 16.97
CA ILE D 273 -40.06 23.20 15.60
C ILE D 273 -40.85 22.19 14.77
N ARG D 274 -41.42 22.65 13.67
CA ARG D 274 -42.20 21.77 12.81
C ARG D 274 -41.28 20.92 11.94
N PRO D 275 -41.59 19.62 11.83
CA PRO D 275 -40.81 18.73 10.96
C PRO D 275 -40.83 19.16 9.50
N LEU D 276 -39.73 18.95 8.81
CA LEU D 276 -39.71 19.10 7.36
C LEU D 276 -40.15 17.75 6.81
N ALA D 277 -39.75 16.69 7.51
CA ALA D 277 -40.07 15.33 7.13
C ALA D 277 -39.96 14.35 8.29
N LYS D 278 -40.56 13.18 8.13
CA LYS D 278 -40.53 12.12 9.13
C LYS D 278 -39.88 10.89 8.51
N ILE D 279 -38.95 10.28 9.23
CA ILE D 279 -38.32 9.05 8.74
C ILE D 279 -39.23 7.84 9.00
N LYS D 280 -39.70 7.23 7.93
CA LYS D 280 -40.67 6.15 8.01
C LYS D 280 -39.96 4.81 8.14
N SER D 281 -38.93 4.61 7.35
CA SER D 281 -38.13 3.39 7.44
C SER D 281 -36.81 3.55 6.73
N TYR D 282 -35.93 2.59 6.98
CA TYR D 282 -34.69 2.47 6.23
C TYR D 282 -34.23 1.02 6.29
N ALA D 283 -33.26 0.70 5.44
CA ALA D 283 -32.70 -0.64 5.37
C ALA D 283 -31.43 -0.64 4.53
N SER D 284 -30.59 -1.63 4.76
CA SER D 284 -29.45 -1.85 3.87
C SER D 284 -29.32 -3.33 3.50
N ALA D 285 -28.63 -3.61 2.41
CA ALA D 285 -28.57 -4.98 1.91
C ALA D 285 -27.32 -5.22 1.07
N GLY D 286 -26.85 -6.46 1.06
CA GLY D 286 -25.75 -6.85 0.19
C GLY D 286 -26.28 -7.46 -1.10
N VAL D 287 -25.42 -7.61 -2.09
CA VAL D 287 -25.85 -8.21 -3.34
C VAL D 287 -24.97 -9.41 -3.66
N GLU D 288 -25.43 -10.25 -4.58
CA GLU D 288 -24.64 -11.36 -5.04
C GLU D 288 -23.51 -10.79 -5.89
N PRO D 289 -22.43 -11.52 -5.97
CA PRO D 289 -21.23 -11.11 -6.70
C PRO D 289 -21.50 -10.88 -8.19
N GLU D 290 -22.44 -11.62 -8.76
CA GLU D 290 -22.79 -11.45 -10.16
C GLU D 290 -23.35 -10.08 -10.47
N VAL D 291 -24.16 -9.55 -9.56
CA VAL D 291 -24.81 -8.26 -9.75
C VAL D 291 -24.25 -7.06 -9.00
N MET D 292 -22.93 -7.03 -8.86
CA MET D 292 -22.26 -5.97 -8.13
C MET D 292 -22.69 -4.57 -8.54
N GLY D 293 -22.85 -3.70 -7.57
CA GLY D 293 -23.28 -2.33 -7.82
C GLY D 293 -24.78 -2.12 -7.91
N THR D 294 -25.54 -3.16 -7.64
CA THR D 294 -26.99 -3.09 -7.69
C THR D 294 -27.61 -3.01 -6.31
N GLY D 295 -26.84 -2.57 -5.34
CA GLY D 295 -27.26 -2.59 -3.94
C GLY D 295 -28.54 -1.86 -3.63
N PRO D 296 -28.79 -0.72 -4.25
CA PRO D 296 -30.06 -0.01 -4.03
C PRO D 296 -31.31 -0.84 -4.29
N ILE D 297 -31.23 -1.83 -5.17
CA ILE D 297 -32.41 -2.63 -5.47
C ILE D 297 -32.92 -3.45 -4.26
N PRO D 298 -32.12 -4.42 -3.76
CA PRO D 298 -32.66 -5.14 -2.59
C PRO D 298 -32.76 -4.26 -1.34
N ALA D 299 -31.95 -3.22 -1.23
CA ALA D 299 -32.05 -2.33 -0.07
C ALA D 299 -33.39 -1.62 -0.08
N THR D 300 -33.80 -1.16 -1.26
CA THR D 300 -35.06 -0.45 -1.38
C THR D 300 -36.26 -1.36 -1.15
N ARG D 301 -36.22 -2.56 -1.71
CA ARG D 301 -37.27 -3.55 -1.49
C ARG D 301 -37.44 -3.84 0.01
N LYS D 302 -36.32 -3.99 0.71
CA LYS D 302 -36.30 -4.23 2.14
C LYS D 302 -36.92 -3.07 2.93
N ALA D 303 -36.54 -1.84 2.58
CA ALA D 303 -37.05 -0.67 3.25
C ALA D 303 -38.55 -0.47 3.04
N LEU D 304 -39.01 -0.76 1.83
CA LEU D 304 -40.44 -0.67 1.50
C LEU D 304 -41.20 -1.72 2.28
N LYS D 305 -40.66 -2.90 2.38
CA LYS D 305 -41.27 -3.95 3.12
C LYS D 305 -41.40 -3.52 4.59
N LYS D 306 -40.38 -2.97 5.19
CA LYS D 306 -40.45 -2.48 6.57
C LYS D 306 -41.48 -1.36 6.74
N ALA D 307 -41.68 -0.56 5.69
CA ALA D 307 -42.65 0.52 5.74
C ALA D 307 -44.07 0.04 5.43
N GLY D 308 -44.17 -1.19 4.90
CA GLY D 308 -45.45 -1.75 4.53
C GLY D 308 -45.95 -1.12 3.24
N LEU D 309 -45.03 -0.53 2.48
CA LEU D 309 -45.38 0.16 1.25
C LEU D 309 -44.88 -0.61 0.05
N SER D 310 -45.35 -0.23 -1.13
CA SER D 310 -44.78 -0.72 -2.38
C SER D 310 -44.23 0.47 -3.11
N ILE D 311 -43.46 0.21 -4.17
CA ILE D 311 -42.88 1.28 -4.99
C ILE D 311 -43.95 2.26 -5.50
N ASN D 312 -45.16 1.76 -5.75
CA ASN D 312 -46.25 2.60 -6.23
C ASN D 312 -46.78 3.58 -5.20
N ASP D 313 -46.50 3.33 -3.93
CA ASP D 313 -46.93 4.24 -2.87
C ASP D 313 -46.01 5.46 -2.73
N ILE D 314 -44.84 5.41 -3.36
CA ILE D 314 -43.88 6.50 -3.23
C ILE D 314 -44.14 7.56 -4.30
N ASP D 315 -44.21 8.83 -3.89
CA ASP D 315 -44.48 9.91 -4.83
C ASP D 315 -43.21 10.45 -5.51
N LEU D 316 -42.10 10.44 -4.79
CA LEU D 316 -40.85 10.96 -5.32
C LEU D 316 -39.68 10.09 -4.89
N ILE D 317 -38.77 9.82 -5.83
CA ILE D 317 -37.65 8.94 -5.61
C ILE D 317 -36.33 9.57 -6.03
N GLU D 318 -35.37 9.62 -5.11
CA GLU D 318 -34.02 10.05 -5.44
C GLU D 318 -33.09 8.86 -5.38
N ALA D 319 -32.70 8.36 -6.55
CA ALA D 319 -31.72 7.29 -6.64
C ALA D 319 -30.48 7.88 -7.26
N ASN D 320 -29.37 7.83 -6.53
CA ASN D 320 -28.18 8.52 -7.00
C ASN D 320 -27.68 7.97 -8.33
N GLU D 321 -27.24 8.87 -9.21
CA GLU D 321 -26.83 8.52 -10.56
C GLU D 321 -25.33 8.62 -10.74
N ALA D 322 -24.57 7.67 -10.24
CA ALA D 322 -23.13 7.68 -10.49
C ALA D 322 -22.84 7.22 -11.91
N PHE D 323 -23.62 6.25 -12.39
CA PHE D 323 -23.46 5.72 -13.73
C PHE D 323 -24.83 5.44 -14.29
N ALA D 324 -25.04 5.84 -15.55
CA ALA D 324 -26.32 5.64 -16.21
C ALA D 324 -26.65 4.16 -16.27
N ALA D 325 -25.62 3.34 -16.47
CA ALA D 325 -25.81 1.88 -16.54
C ALA D 325 -26.44 1.33 -15.25
N GLN D 326 -25.92 1.75 -14.11
CA GLN D 326 -26.47 1.28 -12.85
C GLN D 326 -27.81 1.94 -12.55
N ALA D 327 -27.97 3.20 -12.97
CA ALA D 327 -29.23 3.91 -12.78
C ALA D 327 -30.35 3.24 -13.56
N LEU D 328 -30.03 2.73 -14.74
CA LEU D 328 -31.00 1.98 -15.54
C LEU D 328 -31.45 0.71 -14.80
N ALA D 329 -30.48 0.00 -14.23
CA ALA D 329 -30.76 -1.23 -13.50
C ALA D 329 -31.74 -0.98 -12.34
N VAL D 330 -31.43 0.03 -11.53
CA VAL D 330 -32.25 0.39 -10.39
C VAL D 330 -33.66 0.76 -10.83
N LYS D 331 -33.74 1.61 -11.85
CA LYS D 331 -35.03 2.05 -12.39
C LYS D 331 -35.87 0.89 -12.91
N ASN D 332 -35.25 0.03 -13.71
CA ASN D 332 -35.98 -1.08 -14.32
C ASN D 332 -36.36 -2.19 -13.34
N GLU D 333 -35.39 -2.65 -12.52
CA GLU D 333 -35.65 -3.72 -11.57
C GLU D 333 -36.67 -3.34 -10.49
N LEU D 334 -36.66 -2.07 -10.10
CA LEU D 334 -37.64 -1.60 -9.11
C LEU D 334 -38.92 -1.12 -9.77
N GLN D 335 -38.96 -1.17 -11.10
CA GLN D 335 -40.14 -0.74 -11.87
C GLN D 335 -40.59 0.68 -11.50
N ILE D 336 -39.65 1.60 -11.53
CA ILE D 336 -39.88 2.98 -11.14
C ILE D 336 -40.37 3.83 -12.31
N ASP D 337 -41.44 4.59 -12.09
CA ASP D 337 -41.95 5.53 -13.10
C ASP D 337 -40.97 6.70 -13.24
N SER D 338 -40.43 6.86 -14.45
CA SER D 338 -39.40 7.88 -14.70
C SER D 338 -39.86 9.30 -14.39
N SER D 339 -41.17 9.53 -14.36
CA SER D 339 -41.68 10.84 -14.00
C SER D 339 -41.59 11.10 -12.50
N LYS D 340 -41.25 10.07 -11.73
CA LYS D 340 -41.15 10.19 -10.28
C LYS D 340 -39.69 10.21 -9.80
N LEU D 341 -38.78 9.93 -10.73
CA LEU D 341 -37.38 9.70 -10.39
C LEU D 341 -36.50 10.92 -10.68
N ASN D 342 -35.73 11.33 -9.68
CA ASN D 342 -34.76 12.42 -9.80
C ASN D 342 -35.30 13.62 -10.60
N VAL D 343 -36.44 14.14 -10.18
CA VAL D 343 -37.23 15.07 -10.98
C VAL D 343 -36.55 16.40 -11.26
N ASN D 344 -35.55 16.76 -10.46
CA ASN D 344 -34.82 18.00 -10.69
C ASN D 344 -33.40 17.72 -11.21
N GLY D 345 -33.22 16.55 -11.82
CA GLY D 345 -31.91 16.13 -12.27
C GLY D 345 -31.25 15.18 -11.27
N GLY D 346 -30.38 14.31 -11.78
CA GLY D 346 -29.61 13.42 -10.94
C GLY D 346 -28.15 13.82 -10.97
N ALA D 347 -27.32 13.03 -10.31
CA ALA D 347 -25.89 13.32 -10.17
C ALA D 347 -25.13 13.46 -11.49
N ILE D 348 -25.59 12.75 -12.53
CA ILE D 348 -24.93 12.85 -13.83
C ILE D 348 -24.89 14.31 -14.30
N ALA D 349 -25.97 15.04 -14.04
CA ALA D 349 -26.03 16.47 -14.35
C ALA D 349 -25.54 17.34 -13.20
N LEU D 350 -25.96 17.03 -11.98
CA LEU D 350 -25.73 17.92 -10.83
C LEU D 350 -24.36 17.78 -10.17
N GLY D 351 -23.76 16.59 -10.25
CA GLY D 351 -22.47 16.36 -9.63
C GLY D 351 -22.57 15.38 -8.47
N HIS D 352 -21.44 14.87 -8.02
CA HIS D 352 -21.38 13.75 -7.07
C HIS D 352 -20.22 13.89 -6.10
N PRO D 353 -20.36 14.77 -5.11
CA PRO D 353 -19.33 14.90 -4.08
C PRO D 353 -19.52 13.74 -3.10
N ILE D 354 -18.70 12.71 -3.26
CA ILE D 354 -19.06 11.36 -2.79
C ILE D 354 -19.51 11.25 -1.33
N GLY D 355 -18.74 11.79 -0.40
CA GLY D 355 -19.13 11.72 1.02
C GLY D 355 -20.41 12.48 1.33
N ALA D 356 -20.77 13.41 0.45
CA ALA D 356 -21.94 14.25 0.69
C ALA D 356 -23.21 13.80 -0.04
N SER D 357 -23.05 13.03 -1.11
CA SER D 357 -24.17 12.74 -2.01
C SER D 357 -25.39 12.12 -1.35
N GLY D 358 -25.15 11.13 -0.48
CA GLY D 358 -26.24 10.48 0.25
C GLY D 358 -27.13 11.48 0.96
N ALA D 359 -26.51 12.50 1.55
CA ALA D 359 -27.27 13.51 2.28
C ALA D 359 -27.87 14.53 1.30
N ARG D 360 -27.12 14.81 0.24
CA ARG D 360 -27.53 15.79 -0.76
C ARG D 360 -28.86 15.38 -1.39
N ILE D 361 -28.94 14.15 -1.87
CA ILE D 361 -30.20 13.69 -2.48
C ILE D 361 -31.38 13.70 -1.50
N LEU D 362 -31.10 13.46 -0.22
CA LEU D 362 -32.19 13.48 0.76
C LEU D 362 -32.69 14.90 0.93
N VAL D 363 -31.76 15.86 0.96
CA VAL D 363 -32.11 17.27 1.05
C VAL D 363 -32.96 17.65 -0.16
N THR D 364 -32.47 17.33 -1.35
CA THR D 364 -33.19 17.58 -2.59
C THR D 364 -34.58 16.93 -2.61
N LEU D 365 -34.66 15.69 -2.14
CA LEU D 365 -35.92 14.96 -2.08
C LEU D 365 -36.94 15.68 -1.21
N ILE D 366 -36.50 16.09 -0.01
CA ILE D 366 -37.39 16.75 0.96
C ILE D 366 -38.01 18.06 0.45
N TYR D 367 -37.18 18.95 -0.08
CA TYR D 367 -37.69 20.24 -0.54
C TYR D 367 -38.65 20.10 -1.71
N GLU D 368 -38.42 19.11 -2.57
CA GLU D 368 -39.30 18.89 -3.71
C GLU D 368 -40.63 18.29 -3.27
N MET D 369 -40.59 17.44 -2.25
CA MET D 369 -41.81 16.90 -1.65
C MET D 369 -42.70 18.01 -1.10
N GLN D 370 -42.08 19.02 -0.51
CA GLN D 370 -42.81 20.18 0.01
C GLN D 370 -43.48 20.96 -1.11
N LYS D 371 -42.71 21.25 -2.15
CA LYS D 371 -43.23 22.01 -3.29
C LYS D 371 -44.39 21.29 -3.96
N ARG D 372 -44.25 19.98 -4.16
CA ARG D 372 -45.28 19.22 -4.84
C ARG D 372 -46.40 18.85 -3.89
N LYS D 373 -46.21 19.14 -2.61
CA LYS D 373 -47.16 18.79 -1.56
C LYS D 373 -47.53 17.31 -1.60
N VAL D 374 -46.52 16.47 -1.80
CA VAL D 374 -46.74 15.03 -1.80
C VAL D 374 -46.41 14.44 -0.43
N GLU D 375 -46.69 13.16 -0.24
CA GLU D 375 -46.64 12.58 1.09
C GLU D 375 -45.47 11.62 1.34
N THR D 376 -45.01 10.93 0.31
CA THR D 376 -44.02 9.88 0.53
C THR D 376 -42.82 9.95 -0.42
N GLY D 377 -41.62 9.84 0.15
CA GLY D 377 -40.41 9.96 -0.63
C GLY D 377 -39.40 8.89 -0.29
N LEU D 378 -38.49 8.63 -1.23
CA LEU D 378 -37.48 7.59 -1.05
C LEU D 378 -36.12 8.01 -1.61
N ALA D 379 -35.08 7.83 -0.80
CA ALA D 379 -33.72 8.07 -1.25
C ALA D 379 -32.93 6.77 -1.15
N THR D 380 -32.09 6.51 -2.14
CA THR D 380 -31.35 5.26 -2.16
C THR D 380 -30.09 5.41 -3.00
N LEU D 381 -29.03 4.76 -2.54
CA LEU D 381 -27.76 4.76 -3.23
C LEU D 381 -26.86 3.62 -2.76
N CYS D 382 -25.76 3.45 -3.43
CA CYS D 382 -24.79 2.43 -3.09
C CYS D 382 -24.04 2.78 -1.81
N ILE D 383 -23.54 1.76 -1.15
CA ILE D 383 -22.70 1.95 0.01
C ILE D 383 -21.58 0.93 -0.11
N GLY D 384 -20.78 1.09 -1.15
CA GLY D 384 -19.76 0.12 -1.50
C GLY D 384 -20.28 -0.63 -2.71
N GLY D 385 -19.39 -1.30 -3.42
CA GLY D 385 -19.78 -2.03 -4.60
C GLY D 385 -20.77 -3.14 -4.30
N GLY D 386 -20.59 -3.80 -3.17
CA GLY D 386 -21.46 -4.88 -2.81
C GLY D 386 -22.72 -4.57 -2.02
N GLN D 387 -22.96 -3.31 -1.66
CA GLN D 387 -24.11 -3.01 -0.84
C GLN D 387 -24.88 -1.74 -1.16
N GLY D 388 -26.11 -1.67 -0.69
CA GLY D 388 -26.97 -0.52 -0.88
C GLY D 388 -27.68 -0.10 0.38
N ILE D 389 -28.11 1.14 0.44
CA ILE D 389 -28.85 1.65 1.57
C ILE D 389 -30.04 2.42 1.04
N SER D 390 -31.16 2.35 1.76
CA SER D 390 -32.36 3.02 1.31
C SER D 390 -33.12 3.59 2.49
N MET D 391 -33.74 4.74 2.29
CA MET D 391 -34.54 5.36 3.34
C MET D 391 -35.84 5.92 2.79
N VAL D 392 -36.92 5.66 3.52
CA VAL D 392 -38.23 6.18 3.19
C VAL D 392 -38.61 7.29 4.15
N VAL D 393 -39.06 8.42 3.61
CA VAL D 393 -39.52 9.52 4.44
C VAL D 393 -40.95 9.87 4.08
N SER D 394 -41.64 10.55 5.00
CA SER D 394 -42.99 11.02 4.75
C SER D 394 -43.16 12.47 5.20
N ARG D 395 -44.19 13.12 4.67
CA ARG D 395 -44.39 14.55 4.92
C ARG D 395 -45.71 14.79 5.63
I IOD E . 24.84 1.32 -1.22
I IOD F . 10.97 -6.16 -12.86
I IOD F . 9.64 -8.51 -11.35
I IOD G . 22.03 11.81 -6.33
I IOD H . 12.44 25.94 -21.12
I IOD I . 12.67 1.89 -38.40
I IOD J . 28.73 -1.83 -33.92
I IOD K . 29.65 27.43 -6.21
I IOD L . 16.57 -4.20 -9.29
I IOD L . 18.07 -5.28 -12.12
I IOD L . 19.64 -3.90 -11.14
I IOD M . 22.71 7.80 3.04
I IOD N . 14.85 31.46 -0.39
I IOD O . 21.65 37.80 -4.30
I IOD P . 23.25 36.53 -7.18
I IOD Q . 33.10 0.18 -20.39
I IOD R . 38.12 23.36 -9.16
I IOD S . 6.92 0.17 11.78
I IOD T . 5.09 12.69 3.15
I IOD U . -7.55 3.16 24.42
I IOD V . -11.48 12.69 18.14
I IOD W . -5.14 -18.85 29.45
I IOD X . -9.01 -18.50 7.89
I IOD X . -10.23 -16.82 6.04
I IOD Y . -23.05 13.11 32.74
I IOD Z . -37.23 -7.93 23.39
I IOD AA . -28.43 -3.03 36.45
I IOD BA . -10.86 15.04 33.73
I IOD CA . -16.80 -18.60 32.34
I IOD DA . -6.08 -4.21 43.76
I IOD EA . -3.87 12.00 20.89
I IOD FA . -28.81 3.67 25.97
I IOD GA . 38.53 -14.00 -23.01
I IOD HA . 23.39 -34.83 0.00
I IOD IA . 6.78 -9.59 -15.21
I IOD JA . 9.99 -20.06 -10.92
I IOD KA . 19.00 -9.67 6.04
I IOD LA . 21.17 -5.00 4.64
I IOD MA . 19.62 -15.46 -32.68
I IOD NA . 27.55 -12.43 8.52
I IOD OA . 2.90 -21.55 -24.51
I IOD PA . 6.02 -36.43 -14.69
I IOD QA . 6.20 -24.48 3.56
I IOD RA . 34.62 -24.99 -19.74
I IOD SA . 23.99 -14.24 -25.46
I IOD TA . 31.28 -33.14 -8.81
I IOD UA . 2.14 -35.87 1.49
I IOD VA . -41.32 10.49 20.10
I IOD WA . -30.84 -7.51 -9.59
I IOD XA . -24.00 5.90 -5.85
I IOD YA . -19.08 -3.27 0.04
I IOD ZA . -16.39 4.50 9.68
I IOD ZA . -18.99 4.66 12.26
I IOD ZA . -20.02 3.32 10.23
I IOD AB . -14.37 26.92 8.81
I IOD BB . -10.58 19.24 5.12
I IOD CB . -17.49 -0.42 4.94
I IOD CB . -17.11 0.74 1.98
I IOD DB . -31.28 27.20 -8.60
I IOD EB . -14.63 15.93 -13.82
I IOD FB . -9.62 17.61 10.15
I IOD GB . -36.47 0.71 10.61
I IOD HB . -7.54 21.33 -8.15
I IOD IB . -34.57 7.25 -19.23
#